data_5DP3
# 
_entry.id   5DP3 
# 
_audit_conform.dict_name       mmcif_pdbx.dic 
_audit_conform.dict_version    5.397 
_audit_conform.dict_location   http://mmcif.pdb.org/dictionaries/ascii/mmcif_pdbx.dic 
# 
loop_
_database_2.database_id 
_database_2.database_code 
_database_2.pdbx_database_accession 
_database_2.pdbx_DOI 
PDB   5DP3         pdb_00005dp3 10.2210/pdb5dp3/pdb 
WWPDB D_1000213459 ?            ?                   
# 
loop_
_pdbx_audit_revision_history.ordinal 
_pdbx_audit_revision_history.data_content_type 
_pdbx_audit_revision_history.major_revision 
_pdbx_audit_revision_history.minor_revision 
_pdbx_audit_revision_history.revision_date 
1 'Structure model' 1 0 2016-03-30 
2 'Structure model' 1 1 2016-04-06 
3 'Structure model' 1 2 2023-11-08 
4 'Structure model' 1 3 2024-10-23 
# 
_pdbx_audit_revision_details.ordinal             1 
_pdbx_audit_revision_details.revision_ordinal    1 
_pdbx_audit_revision_details.data_content_type   'Structure model' 
_pdbx_audit_revision_details.provider            repository 
_pdbx_audit_revision_details.type                'Initial release' 
_pdbx_audit_revision_details.description         ? 
_pdbx_audit_revision_details.details             ? 
# 
loop_
_pdbx_audit_revision_group.ordinal 
_pdbx_audit_revision_group.revision_ordinal 
_pdbx_audit_revision_group.data_content_type 
_pdbx_audit_revision_group.group 
1 2 'Structure model' 'Database references'    
2 3 'Structure model' 'Data collection'        
3 3 'Structure model' 'Database references'    
4 3 'Structure model' 'Derived calculations'   
5 3 'Structure model' 'Refinement description' 
6 4 'Structure model' 'Structure summary'      
# 
loop_
_pdbx_audit_revision_category.ordinal 
_pdbx_audit_revision_category.revision_ordinal 
_pdbx_audit_revision_category.data_content_type 
_pdbx_audit_revision_category.category 
1 3 'Structure model' chem_comp_atom                
2 3 'Structure model' chem_comp_bond                
3 3 'Structure model' citation                      
4 3 'Structure model' database_2                    
5 3 'Structure model' pdbx_initial_refinement_model 
6 3 'Structure model' pdbx_struct_oper_list         
7 4 'Structure model' pdbx_entry_details            
8 4 'Structure model' pdbx_modification_feature     
# 
loop_
_pdbx_audit_revision_item.ordinal 
_pdbx_audit_revision_item.revision_ordinal 
_pdbx_audit_revision_item.data_content_type 
_pdbx_audit_revision_item.item 
1 3 'Structure model' '_citation.journal_id_CSD'                  
2 3 'Structure model' '_database_2.pdbx_DOI'                      
3 3 'Structure model' '_database_2.pdbx_database_accession'       
4 3 'Structure model' '_pdbx_struct_oper_list.symmetry_operation' 
# 
_pdbx_database_status.status_code                     REL 
_pdbx_database_status.status_code_sf                  REL 
_pdbx_database_status.status_code_mr                  ? 
_pdbx_database_status.entry_id                        5DP3 
_pdbx_database_status.recvd_initial_deposition_date   2015-09-12 
_pdbx_database_status.SG_entry                        N 
_pdbx_database_status.deposit_site                    RCSB 
_pdbx_database_status.process_site                    PDBJ 
_pdbx_database_status.status_code_cs                  ? 
_pdbx_database_status.methods_development_category    ? 
_pdbx_database_status.pdb_format_compatible           Y 
_pdbx_database_status.status_code_nmr_data            ? 
# 
loop_
_pdbx_database_related.content_type 
_pdbx_database_related.db_id 
_pdbx_database_related.db_name 
_pdbx_database_related.details 
unspecified 5DP4 PDB . 
unspecified 5DP5 PDB . 
unspecified 5DP6 PDB . 
unspecified 5DP7 PDB . 
unspecified 5DP8 PDB . 
unspecified 5DP9 PDB . 
unspecified 5DPA PDB . 
# 
loop_
_audit_author.name 
_audit_author.pdbx_ordinal 
'Wu, C.'    1 
'Zhang, L.' 2 
'Li, P.'    3 
'Cai, Q.'   4 
'Peng, X.'  5 
'Li, N.'    6 
'Cai, Y.'   7 
'Li, J.'    8 
'Lin, T.'   9 
# 
_citation.abstract                  ? 
_citation.abstract_id_CAS           ? 
_citation.book_id_ISBN              ? 
_citation.book_publisher            ? 
_citation.book_publisher_city       ? 
_citation.book_title                ? 
_citation.coordinate_linkage        ? 
_citation.country                   NE 
_citation.database_id_Medline       ? 
_citation.details                   ? 
_citation.id                        primary 
_citation.journal_abbrev            Biochim.Biophys.Acta 
_citation.journal_id_ASTM           BBACAQ 
_citation.journal_id_CSD            0113 
_citation.journal_id_ISSN           0006-3002 
_citation.journal_full              ? 
_citation.journal_issue             ? 
_citation.journal_volume            1860 
_citation.language                  ? 
_citation.page_first                1299 
_citation.page_last                 1307 
_citation.title                     'Fragment-wise design of inhibitors to 3C proteinase from enterovirus 71' 
_citation.year                      2016 
_citation.database_id_CSD           ? 
_citation.pdbx_database_id_DOI      10.1016/j.bbagen.2016.03.017 
_citation.pdbx_database_id_PubMed   26987809 
_citation.unpublished_flag          ? 
# 
loop_
_citation_author.citation_id 
_citation_author.name 
_citation_author.ordinal 
_citation_author.identifier_ORCID 
primary 'Wu, C.'    1  ? 
primary 'Zhang, L.' 2  ? 
primary 'Li, P.'    3  ? 
primary 'Cai, Q.'   4  ? 
primary 'Peng, X.'  5  ? 
primary 'Yin, K.'   6  ? 
primary 'Chen, X.'  7  ? 
primary 'Ren, H.'   8  ? 
primary 'Zhong, S.' 9  ? 
primary 'Weng, Y.'  10 ? 
primary 'Guan, Y.'  11 ? 
primary 'Chen, S.'  12 ? 
primary 'Wu, J.'    13 ? 
primary 'Li, J.'    14 ? 
primary 'Lin, T.'   15 ? 
# 
loop_
_entity.id 
_entity.type 
_entity.src_method 
_entity.pdbx_description 
_entity.formula_weight 
_entity.pdbx_number_of_molecules 
_entity.pdbx_ec 
_entity.pdbx_mutation 
_entity.pdbx_fragment 
_entity.details 
1 polymer     man '3C proteinase'                                                                      21391.482 1   ? ? ? ? 
2 non-polymer syn 'ethyl (4S)-5-[(3S)-2-oxopyrrolidin-3-yl]-4-[(3-phenylpropanoyl)amino]pent-2-enoate' 358.431   1   ? ? ? ? 
3 water       nat water                                                                                18.015    131 ? ? ? ? 
# 
_entity_poly.entity_id                      1 
_entity_poly.type                           'polypeptide(L)' 
_entity_poly.nstd_linkage                   no 
_entity_poly.nstd_monomer                   no 
_entity_poly.pdbx_seq_one_letter_code       
;MGPSLDFALSLLRRNVRQVQTDQGHFTMLGVRDRLAVLPRHSQPGKTIWIEHKLVNILDAVELVDEQGVNLELTLITLDT
NEKFRDITKFIPENISTASDATLVINTEHMPSMFVPVGDVVQYGFLNLSGKPTHRTMMYNFPTKAGQCGGVVTSVGKVIG
IHIGGNGRQGFCAGLKRSYFASEQLEHHHHHH
;
_entity_poly.pdbx_seq_one_letter_code_can   
;MGPSLDFALSLLRRNVRQVQTDQGHFTMLGVRDRLAVLPRHSQPGKTIWIEHKLVNILDAVELVDEQGVNLELTLITLDT
NEKFRDITKFIPENISTASDATLVINTEHMPSMFVPVGDVVQYGFLNLSGKPTHRTMMYNFPTKAGQCGGVVTSVGKVIG
IHIGGNGRQGFCAGLKRSYFASEQLEHHHHHH
;
_entity_poly.pdbx_strand_id                 A 
_entity_poly.pdbx_target_identifier         ? 
# 
loop_
_pdbx_entity_nonpoly.entity_id 
_pdbx_entity_nonpoly.name 
_pdbx_entity_nonpoly.comp_id 
2 'ethyl (4S)-5-[(3S)-2-oxopyrrolidin-3-yl]-4-[(3-phenylpropanoyl)amino]pent-2-enoate' 5GH 
3 water                                                                                HOH 
# 
loop_
_entity_poly_seq.entity_id 
_entity_poly_seq.num 
_entity_poly_seq.mon_id 
_entity_poly_seq.hetero 
1 1   MET n 
1 2   GLY n 
1 3   PRO n 
1 4   SER n 
1 5   LEU n 
1 6   ASP n 
1 7   PHE n 
1 8   ALA n 
1 9   LEU n 
1 10  SER n 
1 11  LEU n 
1 12  LEU n 
1 13  ARG n 
1 14  ARG n 
1 15  ASN n 
1 16  VAL n 
1 17  ARG n 
1 18  GLN n 
1 19  VAL n 
1 20  GLN n 
1 21  THR n 
1 22  ASP n 
1 23  GLN n 
1 24  GLY n 
1 25  HIS n 
1 26  PHE n 
1 27  THR n 
1 28  MET n 
1 29  LEU n 
1 30  GLY n 
1 31  VAL n 
1 32  ARG n 
1 33  ASP n 
1 34  ARG n 
1 35  LEU n 
1 36  ALA n 
1 37  VAL n 
1 38  LEU n 
1 39  PRO n 
1 40  ARG n 
1 41  HIS n 
1 42  SER n 
1 43  GLN n 
1 44  PRO n 
1 45  GLY n 
1 46  LYS n 
1 47  THR n 
1 48  ILE n 
1 49  TRP n 
1 50  ILE n 
1 51  GLU n 
1 52  HIS n 
1 53  LYS n 
1 54  LEU n 
1 55  VAL n 
1 56  ASN n 
1 57  ILE n 
1 58  LEU n 
1 59  ASP n 
1 60  ALA n 
1 61  VAL n 
1 62  GLU n 
1 63  LEU n 
1 64  VAL n 
1 65  ASP n 
1 66  GLU n 
1 67  GLN n 
1 68  GLY n 
1 69  VAL n 
1 70  ASN n 
1 71  LEU n 
1 72  GLU n 
1 73  LEU n 
1 74  THR n 
1 75  LEU n 
1 76  ILE n 
1 77  THR n 
1 78  LEU n 
1 79  ASP n 
1 80  THR n 
1 81  ASN n 
1 82  GLU n 
1 83  LYS n 
1 84  PHE n 
1 85  ARG n 
1 86  ASP n 
1 87  ILE n 
1 88  THR n 
1 89  LYS n 
1 90  PHE n 
1 91  ILE n 
1 92  PRO n 
1 93  GLU n 
1 94  ASN n 
1 95  ILE n 
1 96  SER n 
1 97  THR n 
1 98  ALA n 
1 99  SER n 
1 100 ASP n 
1 101 ALA n 
1 102 THR n 
1 103 LEU n 
1 104 VAL n 
1 105 ILE n 
1 106 ASN n 
1 107 THR n 
1 108 GLU n 
1 109 HIS n 
1 110 MET n 
1 111 PRO n 
1 112 SER n 
1 113 MET n 
1 114 PHE n 
1 115 VAL n 
1 116 PRO n 
1 117 VAL n 
1 118 GLY n 
1 119 ASP n 
1 120 VAL n 
1 121 VAL n 
1 122 GLN n 
1 123 TYR n 
1 124 GLY n 
1 125 PHE n 
1 126 LEU n 
1 127 ASN n 
1 128 LEU n 
1 129 SER n 
1 130 GLY n 
1 131 LYS n 
1 132 PRO n 
1 133 THR n 
1 134 HIS n 
1 135 ARG n 
1 136 THR n 
1 137 MET n 
1 138 MET n 
1 139 TYR n 
1 140 ASN n 
1 141 PHE n 
1 142 PRO n 
1 143 THR n 
1 144 LYS n 
1 145 ALA n 
1 146 GLY n 
1 147 GLN n 
1 148 CYS n 
1 149 GLY n 
1 150 GLY n 
1 151 VAL n 
1 152 VAL n 
1 153 THR n 
1 154 SER n 
1 155 VAL n 
1 156 GLY n 
1 157 LYS n 
1 158 VAL n 
1 159 ILE n 
1 160 GLY n 
1 161 ILE n 
1 162 HIS n 
1 163 ILE n 
1 164 GLY n 
1 165 GLY n 
1 166 ASN n 
1 167 GLY n 
1 168 ARG n 
1 169 GLN n 
1 170 GLY n 
1 171 PHE n 
1 172 CYS n 
1 173 ALA n 
1 174 GLY n 
1 175 LEU n 
1 176 LYS n 
1 177 ARG n 
1 178 SER n 
1 179 TYR n 
1 180 PHE n 
1 181 ALA n 
1 182 SER n 
1 183 GLU n 
1 184 GLN n 
1 185 LEU n 
1 186 GLU n 
1 187 HIS n 
1 188 HIS n 
1 189 HIS n 
1 190 HIS n 
1 191 HIS n 
1 192 HIS n 
# 
_entity_src_gen.entity_id                          1 
_entity_src_gen.pdbx_src_id                        1 
_entity_src_gen.pdbx_alt_source_flag               sample 
_entity_src_gen.pdbx_seq_type                      'Biological sequence' 
_entity_src_gen.pdbx_beg_seq_num                   1 
_entity_src_gen.pdbx_end_seq_num                   192 
_entity_src_gen.gene_src_common_name               ? 
_entity_src_gen.gene_src_genus                     ? 
_entity_src_gen.pdbx_gene_src_gene                 ? 
_entity_src_gen.gene_src_species                   ? 
_entity_src_gen.gene_src_strain                    ? 
_entity_src_gen.gene_src_tissue                    ? 
_entity_src_gen.gene_src_tissue_fraction           ? 
_entity_src_gen.gene_src_details                   ? 
_entity_src_gen.pdbx_gene_src_fragment             ? 
_entity_src_gen.pdbx_gene_src_scientific_name      'Enterovirus A71' 
_entity_src_gen.pdbx_gene_src_ncbi_taxonomy_id     39054 
_entity_src_gen.pdbx_gene_src_variant              ? 
_entity_src_gen.pdbx_gene_src_cell_line            ? 
_entity_src_gen.pdbx_gene_src_atcc                 ? 
_entity_src_gen.pdbx_gene_src_organ                ? 
_entity_src_gen.pdbx_gene_src_organelle            ? 
_entity_src_gen.pdbx_gene_src_cell                 ? 
_entity_src_gen.pdbx_gene_src_cellular_location    ? 
_entity_src_gen.host_org_common_name               ? 
_entity_src_gen.pdbx_host_org_scientific_name      'Escherichia coli BL21(DE3)' 
_entity_src_gen.pdbx_host_org_ncbi_taxonomy_id     469008 
_entity_src_gen.host_org_genus                     ? 
_entity_src_gen.pdbx_host_org_gene                 ? 
_entity_src_gen.pdbx_host_org_organ                ? 
_entity_src_gen.host_org_species                   ? 
_entity_src_gen.pdbx_host_org_tissue               ? 
_entity_src_gen.pdbx_host_org_tissue_fraction      ? 
_entity_src_gen.pdbx_host_org_strain               'BL21(DE3)' 
_entity_src_gen.pdbx_host_org_variant              ? 
_entity_src_gen.pdbx_host_org_cell_line            ? 
_entity_src_gen.pdbx_host_org_atcc                 ? 
_entity_src_gen.pdbx_host_org_culture_collection   ? 
_entity_src_gen.pdbx_host_org_cell                 ? 
_entity_src_gen.pdbx_host_org_organelle            ? 
_entity_src_gen.pdbx_host_org_cellular_location    ? 
_entity_src_gen.pdbx_host_org_vector_type          plasmid 
_entity_src_gen.pdbx_host_org_vector               ? 
_entity_src_gen.host_org_details                   ? 
_entity_src_gen.expression_system_id               ? 
_entity_src_gen.plasmid_name                       pET28a 
_entity_src_gen.plasmid_details                    ? 
_entity_src_gen.pdbx_description                   ? 
# 
loop_
_chem_comp.id 
_chem_comp.type 
_chem_comp.mon_nstd_flag 
_chem_comp.name 
_chem_comp.pdbx_synonyms 
_chem_comp.formula 
_chem_comp.formula_weight 
5GH non-polymer         . 'ethyl (4S)-5-[(3S)-2-oxopyrrolidin-3-yl]-4-[(3-phenylpropanoyl)amino]pent-2-enoate' ? 'C20 H26 N2 O4'  
358.431 
ALA 'L-peptide linking' y ALANINE                                                                              ? 'C3 H7 N O2'     
89.093  
ARG 'L-peptide linking' y ARGININE                                                                             ? 'C6 H15 N4 O2 1' 
175.209 
ASN 'L-peptide linking' y ASPARAGINE                                                                           ? 'C4 H8 N2 O3'    
132.118 
ASP 'L-peptide linking' y 'ASPARTIC ACID'                                                                      ? 'C4 H7 N O4'     
133.103 
CYS 'L-peptide linking' y CYSTEINE                                                                             ? 'C3 H7 N O2 S'   
121.158 
GLN 'L-peptide linking' y GLUTAMINE                                                                            ? 'C5 H10 N2 O3'   
146.144 
GLU 'L-peptide linking' y 'GLUTAMIC ACID'                                                                      ? 'C5 H9 N O4'     
147.129 
GLY 'peptide linking'   y GLYCINE                                                                              ? 'C2 H5 N O2'     
75.067  
HIS 'L-peptide linking' y HISTIDINE                                                                            ? 'C6 H10 N3 O2 1' 
156.162 
HOH non-polymer         . WATER                                                                                ? 'H2 O'           
18.015  
ILE 'L-peptide linking' y ISOLEUCINE                                                                           ? 'C6 H13 N O2'    
131.173 
LEU 'L-peptide linking' y LEUCINE                                                                              ? 'C6 H13 N O2'    
131.173 
LYS 'L-peptide linking' y LYSINE                                                                               ? 'C6 H15 N2 O2 1' 
147.195 
MET 'L-peptide linking' y METHIONINE                                                                           ? 'C5 H11 N O2 S'  
149.211 
PHE 'L-peptide linking' y PHENYLALANINE                                                                        ? 'C9 H11 N O2'    
165.189 
PRO 'L-peptide linking' y PROLINE                                                                              ? 'C5 H9 N O2'     
115.130 
SER 'L-peptide linking' y SERINE                                                                               ? 'C3 H7 N O3'     
105.093 
THR 'L-peptide linking' y THREONINE                                                                            ? 'C4 H9 N O3'     
119.119 
TRP 'L-peptide linking' y TRYPTOPHAN                                                                           ? 'C11 H12 N2 O2'  
204.225 
TYR 'L-peptide linking' y TYROSINE                                                                             ? 'C9 H11 N O3'    
181.189 
VAL 'L-peptide linking' y VALINE                                                                               ? 'C5 H11 N O2'    
117.146 
# 
loop_
_pdbx_poly_seq_scheme.asym_id 
_pdbx_poly_seq_scheme.entity_id 
_pdbx_poly_seq_scheme.seq_id 
_pdbx_poly_seq_scheme.mon_id 
_pdbx_poly_seq_scheme.ndb_seq_num 
_pdbx_poly_seq_scheme.pdb_seq_num 
_pdbx_poly_seq_scheme.auth_seq_num 
_pdbx_poly_seq_scheme.pdb_mon_id 
_pdbx_poly_seq_scheme.auth_mon_id 
_pdbx_poly_seq_scheme.pdb_strand_id 
_pdbx_poly_seq_scheme.pdb_ins_code 
_pdbx_poly_seq_scheme.hetero 
A 1 1   MET 1   0   0   MET MET A . n 
A 1 2   GLY 2   1   1   GLY GLY A . n 
A 1 3   PRO 3   2   2   PRO PRO A . n 
A 1 4   SER 4   3   3   SER SER A . n 
A 1 5   LEU 5   4   4   LEU LEU A . n 
A 1 6   ASP 6   5   5   ASP ASP A . n 
A 1 7   PHE 7   6   6   PHE PHE A . n 
A 1 8   ALA 8   7   7   ALA ALA A . n 
A 1 9   LEU 9   8   8   LEU LEU A . n 
A 1 10  SER 10  9   9   SER SER A . n 
A 1 11  LEU 11  10  10  LEU LEU A . n 
A 1 12  LEU 12  11  11  LEU LEU A . n 
A 1 13  ARG 13  12  12  ARG ARG A . n 
A 1 14  ARG 14  13  13  ARG ARG A . n 
A 1 15  ASN 15  14  14  ASN ASN A . n 
A 1 16  VAL 16  15  15  VAL VAL A . n 
A 1 17  ARG 17  16  16  ARG ARG A . n 
A 1 18  GLN 18  17  17  GLN GLN A . n 
A 1 19  VAL 19  18  18  VAL VAL A . n 
A 1 20  GLN 20  19  19  GLN GLN A . n 
A 1 21  THR 21  20  20  THR THR A . n 
A 1 22  ASP 22  21  21  ASP ASP A . n 
A 1 23  GLN 23  22  22  GLN GLN A . n 
A 1 24  GLY 24  23  23  GLY GLY A . n 
A 1 25  HIS 25  24  24  HIS HIS A . n 
A 1 26  PHE 26  25  25  PHE PHE A . n 
A 1 27  THR 27  26  26  THR THR A . n 
A 1 28  MET 28  27  27  MET MET A . n 
A 1 29  LEU 29  28  28  LEU LEU A . n 
A 1 30  GLY 30  29  29  GLY GLY A . n 
A 1 31  VAL 31  30  30  VAL VAL A . n 
A 1 32  ARG 32  31  31  ARG ARG A . n 
A 1 33  ASP 33  32  32  ASP ASP A . n 
A 1 34  ARG 34  33  33  ARG ARG A . n 
A 1 35  LEU 35  34  34  LEU LEU A . n 
A 1 36  ALA 36  35  35  ALA ALA A . n 
A 1 37  VAL 37  36  36  VAL VAL A . n 
A 1 38  LEU 38  37  37  LEU LEU A . n 
A 1 39  PRO 39  38  38  PRO PRO A . n 
A 1 40  ARG 40  39  39  ARG ARG A . n 
A 1 41  HIS 41  40  40  HIS HIS A . n 
A 1 42  SER 42  41  41  SER SER A . n 
A 1 43  GLN 43  42  42  GLN GLN A . n 
A 1 44  PRO 44  43  43  PRO PRO A . n 
A 1 45  GLY 45  44  44  GLY GLY A . n 
A 1 46  LYS 46  45  45  LYS LYS A . n 
A 1 47  THR 47  46  46  THR THR A . n 
A 1 48  ILE 48  47  47  ILE ILE A . n 
A 1 49  TRP 49  48  48  TRP TRP A . n 
A 1 50  ILE 50  49  49  ILE ILE A . n 
A 1 51  GLU 51  50  50  GLU GLU A . n 
A 1 52  HIS 52  51  51  HIS HIS A . n 
A 1 53  LYS 53  52  52  LYS LYS A . n 
A 1 54  LEU 54  53  53  LEU LEU A . n 
A 1 55  VAL 55  54  54  VAL VAL A . n 
A 1 56  ASN 56  55  55  ASN ASN A . n 
A 1 57  ILE 57  56  56  ILE ILE A . n 
A 1 58  LEU 58  57  57  LEU LEU A . n 
A 1 59  ASP 59  58  58  ASP ASP A . n 
A 1 60  ALA 60  59  59  ALA ALA A . n 
A 1 61  VAL 61  60  60  VAL VAL A . n 
A 1 62  GLU 62  61  61  GLU GLU A . n 
A 1 63  LEU 63  62  62  LEU LEU A . n 
A 1 64  VAL 64  63  63  VAL VAL A . n 
A 1 65  ASP 65  64  64  ASP ASP A . n 
A 1 66  GLU 66  65  65  GLU GLU A . n 
A 1 67  GLN 67  66  66  GLN GLN A . n 
A 1 68  GLY 68  67  67  GLY GLY A . n 
A 1 69  VAL 69  68  68  VAL VAL A . n 
A 1 70  ASN 70  69  69  ASN ASN A . n 
A 1 71  LEU 71  70  70  LEU LEU A . n 
A 1 72  GLU 72  71  71  GLU GLU A . n 
A 1 73  LEU 73  72  72  LEU LEU A . n 
A 1 74  THR 74  73  73  THR THR A . n 
A 1 75  LEU 75  74  74  LEU LEU A . n 
A 1 76  ILE 76  75  75  ILE ILE A . n 
A 1 77  THR 77  76  76  THR THR A . n 
A 1 78  LEU 78  77  77  LEU LEU A . n 
A 1 79  ASP 79  78  78  ASP ASP A . n 
A 1 80  THR 80  79  79  THR THR A . n 
A 1 81  ASN 81  80  80  ASN ASN A . n 
A 1 82  GLU 82  81  81  GLU GLU A . n 
A 1 83  LYS 83  82  82  LYS LYS A . n 
A 1 84  PHE 84  83  83  PHE PHE A . n 
A 1 85  ARG 85  84  84  ARG ARG A . n 
A 1 86  ASP 86  85  85  ASP ASP A . n 
A 1 87  ILE 87  86  86  ILE ILE A . n 
A 1 88  THR 88  87  87  THR THR A . n 
A 1 89  LYS 89  88  88  LYS LYS A . n 
A 1 90  PHE 90  89  89  PHE PHE A . n 
A 1 91  ILE 91  90  90  ILE ILE A . n 
A 1 92  PRO 92  91  91  PRO PRO A . n 
A 1 93  GLU 93  92  92  GLU GLU A . n 
A 1 94  ASN 94  93  93  ASN ASN A . n 
A 1 95  ILE 95  94  94  ILE ILE A . n 
A 1 96  SER 96  95  95  SER SER A . n 
A 1 97  THR 97  96  96  THR THR A . n 
A 1 98  ALA 98  97  97  ALA ALA A . n 
A 1 99  SER 99  98  98  SER SER A . n 
A 1 100 ASP 100 99  99  ASP ASP A . n 
A 1 101 ALA 101 100 100 ALA ALA A . n 
A 1 102 THR 102 101 101 THR THR A . n 
A 1 103 LEU 103 102 102 LEU LEU A . n 
A 1 104 VAL 104 103 103 VAL VAL A . n 
A 1 105 ILE 105 104 104 ILE ILE A . n 
A 1 106 ASN 106 105 105 ASN ASN A . n 
A 1 107 THR 107 106 106 THR THR A . n 
A 1 108 GLU 108 107 107 GLU GLU A . n 
A 1 109 HIS 109 108 108 HIS HIS A . n 
A 1 110 MET 110 109 109 MET MET A . n 
A 1 111 PRO 111 110 110 PRO PRO A . n 
A 1 112 SER 112 111 111 SER SER A . n 
A 1 113 MET 113 112 112 MET MET A . n 
A 1 114 PHE 114 113 113 PHE PHE A . n 
A 1 115 VAL 115 114 114 VAL VAL A . n 
A 1 116 PRO 116 115 115 PRO PRO A . n 
A 1 117 VAL 117 116 116 VAL VAL A . n 
A 1 118 GLY 118 117 117 GLY GLY A . n 
A 1 119 ASP 119 118 118 ASP ASP A . n 
A 1 120 VAL 120 119 119 VAL VAL A . n 
A 1 121 VAL 121 120 120 VAL VAL A . n 
A 1 122 GLN 122 121 121 GLN GLN A . n 
A 1 123 TYR 123 122 122 TYR TYR A . n 
A 1 124 GLY 124 123 123 GLY GLY A . n 
A 1 125 PHE 125 124 124 PHE PHE A . n 
A 1 126 LEU 126 125 125 LEU LEU A . n 
A 1 127 ASN 127 126 126 ASN ASN A . n 
A 1 128 LEU 128 127 127 LEU LEU A . n 
A 1 129 SER 129 128 128 SER SER A . n 
A 1 130 GLY 130 129 129 GLY GLY A . n 
A 1 131 LYS 131 130 130 LYS LYS A . n 
A 1 132 PRO 132 131 131 PRO PRO A . n 
A 1 133 THR 133 132 132 THR THR A . n 
A 1 134 HIS 134 133 133 HIS HIS A . n 
A 1 135 ARG 135 134 134 ARG ARG A . n 
A 1 136 THR 136 135 135 THR THR A . n 
A 1 137 MET 137 136 136 MET MET A . n 
A 1 138 MET 138 137 137 MET MET A . n 
A 1 139 TYR 139 138 138 TYR TYR A . n 
A 1 140 ASN 140 139 139 ASN ASN A . n 
A 1 141 PHE 141 140 140 PHE PHE A . n 
A 1 142 PRO 142 141 141 PRO PRO A . n 
A 1 143 THR 143 142 142 THR THR A . n 
A 1 144 LYS 144 143 143 LYS LYS A . n 
A 1 145 ALA 145 144 144 ALA ALA A . n 
A 1 146 GLY 146 145 145 GLY GLY A . n 
A 1 147 GLN 147 146 146 GLN GLN A . n 
A 1 148 CYS 148 147 147 CYS CYS A . n 
A 1 149 GLY 149 148 148 GLY GLY A . n 
A 1 150 GLY 150 149 149 GLY GLY A . n 
A 1 151 VAL 151 150 150 VAL VAL A . n 
A 1 152 VAL 152 151 151 VAL VAL A . n 
A 1 153 THR 153 152 152 THR THR A . n 
A 1 154 SER 154 153 153 SER SER A . n 
A 1 155 VAL 155 154 154 VAL VAL A . n 
A 1 156 GLY 156 155 155 GLY GLY A . n 
A 1 157 LYS 157 156 156 LYS LYS A . n 
A 1 158 VAL 158 157 157 VAL VAL A . n 
A 1 159 ILE 159 158 158 ILE ILE A . n 
A 1 160 GLY 160 159 159 GLY GLY A . n 
A 1 161 ILE 161 160 160 ILE ILE A . n 
A 1 162 HIS 162 161 161 HIS HIS A . n 
A 1 163 ILE 163 162 162 ILE ILE A . n 
A 1 164 GLY 164 163 163 GLY GLY A . n 
A 1 165 GLY 165 164 164 GLY GLY A . n 
A 1 166 ASN 166 165 165 ASN ASN A . n 
A 1 167 GLY 167 166 166 GLY GLY A . n 
A 1 168 ARG 168 167 167 ARG ARG A . n 
A 1 169 GLN 169 168 168 GLN GLN A . n 
A 1 170 GLY 170 169 169 GLY GLY A . n 
A 1 171 PHE 171 170 170 PHE PHE A . n 
A 1 172 CYS 172 171 171 CYS CYS A . n 
A 1 173 ALA 173 172 172 ALA ALA A . n 
A 1 174 GLY 174 173 173 GLY GLY A . n 
A 1 175 LEU 175 174 174 LEU LEU A . n 
A 1 176 LYS 176 175 175 LYS LYS A . n 
A 1 177 ARG 177 176 176 ARG ARG A . n 
A 1 178 SER 178 177 177 SER SER A . n 
A 1 179 TYR 179 178 178 TYR TYR A . n 
A 1 180 PHE 180 179 179 PHE PHE A . n 
A 1 181 ALA 181 180 180 ALA ALA A . n 
A 1 182 SER 182 181 ?   ?   ?   A . n 
A 1 183 GLU 183 182 ?   ?   ?   A . n 
A 1 184 GLN 184 183 ?   ?   ?   A . n 
A 1 185 LEU 185 184 ?   ?   ?   A . n 
A 1 186 GLU 186 185 ?   ?   ?   A . n 
A 1 187 HIS 187 186 ?   ?   ?   A . n 
A 1 188 HIS 188 187 ?   ?   ?   A . n 
A 1 189 HIS 189 188 ?   ?   ?   A . n 
A 1 190 HIS 190 189 ?   ?   ?   A . n 
A 1 191 HIS 191 190 ?   ?   ?   A . n 
A 1 192 HIS 192 191 ?   ?   ?   A . n 
# 
loop_
_pdbx_nonpoly_scheme.asym_id 
_pdbx_nonpoly_scheme.entity_id 
_pdbx_nonpoly_scheme.mon_id 
_pdbx_nonpoly_scheme.ndb_seq_num 
_pdbx_nonpoly_scheme.pdb_seq_num 
_pdbx_nonpoly_scheme.auth_seq_num 
_pdbx_nonpoly_scheme.pdb_mon_id 
_pdbx_nonpoly_scheme.auth_mon_id 
_pdbx_nonpoly_scheme.pdb_strand_id 
_pdbx_nonpoly_scheme.pdb_ins_code 
B 2 5GH 1   201 1   5GH 104 A . 
C 3 HOH 1   301 82  HOH HOH A . 
C 3 HOH 2   302 126 HOH HOH A . 
C 3 HOH 3   303 77  HOH HOH A . 
C 3 HOH 4   304 80  HOH HOH A . 
C 3 HOH 5   305 13  HOH HOH A . 
C 3 HOH 6   306 39  HOH HOH A . 
C 3 HOH 7   307 118 HOH HOH A . 
C 3 HOH 8   308 17  HOH HOH A . 
C 3 HOH 9   309 75  HOH HOH A . 
C 3 HOH 10  310 63  HOH HOH A . 
C 3 HOH 11  311 122 HOH HOH A . 
C 3 HOH 12  312 15  HOH HOH A . 
C 3 HOH 13  313 110 HOH HOH A . 
C 3 HOH 14  314 94  HOH HOH A . 
C 3 HOH 15  315 1   HOH HOH A . 
C 3 HOH 16  316 11  HOH HOH A . 
C 3 HOH 17  317 111 HOH HOH A . 
C 3 HOH 18  318 41  HOH HOH A . 
C 3 HOH 19  319 18  HOH HOH A . 
C 3 HOH 20  320 106 HOH HOH A . 
C 3 HOH 21  321 37  HOH HOH A . 
C 3 HOH 22  322 116 HOH HOH A . 
C 3 HOH 23  323 120 HOH HOH A . 
C 3 HOH 24  324 115 HOH HOH A . 
C 3 HOH 25  325 16  HOH HOH A . 
C 3 HOH 26  326 8   HOH HOH A . 
C 3 HOH 27  327 36  HOH HOH A . 
C 3 HOH 28  328 40  HOH HOH A . 
C 3 HOH 29  329 14  HOH HOH A . 
C 3 HOH 30  330 50  HOH HOH A . 
C 3 HOH 31  331 92  HOH HOH A . 
C 3 HOH 32  332 23  HOH HOH A . 
C 3 HOH 33  333 81  HOH HOH A . 
C 3 HOH 34  334 76  HOH HOH A . 
C 3 HOH 35  335 61  HOH HOH A . 
C 3 HOH 36  336 84  HOH HOH A . 
C 3 HOH 37  337 10  HOH HOH A . 
C 3 HOH 38  338 2   HOH HOH A . 
C 3 HOH 39  339 6   HOH HOH A . 
C 3 HOH 40  340 32  HOH HOH A . 
C 3 HOH 41  341 25  HOH HOH A . 
C 3 HOH 42  342 21  HOH HOH A . 
C 3 HOH 43  343 55  HOH HOH A . 
C 3 HOH 44  344 47  HOH HOH A . 
C 3 HOH 45  345 48  HOH HOH A . 
C 3 HOH 46  346 54  HOH HOH A . 
C 3 HOH 47  347 45  HOH HOH A . 
C 3 HOH 48  348 59  HOH HOH A . 
C 3 HOH 49  349 3   HOH HOH A . 
C 3 HOH 50  350 22  HOH HOH A . 
C 3 HOH 51  351 60  HOH HOH A . 
C 3 HOH 52  352 9   HOH HOH A . 
C 3 HOH 53  353 56  HOH HOH A . 
C 3 HOH 54  354 95  HOH HOH A . 
C 3 HOH 55  355 86  HOH HOH A . 
C 3 HOH 56  356 79  HOH HOH A . 
C 3 HOH 57  357 44  HOH HOH A . 
C 3 HOH 58  358 12  HOH HOH A . 
C 3 HOH 59  359 30  HOH HOH A . 
C 3 HOH 60  360 128 HOH HOH A . 
C 3 HOH 61  361 42  HOH HOH A . 
C 3 HOH 62  362 28  HOH HOH A . 
C 3 HOH 63  363 53  HOH HOH A . 
C 3 HOH 64  364 121 HOH HOH A . 
C 3 HOH 65  365 52  HOH HOH A . 
C 3 HOH 66  366 20  HOH HOH A . 
C 3 HOH 67  367 31  HOH HOH A . 
C 3 HOH 68  368 112 HOH HOH A . 
C 3 HOH 69  369 64  HOH HOH A . 
C 3 HOH 70  370 4   HOH HOH A . 
C 3 HOH 71  371 33  HOH HOH A . 
C 3 HOH 72  372 85  HOH HOH A . 
C 3 HOH 73  373 123 HOH HOH A . 
C 3 HOH 74  374 27  HOH HOH A . 
C 3 HOH 75  375 83  HOH HOH A . 
C 3 HOH 76  376 43  HOH HOH A . 
C 3 HOH 77  377 96  HOH HOH A . 
C 3 HOH 78  378 62  HOH HOH A . 
C 3 HOH 79  379 99  HOH HOH A . 
C 3 HOH 80  380 24  HOH HOH A . 
C 3 HOH 81  381 114 HOH HOH A . 
C 3 HOH 82  382 38  HOH HOH A . 
C 3 HOH 83  383 35  HOH HOH A . 
C 3 HOH 84  384 19  HOH HOH A . 
C 3 HOH 85  385 119 HOH HOH A . 
C 3 HOH 86  386 5   HOH HOH A . 
C 3 HOH 87  387 68  HOH HOH A . 
C 3 HOH 88  388 26  HOH HOH A . 
C 3 HOH 89  389 117 HOH HOH A . 
C 3 HOH 90  390 102 HOH HOH A . 
C 3 HOH 91  391 73  HOH HOH A . 
C 3 HOH 92  392 29  HOH HOH A . 
C 3 HOH 93  393 90  HOH HOH A . 
C 3 HOH 94  394 74  HOH HOH A . 
C 3 HOH 95  395 113 HOH HOH A . 
C 3 HOH 96  396 66  HOH HOH A . 
C 3 HOH 97  397 108 HOH HOH A . 
C 3 HOH 98  398 97  HOH HOH A . 
C 3 HOH 99  399 46  HOH HOH A . 
C 3 HOH 100 400 7   HOH HOH A . 
C 3 HOH 101 401 69  HOH HOH A . 
C 3 HOH 102 402 67  HOH HOH A . 
C 3 HOH 103 403 130 HOH HOH A . 
C 3 HOH 104 404 93  HOH HOH A . 
C 3 HOH 105 405 103 HOH HOH A . 
C 3 HOH 106 406 65  HOH HOH A . 
C 3 HOH 107 407 109 HOH HOH A . 
C 3 HOH 108 408 105 HOH HOH A . 
C 3 HOH 109 409 72  HOH HOH A . 
C 3 HOH 110 410 100 HOH HOH A . 
C 3 HOH 111 411 57  HOH HOH A . 
C 3 HOH 112 412 101 HOH HOH A . 
C 3 HOH 113 413 87  HOH HOH A . 
C 3 HOH 114 414 89  HOH HOH A . 
C 3 HOH 115 415 124 HOH HOH A . 
C 3 HOH 116 416 104 HOH HOH A . 
C 3 HOH 117 417 78  HOH HOH A . 
C 3 HOH 118 418 58  HOH HOH A . 
C 3 HOH 119 419 91  HOH HOH A . 
C 3 HOH 120 420 127 HOH HOH A . 
C 3 HOH 121 421 51  HOH HOH A . 
C 3 HOH 122 422 34  HOH HOH A . 
C 3 HOH 123 423 88  HOH HOH A . 
C 3 HOH 124 424 129 HOH HOH A . 
C 3 HOH 125 425 70  HOH HOH A . 
C 3 HOH 126 426 125 HOH HOH A . 
C 3 HOH 127 427 107 HOH HOH A . 
C 3 HOH 128 428 98  HOH HOH A . 
C 3 HOH 129 429 131 HOH HOH A . 
C 3 HOH 130 430 49  HOH HOH A . 
C 3 HOH 131 431 71  HOH HOH A . 
# 
loop_
_pdbx_unobs_or_zero_occ_atoms.id 
_pdbx_unobs_or_zero_occ_atoms.PDB_model_num 
_pdbx_unobs_or_zero_occ_atoms.polymer_flag 
_pdbx_unobs_or_zero_occ_atoms.occupancy_flag 
_pdbx_unobs_or_zero_occ_atoms.auth_asym_id 
_pdbx_unobs_or_zero_occ_atoms.auth_comp_id 
_pdbx_unobs_or_zero_occ_atoms.auth_seq_id 
_pdbx_unobs_or_zero_occ_atoms.PDB_ins_code 
_pdbx_unobs_or_zero_occ_atoms.auth_atom_id 
_pdbx_unobs_or_zero_occ_atoms.label_alt_id 
_pdbx_unobs_or_zero_occ_atoms.label_asym_id 
_pdbx_unobs_or_zero_occ_atoms.label_comp_id 
_pdbx_unobs_or_zero_occ_atoms.label_seq_id 
_pdbx_unobs_or_zero_occ_atoms.label_atom_id 
1  1 N 1 A 5GH 201 ? C1  ? B 5GH 1 C1  
2  1 N 1 A 5GH 201 ? C2  ? B 5GH 1 C2  
3  1 N 1 A 5GH 201 ? C3  ? B 5GH 1 C3  
4  1 N 1 A 5GH 201 ? C4  ? B 5GH 1 C4  
5  1 N 1 A 5GH 201 ? C5  ? B 5GH 1 C5  
6  1 N 1 A 5GH 201 ? C6  ? B 5GH 1 C6  
7  1 N 1 A 5GH 201 ? C7  ? B 5GH 1 C7  
8  1 N 1 A 5GH 201 ? C8  ? B 5GH 1 C8  
9  1 N 1 A 5GH 201 ? C9  ? B 5GH 1 C9  
10 1 N 1 A 5GH 201 ? O2  ? B 5GH 1 O2  
11 1 N 1 A 5GH 201 ? C16 ? B 5GH 1 C16 
12 1 N 1 A 5GH 201 ? O3  ? B 5GH 1 O3  
13 1 N 1 A 5GH 201 ? C18 ? B 5GH 1 C18 
14 1 N 1 A 5GH 201 ? C19 ? B 5GH 1 C19 
15 1 N 1 A 5GH 201 ? O4  ? B 5GH 1 O4  
# 
loop_
_software.citation_id 
_software.classification 
_software.compiler_name 
_software.compiler_version 
_software.contact_author 
_software.contact_author_email 
_software.date 
_software.description 
_software.dependencies 
_software.hardware 
_software.language 
_software.location 
_software.mods 
_software.name 
_software.os 
_software.os_version 
_software.type 
_software.version 
_software.pdbx_ordinal 
? 'data scaling'    ? ? ? ? ? ? ? ? ? ? ? HKL-2000    ? ? ? .        1 
? refinement        ? ? ? ? ? ? ? ? ? ? ? REFMAC      ? ? ? 5.8.0049 2 
? 'data extraction' ? ? ? ? ? ? ? ? ? ? ? PDB_EXTRACT ? ? ? 3.15     3 
# 
_cell.angle_alpha                  90.000 
_cell.angle_alpha_esd              ? 
_cell.angle_beta                   90.000 
_cell.angle_beta_esd               ? 
_cell.angle_gamma                  90.000 
_cell.angle_gamma_esd              ? 
_cell.entry_id                     5DP3 
_cell.details                      ? 
_cell.formula_units_Z              ? 
_cell.length_a                     64.623 
_cell.length_a_esd                 ? 
_cell.length_b                     64.845 
_cell.length_b_esd                 ? 
_cell.length_c                     75.366 
_cell.length_c_esd                 ? 
_cell.volume                       ? 
_cell.volume_esd                   ? 
_cell.Z_PDB                        8 
_cell.reciprocal_angle_alpha       ? 
_cell.reciprocal_angle_beta        ? 
_cell.reciprocal_angle_gamma       ? 
_cell.reciprocal_angle_alpha_esd   ? 
_cell.reciprocal_angle_beta_esd    ? 
_cell.reciprocal_angle_gamma_esd   ? 
_cell.reciprocal_length_a          ? 
_cell.reciprocal_length_b          ? 
_cell.reciprocal_length_c          ? 
_cell.reciprocal_length_a_esd      ? 
_cell.reciprocal_length_b_esd      ? 
_cell.reciprocal_length_c_esd      ? 
_cell.pdbx_unique_axis             ? 
# 
_symmetry.entry_id                         5DP3 
_symmetry.cell_setting                     ? 
_symmetry.Int_Tables_number                20 
_symmetry.space_group_name_Hall            ? 
_symmetry.space_group_name_H-M             'C 2 2 21' 
_symmetry.pdbx_full_space_group_name_H-M   ? 
# 
_exptl.absorpt_coefficient_mu     ? 
_exptl.absorpt_correction_T_max   ? 
_exptl.absorpt_correction_T_min   ? 
_exptl.absorpt_correction_type    ? 
_exptl.absorpt_process_details    ? 
_exptl.entry_id                   5DP3 
_exptl.crystals_number            1 
_exptl.details                    ? 
_exptl.method                     'X-RAY DIFFRACTION' 
_exptl.method_details             ? 
# 
_exptl_crystal.colour                      ? 
_exptl_crystal.density_diffrn              ? 
_exptl_crystal.density_Matthews            1.98 
_exptl_crystal.density_method              ? 
_exptl_crystal.density_percent_sol         33.35 
_exptl_crystal.description                 ? 
_exptl_crystal.F_000                       ? 
_exptl_crystal.id                          1 
_exptl_crystal.preparation                 ? 
_exptl_crystal.size_max                    ? 
_exptl_crystal.size_mid                    ? 
_exptl_crystal.size_min                    ? 
_exptl_crystal.size_rad                    ? 
_exptl_crystal.colour_lustre               ? 
_exptl_crystal.colour_modifier             ? 
_exptl_crystal.colour_primary              ? 
_exptl_crystal.density_meas                ? 
_exptl_crystal.density_meas_esd            ? 
_exptl_crystal.density_meas_gt             ? 
_exptl_crystal.density_meas_lt             ? 
_exptl_crystal.density_meas_temp           ? 
_exptl_crystal.density_meas_temp_esd       ? 
_exptl_crystal.density_meas_temp_gt        ? 
_exptl_crystal.density_meas_temp_lt        ? 
_exptl_crystal.pdbx_crystal_image_url      ? 
_exptl_crystal.pdbx_crystal_image_format   ? 
_exptl_crystal.pdbx_mosaicity              ? 
_exptl_crystal.pdbx_mosaicity_esd          ? 
# 
_exptl_crystal_grow.apparatus       ? 
_exptl_crystal_grow.atmosphere      ? 
_exptl_crystal_grow.crystal_id      1 
_exptl_crystal_grow.details         ? 
_exptl_crystal_grow.method          'VAPOR DIFFUSION, HANGING DROP' 
_exptl_crystal_grow.method_ref      ? 
_exptl_crystal_grow.pH              8.5 
_exptl_crystal_grow.pressure        ? 
_exptl_crystal_grow.pressure_esd    ? 
_exptl_crystal_grow.seeding         ? 
_exptl_crystal_grow.seeding_ref     ? 
_exptl_crystal_grow.temp            289 
_exptl_crystal_grow.temp_details    ? 
_exptl_crystal_grow.temp_esd        ? 
_exptl_crystal_grow.time            ? 
_exptl_crystal_grow.pdbx_details    '100mM Tris, 25% PEG4000, 0.8M lithium chloride' 
_exptl_crystal_grow.pdbx_pH_range   ? 
# 
_diffrn.ambient_environment    ? 
_diffrn.ambient_temp           100 
_diffrn.ambient_temp_details   ? 
_diffrn.ambient_temp_esd       ? 
_diffrn.crystal_id             1 
_diffrn.crystal_support        ? 
_diffrn.crystal_treatment      ? 
_diffrn.details                ? 
_diffrn.id                     1 
_diffrn.ambient_pressure       ? 
_diffrn.ambient_pressure_esd   ? 
_diffrn.ambient_pressure_gt    ? 
_diffrn.ambient_pressure_lt    ? 
_diffrn.ambient_temp_gt        ? 
_diffrn.ambient_temp_lt        ? 
# 
_diffrn_detector.details                      mirrors 
_diffrn_detector.detector                     CCD 
_diffrn_detector.diffrn_id                    1 
_diffrn_detector.type                         'ADSC QUANTUM 315r' 
_diffrn_detector.area_resol_mean              ? 
_diffrn_detector.dtime                        ? 
_diffrn_detector.pdbx_frames_total            ? 
_diffrn_detector.pdbx_collection_time_total   ? 
_diffrn_detector.pdbx_collection_date         2013-04-28 
# 
_diffrn_radiation.collimation                      ? 
_diffrn_radiation.diffrn_id                        1 
_diffrn_radiation.filter_edge                      ? 
_diffrn_radiation.inhomogeneity                    ? 
_diffrn_radiation.monochromator                    'Ni FILTER' 
_diffrn_radiation.polarisn_norm                    ? 
_diffrn_radiation.polarisn_ratio                   ? 
_diffrn_radiation.probe                            ? 
_diffrn_radiation.type                             ? 
_diffrn_radiation.xray_symbol                      ? 
_diffrn_radiation.wavelength_id                    1 
_diffrn_radiation.pdbx_monochromatic_or_laue_m_l   M 
_diffrn_radiation.pdbx_wavelength_list             ? 
_diffrn_radiation.pdbx_wavelength                  ? 
_diffrn_radiation.pdbx_diffrn_protocol             'SINGLE WAVELENGTH' 
_diffrn_radiation.pdbx_analyzer                    ? 
_diffrn_radiation.pdbx_scattering_type             x-ray 
# 
_diffrn_radiation_wavelength.id           1 
_diffrn_radiation_wavelength.wavelength   0.98 
_diffrn_radiation_wavelength.wt           1.0 
# 
_diffrn_source.current                     ? 
_diffrn_source.details                     ? 
_diffrn_source.diffrn_id                   1 
_diffrn_source.power                       ? 
_diffrn_source.size                        ? 
_diffrn_source.source                      SYNCHROTRON 
_diffrn_source.target                      ? 
_diffrn_source.type                        'SSRF BEAMLINE BL17U' 
_diffrn_source.voltage                     ? 
_diffrn_source.take-off_angle              ? 
_diffrn_source.pdbx_wavelength_list        0.98 
_diffrn_source.pdbx_wavelength             ? 
_diffrn_source.pdbx_synchrotron_beamline   BL17U 
_diffrn_source.pdbx_synchrotron_site       SSRF 
# 
_reflns.B_iso_Wilson_estimate            ? 
_reflns.entry_id                         5DP3 
_reflns.data_reduction_details           ? 
_reflns.data_reduction_method            ? 
_reflns.d_resolution_high                2.050 
_reflns.d_resolution_low                 50.000 
_reflns.details                          ? 
_reflns.limit_h_max                      ? 
_reflns.limit_h_min                      ? 
_reflns.limit_k_max                      ? 
_reflns.limit_k_min                      ? 
_reflns.limit_l_max                      ? 
_reflns.limit_l_min                      ? 
_reflns.number_all                       ? 
_reflns.number_obs                       10155 
_reflns.observed_criterion               ? 
_reflns.observed_criterion_F_max         ? 
_reflns.observed_criterion_F_min         ? 
_reflns.observed_criterion_I_max         ? 
_reflns.observed_criterion_I_min         ? 
_reflns.observed_criterion_sigma_F       ? 
_reflns.observed_criterion_sigma_I       ? 
_reflns.percent_possible_obs             98.800 
_reflns.R_free_details                   ? 
_reflns.Rmerge_F_all                     ? 
_reflns.Rmerge_F_obs                     ? 
_reflns.Friedel_coverage                 ? 
_reflns.number_gt                        ? 
_reflns.threshold_expression             ? 
_reflns.pdbx_redundancy                  4.200 
_reflns.pdbx_Rmerge_I_obs                0.108 
_reflns.pdbx_Rmerge_I_all                ? 
_reflns.pdbx_Rsym_value                  ? 
_reflns.pdbx_netI_over_av_sigmaI         15.737 
_reflns.pdbx_netI_over_sigmaI            8.900 
_reflns.pdbx_res_netI_over_av_sigmaI_2   ? 
_reflns.pdbx_res_netI_over_sigmaI_2      ? 
_reflns.pdbx_chi_squared                 1.459 
_reflns.pdbx_scaling_rejects             ? 
_reflns.pdbx_d_res_high_opt              ? 
_reflns.pdbx_d_res_low_opt               ? 
_reflns.pdbx_d_res_opt_method            ? 
_reflns.phase_calculation_details        ? 
_reflns.pdbx_Rrim_I_all                  ? 
_reflns.pdbx_Rpim_I_all                  ? 
_reflns.pdbx_d_opt                       ? 
_reflns.pdbx_number_measured_all         42175 
_reflns.pdbx_diffrn_id                   1 
_reflns.pdbx_ordinal                     1 
_reflns.pdbx_CC_half                     ? 
_reflns.pdbx_R_split                     ? 
# 
loop_
_reflns_shell.d_res_high 
_reflns_shell.d_res_low 
_reflns_shell.meanI_over_sigI_all 
_reflns_shell.meanI_over_sigI_obs 
_reflns_shell.number_measured_all 
_reflns_shell.number_measured_obs 
_reflns_shell.number_possible 
_reflns_shell.number_unique_all 
_reflns_shell.number_unique_obs 
_reflns_shell.percent_possible_all 
_reflns_shell.percent_possible_obs 
_reflns_shell.Rmerge_F_all 
_reflns_shell.Rmerge_F_obs 
_reflns_shell.Rmerge_I_all 
_reflns_shell.Rmerge_I_obs 
_reflns_shell.meanI_over_sigI_gt 
_reflns_shell.meanI_over_uI_all 
_reflns_shell.meanI_over_uI_gt 
_reflns_shell.number_measured_gt 
_reflns_shell.number_unique_gt 
_reflns_shell.percent_possible_gt 
_reflns_shell.Rmerge_F_gt 
_reflns_shell.Rmerge_I_gt 
_reflns_shell.pdbx_redundancy 
_reflns_shell.pdbx_Rsym_value 
_reflns_shell.pdbx_chi_squared 
_reflns_shell.pdbx_netI_over_sigmaI_all 
_reflns_shell.pdbx_netI_over_sigmaI_obs 
_reflns_shell.pdbx_Rrim_I_all 
_reflns_shell.pdbx_Rpim_I_all 
_reflns_shell.pdbx_rejects 
_reflns_shell.pdbx_ordinal 
_reflns_shell.pdbx_diffrn_id 
_reflns_shell.pdbx_CC_half 
_reflns_shell.pdbx_R_split 
2.050 2.090  ? ? ? ? ? 510 ? 99.600  ? ? ? ? 0.445 ? ? ? ? ? ? ? ? 4.000 ? 1.397 ? ? ? ? 0 1  1 ? ? 
2.090 2.120  ? ? ? ? ? 491 ? 100.000 ? ? ? ? 0.414 ? ? ? ? ? ? ? ? 4.300 ? 1.346 ? ? ? ? 0 2  1 ? ? 
2.120 2.160  ? ? ? ? ? 511 ? 99.400  ? ? ? ? 0.358 ? ? ? ? ? ? ? ? 4.200 ? 1.488 ? ? ? ? 0 3  1 ? ? 
2.160 2.210  ? ? ? ? ? 489 ? 99.800  ? ? ? ? 0.356 ? ? ? ? ? ? ? ? 4.400 ? 1.596 ? ? ? ? 0 4  1 ? ? 
2.210 2.260  ? ? ? ? ? 497 ? 99.800  ? ? ? ? 0.311 ? ? ? ? ? ? ? ? 4.400 ? 1.546 ? ? ? ? 0 5  1 ? ? 
2.260 2.310  ? ? ? ? ? 520 ? 99.400  ? ? ? ? 0.287 ? ? ? ? ? ? ? ? 4.200 ? 1.572 ? ? ? ? 0 6  1 ? ? 
2.310 2.370  ? ? ? ? ? 492 ? 99.600  ? ? ? ? 0.279 ? ? ? ? ? ? ? ? 4.400 ? 1.599 ? ? ? ? 0 7  1 ? ? 
2.370 2.430  ? ? ? ? ? 510 ? 99.400  ? ? ? ? 0.245 ? ? ? ? ? ? ? ? 4.300 ? 1.609 ? ? ? ? 0 8  1 ? ? 
2.430 2.500  ? ? ? ? ? 500 ? 98.800  ? ? ? ? 0.236 ? ? ? ? ? ? ? ? 4.400 ? 1.682 ? ? ? ? 0 9  1 ? ? 
2.500 2.580  ? ? ? ? ? 510 ? 99.800  ? ? ? ? 0.211 ? ? ? ? ? ? ? ? 4.400 ? 1.600 ? ? ? ? 0 10 1 ? ? 
2.580 2.680  ? ? ? ? ? 513 ? 99.600  ? ? ? ? 0.170 ? ? ? ? ? ? ? ? 4.300 ? 1.465 ? ? ? ? 0 11 1 ? ? 
2.680 2.780  ? ? ? ? ? 489 ? 99.000  ? ? ? ? 0.149 ? ? ? ? ? ? ? ? 4.300 ? 1.434 ? ? ? ? 0 12 1 ? ? 
2.780 2.910  ? ? ? ? ? 513 ? 99.600  ? ? ? ? 0.126 ? ? ? ? ? ? ? ? 4.200 ? 1.446 ? ? ? ? 0 13 1 ? ? 
2.910 3.060  ? ? ? ? ? 508 ? 98.600  ? ? ? ? 0.110 ? ? ? ? ? ? ? ? 4.200 ? 1.530 ? ? ? ? 0 14 1 ? ? 
3.060 3.250  ? ? ? ? ? 513 ? 97.900  ? ? ? ? 0.084 ? ? ? ? ? ? ? ? 4.100 ? 1.371 ? ? ? ? 0 15 1 ? ? 
3.250 3.510  ? ? ? ? ? 497 ? 97.300  ? ? ? ? 0.073 ? ? ? ? ? ? ? ? 4.000 ? 1.404 ? ? ? ? 0 16 1 ? ? 
3.510 3.860  ? ? ? ? ? 503 ? 96.200  ? ? ? ? 0.063 ? ? ? ? ? ? ? ? 3.900 ? 1.445 ? ? ? ? 0 17 1 ? ? 
3.860 4.420  ? ? ? ? ? 508 ? 97.300  ? ? ? ? 0.053 ? ? ? ? ? ? ? ? 3.700 ? 1.389 ? ? ? ? 0 18 1 ? ? 
4.420 5.560  ? ? ? ? ? 517 ? 95.900  ? ? ? ? 0.052 ? ? ? ? ? ? ? ? 3.600 ? 1.079 ? ? ? ? 0 19 1 ? ? 
5.560 50.000 ? ? ? ? ? 564 ? 98.600  ? ? ? ? 0.047 ? ? ? ? ? ? ? ? 4.000 ? 1.075 ? ? ? ? 0 20 1 ? ? 
# 
_refine.aniso_B[1][1]                            0.8500 
_refine.aniso_B[1][2]                            0.0000 
_refine.aniso_B[1][3]                            -0.0000 
_refine.aniso_B[2][2]                            0.8800 
_refine.aniso_B[2][3]                            0.0000 
_refine.aniso_B[3][3]                            -1.7400 
_refine.B_iso_max                                75.790 
_refine.B_iso_mean                               25.0130 
_refine.B_iso_min                                2.020 
_refine.correlation_coeff_Fo_to_Fc               0.9160 
_refine.correlation_coeff_Fo_to_Fc_free          0.8760 
_refine.details                                  
'HYDROGENS HAVE BEEN ADDED IN THE RIDING POSITIONS U VALUES      : REFINED INDIVIDUALLY' 
_refine.diff_density_max                         ? 
_refine.diff_density_max_esd                     ? 
_refine.diff_density_min                         ? 
_refine.diff_density_min_esd                     ? 
_refine.diff_density_rms                         ? 
_refine.diff_density_rms_esd                     ? 
_refine.entry_id                                 5DP3 
_refine.pdbx_refine_id                           'X-RAY DIFFRACTION' 
_refine.ls_abs_structure_details                 ? 
_refine.ls_abs_structure_Flack                   ? 
_refine.ls_abs_structure_Flack_esd               ? 
_refine.ls_abs_structure_Rogers                  ? 
_refine.ls_abs_structure_Rogers_esd              ? 
_refine.ls_d_res_high                            2.0500 
_refine.ls_d_res_low                             45.7700 
_refine.ls_extinction_coef                       ? 
_refine.ls_extinction_coef_esd                   ? 
_refine.ls_extinction_expression                 ? 
_refine.ls_extinction_method                     ? 
_refine.ls_goodness_of_fit_all                   ? 
_refine.ls_goodness_of_fit_all_esd               ? 
_refine.ls_goodness_of_fit_obs                   ? 
_refine.ls_goodness_of_fit_obs_esd               ? 
_refine.ls_hydrogen_treatment                    ? 
_refine.ls_matrix_type                           ? 
_refine.ls_number_constraints                    ? 
_refine.ls_number_parameters                     ? 
_refine.ls_number_reflns_all                     ? 
_refine.ls_number_reflns_obs                     9647 
_refine.ls_number_reflns_R_free                  491 
_refine.ls_number_reflns_R_work                  ? 
_refine.ls_number_restraints                     ? 
_refine.ls_percent_reflns_obs                    98.6800 
_refine.ls_percent_reflns_R_free                 4.8000 
_refine.ls_R_factor_all                          ? 
_refine.ls_R_factor_obs                          0.2270 
_refine.ls_R_factor_R_free                       0.2943 
_refine.ls_R_factor_R_free_error                 ? 
_refine.ls_R_factor_R_free_error_details         ? 
_refine.ls_R_factor_R_work                       0.2237 
_refine.ls_R_Fsqd_factor_obs                     ? 
_refine.ls_R_I_factor_obs                        ? 
_refine.ls_redundancy_reflns_all                 ? 
_refine.ls_redundancy_reflns_obs                 ? 
_refine.ls_restrained_S_all                      ? 
_refine.ls_restrained_S_obs                      ? 
_refine.ls_shift_over_esd_max                    ? 
_refine.ls_shift_over_esd_mean                   ? 
_refine.ls_structure_factor_coef                 ? 
_refine.ls_weighting_details                     ? 
_refine.ls_weighting_scheme                      ? 
_refine.ls_wR_factor_all                         ? 
_refine.ls_wR_factor_obs                         ? 
_refine.ls_wR_factor_R_free                      ? 
_refine.ls_wR_factor_R_work                      ? 
_refine.occupancy_max                            ? 
_refine.occupancy_min                            ? 
_refine.solvent_model_details                    MASK 
_refine.solvent_model_param_bsol                 ? 
_refine.solvent_model_param_ksol                 ? 
_refine.ls_R_factor_gt                           ? 
_refine.ls_goodness_of_fit_gt                    ? 
_refine.ls_goodness_of_fit_ref                   ? 
_refine.ls_shift_over_su_max                     ? 
_refine.ls_shift_over_su_max_lt                  ? 
_refine.ls_shift_over_su_mean                    ? 
_refine.ls_shift_over_su_mean_lt                 ? 
_refine.pdbx_ls_sigma_I                          ? 
_refine.pdbx_ls_sigma_F                          0.000 
_refine.pdbx_ls_sigma_Fsqd                       ? 
_refine.pdbx_data_cutoff_high_absF               ? 
_refine.pdbx_data_cutoff_high_rms_absF           ? 
_refine.pdbx_data_cutoff_low_absF                ? 
_refine.pdbx_isotropic_thermal_model             ? 
_refine.pdbx_ls_cross_valid_method               THROUGHOUT 
_refine.pdbx_method_to_determine_struct          'MOLECULAR REPLACEMENT' 
_refine.pdbx_starting_model                      4GHQ 
_refine.pdbx_stereochemistry_target_values       'MAXIMUM LIKELIHOOD' 
_refine.pdbx_R_Free_selection_details            RANDOM 
_refine.pdbx_stereochem_target_val_spec_case     ? 
_refine.pdbx_overall_ESU_R                       0.3140 
_refine.pdbx_overall_ESU_R_Free                  0.2470 
_refine.pdbx_solvent_vdw_probe_radii             1.2000 
_refine.pdbx_solvent_ion_probe_radii             0.8000 
_refine.pdbx_solvent_shrinkage_radii             0.8000 
_refine.pdbx_real_space_R                        ? 
_refine.pdbx_density_correlation                 ? 
_refine.pdbx_pd_number_of_powder_patterns        ? 
_refine.pdbx_pd_number_of_points                 ? 
_refine.pdbx_pd_meas_number_of_points            ? 
_refine.pdbx_pd_proc_ls_prof_R_factor            ? 
_refine.pdbx_pd_proc_ls_prof_wR_factor           ? 
_refine.pdbx_pd_Marquardt_correlation_coeff      ? 
_refine.pdbx_pd_Fsqrd_R_factor                   ? 
_refine.pdbx_pd_ls_matrix_band_width             ? 
_refine.pdbx_overall_phase_error                 ? 
_refine.pdbx_overall_SU_R_free_Cruickshank_DPI   ? 
_refine.pdbx_overall_SU_R_free_Blow_DPI          ? 
_refine.pdbx_overall_SU_R_Blow_DPI               ? 
_refine.pdbx_TLS_residual_ADP_flag               ? 
_refine.pdbx_diffrn_id                           1 
_refine.overall_SU_B                             6.2440 
_refine.overall_SU_ML                            0.1700 
_refine.overall_SU_R_Cruickshank_DPI             ? 
_refine.overall_SU_R_free                        ? 
_refine.overall_FOM_free_R_set                   ? 
_refine.overall_FOM_work_R_set                   ? 
_refine.pdbx_average_fsc_overall                 ? 
_refine.pdbx_average_fsc_work                    ? 
_refine.pdbx_average_fsc_free                    ? 
# 
_refine_hist.cycle_id                         final 
_refine_hist.pdbx_refine_id                   'X-RAY DIFFRACTION' 
_refine_hist.d_res_high                       2.0500 
_refine_hist.d_res_low                        45.7700 
_refine_hist.pdbx_number_atoms_ligand         11 
_refine_hist.number_atoms_solvent             131 
_refine_hist.number_atoms_total               1543 
_refine_hist.pdbx_number_residues_total       181 
_refine_hist.pdbx_B_iso_mean_ligand           42.81 
_refine_hist.pdbx_B_iso_mean_solvent          31.87 
_refine_hist.pdbx_number_atoms_protein        1401 
_refine_hist.pdbx_number_atoms_nucleic_acid   0 
# 
loop_
_refine_ls_restr.pdbx_refine_id 
_refine_ls_restr.criterion 
_refine_ls_restr.dev_ideal 
_refine_ls_restr.dev_ideal_target 
_refine_ls_restr.number 
_refine_ls_restr.rejects 
_refine_ls_restr.type 
_refine_ls_restr.weight 
_refine_ls_restr.pdbx_restraint_function 
'X-RAY DIFFRACTION' ? 0.016  0.019  1449 ? r_bond_refined_d       ? ? 
'X-RAY DIFFRACTION' ? 0.002  0.020  1422 ? r_bond_other_d         ? ? 
'X-RAY DIFFRACTION' ? 1.841  1.966  1963 ? r_angle_refined_deg    ? ? 
'X-RAY DIFFRACTION' ? 0.923  3.000  3261 ? r_angle_other_deg      ? ? 
'X-RAY DIFFRACTION' ? 7.152  5.000  182  ? r_dihedral_angle_1_deg ? ? 
'X-RAY DIFFRACTION' ? 38.159 23.492 63   ? r_dihedral_angle_2_deg ? ? 
'X-RAY DIFFRACTION' ? 16.909 15.000 250  ? r_dihedral_angle_3_deg ? ? 
'X-RAY DIFFRACTION' ? 15.063 15.000 11   ? r_dihedral_angle_4_deg ? ? 
'X-RAY DIFFRACTION' ? 0.112  0.200  227  ? r_chiral_restr         ? ? 
'X-RAY DIFFRACTION' ? 0.008  0.021  1634 ? r_gen_planes_refined   ? ? 
'X-RAY DIFFRACTION' ? 0.001  0.020  339  ? r_gen_planes_other     ? ? 
'X-RAY DIFFRACTION' ? 2.207  2.354  725  ? r_mcbond_it            ? ? 
'X-RAY DIFFRACTION' ? 2.179  2.352  724  ? r_mcbond_other         ? ? 
'X-RAY DIFFRACTION' ? 3.378  3.523  905  ? r_mcangle_it           ? ? 
# 
_refine_ls_shell.pdbx_refine_id                   'X-RAY DIFFRACTION' 
_refine_ls_shell.d_res_high                       2.0480 
_refine_ls_shell.d_res_low                        2.1010 
_refine_ls_shell.number_reflns_all                726 
_refine_ls_shell.number_reflns_obs                ? 
_refine_ls_shell.number_reflns_R_free             30 
_refine_ls_shell.number_reflns_R_work             696 
_refine_ls_shell.percent_reflns_obs               98.3700 
_refine_ls_shell.percent_reflns_R_free            ? 
_refine_ls_shell.R_factor_all                     ? 
_refine_ls_shell.R_factor_obs                     ? 
_refine_ls_shell.R_factor_R_free                  0.2400 
_refine_ls_shell.R_factor_R_free_error            ? 
_refine_ls_shell.R_factor_R_work                  0.2470 
_refine_ls_shell.redundancy_reflns_all            ? 
_refine_ls_shell.redundancy_reflns_obs            ? 
_refine_ls_shell.wR_factor_all                    ? 
_refine_ls_shell.wR_factor_obs                    ? 
_refine_ls_shell.wR_factor_R_free                 ? 
_refine_ls_shell.wR_factor_R_work                 ? 
_refine_ls_shell.pdbx_total_number_of_bins_used   20 
_refine_ls_shell.pdbx_phase_error                 ? 
_refine_ls_shell.pdbx_fsc_work                    ? 
_refine_ls_shell.pdbx_fsc_free                    ? 
# 
_struct.entry_id                     5DP3 
_struct.title                        'Crystal Structure of EV71 3C Proteinase in complex with compound 2' 
_struct.pdbx_model_details           ? 
_struct.pdbx_formula_weight          ? 
_struct.pdbx_formula_weight_method   ? 
_struct.pdbx_model_type_details      ? 
_struct.pdbx_CASP_flag               ? 
# 
_struct_keywords.entry_id        5DP3 
_struct_keywords.text            
'Hand, foot and mouth disease, 3C proteinase, peptidomimetics, drug design, rupintrivir, HYDROLASE-HYDROLASE INHIBITOR complex' 
_struct_keywords.pdbx_keywords   'HYDROLASE/HYDROLASE INHIBITOR' 
# 
loop_
_struct_asym.id 
_struct_asym.pdbx_blank_PDB_chainid_flag 
_struct_asym.pdbx_modified 
_struct_asym.entity_id 
_struct_asym.details 
A N N 1 ? 
B N N 2 ? 
C N N 3 ? 
# 
_struct_ref.id                         1 
_struct_ref.db_name                    UNP 
_struct_ref.db_code                    A9XG43_9ENTO 
_struct_ref.pdbx_db_accession          A9XG43 
_struct_ref.pdbx_db_isoform            ? 
_struct_ref.entity_id                  1 
_struct_ref.pdbx_seq_one_letter_code   
;GPSLDFALSLLRRNVRQVQTDQGHFTMLGVRDRLAVLPRHSQPGKTIWIEHKLVNILDAVELVDEQGVNLELTLITLDTN
EKFRDITKFIPENISTASDATLVINTEHMPSMFVPVGDVVQYGFLNLSGKPTHRTMMYNFPTKAGQCGGVVTSVGKVIGI
HIGGNGRQGFCAGLKRSYFASEQ
;
_struct_ref.pdbx_align_begin           1549 
# 
_struct_ref_seq.align_id                      1 
_struct_ref_seq.ref_id                        1 
_struct_ref_seq.pdbx_PDB_id_code              5DP3 
_struct_ref_seq.pdbx_strand_id                A 
_struct_ref_seq.seq_align_beg                 2 
_struct_ref_seq.pdbx_seq_align_beg_ins_code   ? 
_struct_ref_seq.seq_align_end                 184 
_struct_ref_seq.pdbx_seq_align_end_ins_code   ? 
_struct_ref_seq.pdbx_db_accession             A9XG43 
_struct_ref_seq.db_align_beg                  1549 
_struct_ref_seq.pdbx_db_align_beg_ins_code    ? 
_struct_ref_seq.db_align_end                  1731 
_struct_ref_seq.pdbx_db_align_end_ins_code    ? 
_struct_ref_seq.pdbx_auth_seq_align_beg       1 
_struct_ref_seq.pdbx_auth_seq_align_end       183 
# 
loop_
_struct_ref_seq_dif.align_id 
_struct_ref_seq_dif.pdbx_pdb_id_code 
_struct_ref_seq_dif.mon_id 
_struct_ref_seq_dif.pdbx_pdb_strand_id 
_struct_ref_seq_dif.seq_num 
_struct_ref_seq_dif.pdbx_pdb_ins_code 
_struct_ref_seq_dif.pdbx_seq_db_name 
_struct_ref_seq_dif.pdbx_seq_db_accession_code 
_struct_ref_seq_dif.db_mon_id 
_struct_ref_seq_dif.pdbx_seq_db_seq_num 
_struct_ref_seq_dif.details 
_struct_ref_seq_dif.pdbx_auth_seq_num 
_struct_ref_seq_dif.pdbx_ordinal 
1 5DP3 MET A 1   ? UNP A9XG43 ? ? 'expression tag' 0   1 
1 5DP3 LEU A 185 ? UNP A9XG43 ? ? 'expression tag' 184 2 
1 5DP3 GLU A 186 ? UNP A9XG43 ? ? 'expression tag' 185 3 
1 5DP3 HIS A 187 ? UNP A9XG43 ? ? 'expression tag' 186 4 
1 5DP3 HIS A 188 ? UNP A9XG43 ? ? 'expression tag' 187 5 
1 5DP3 HIS A 189 ? UNP A9XG43 ? ? 'expression tag' 188 6 
1 5DP3 HIS A 190 ? UNP A9XG43 ? ? 'expression tag' 189 7 
1 5DP3 HIS A 191 ? UNP A9XG43 ? ? 'expression tag' 190 8 
1 5DP3 HIS A 192 ? UNP A9XG43 ? ? 'expression tag' 191 9 
# 
_pdbx_struct_assembly.id                   1 
_pdbx_struct_assembly.details              author_defined_assembly 
_pdbx_struct_assembly.method_details       ? 
_pdbx_struct_assembly.oligomeric_details   monomeric 
_pdbx_struct_assembly.oligomeric_count     1 
# 
loop_
_pdbx_struct_assembly_prop.biol_id 
_pdbx_struct_assembly_prop.type 
_pdbx_struct_assembly_prop.value 
_pdbx_struct_assembly_prop.details 
1 'ABSA (A^2)' 0    ? 
1 MORE         0    ? 
1 'SSA (A^2)'  8450 ? 
# 
_pdbx_struct_assembly_gen.assembly_id       1 
_pdbx_struct_assembly_gen.oper_expression   1 
_pdbx_struct_assembly_gen.asym_id_list      A,B,C 
# 
_pdbx_struct_oper_list.id                   1 
_pdbx_struct_oper_list.type                 'identity operation' 
_pdbx_struct_oper_list.name                 1_555 
_pdbx_struct_oper_list.symmetry_operation   x,y,z 
_pdbx_struct_oper_list.matrix[1][1]         1.0000000000 
_pdbx_struct_oper_list.matrix[1][2]         0.0000000000 
_pdbx_struct_oper_list.matrix[1][3]         0.0000000000 
_pdbx_struct_oper_list.vector[1]            0.0000000000 
_pdbx_struct_oper_list.matrix[2][1]         0.0000000000 
_pdbx_struct_oper_list.matrix[2][2]         1.0000000000 
_pdbx_struct_oper_list.matrix[2][3]         0.0000000000 
_pdbx_struct_oper_list.vector[2]            0.0000000000 
_pdbx_struct_oper_list.matrix[3][1]         0.0000000000 
_pdbx_struct_oper_list.matrix[3][2]         0.0000000000 
_pdbx_struct_oper_list.matrix[3][3]         1.0000000000 
_pdbx_struct_oper_list.vector[3]            0.0000000000 
# 
loop_
_struct_conf.conf_type_id 
_struct_conf.id 
_struct_conf.pdbx_PDB_helix_id 
_struct_conf.beg_label_comp_id 
_struct_conf.beg_label_asym_id 
_struct_conf.beg_label_seq_id 
_struct_conf.pdbx_beg_PDB_ins_code 
_struct_conf.end_label_comp_id 
_struct_conf.end_label_asym_id 
_struct_conf.end_label_seq_id 
_struct_conf.pdbx_end_PDB_ins_code 
_struct_conf.beg_auth_comp_id 
_struct_conf.beg_auth_asym_id 
_struct_conf.beg_auth_seq_id 
_struct_conf.end_auth_comp_id 
_struct_conf.end_auth_asym_id 
_struct_conf.end_auth_seq_id 
_struct_conf.pdbx_PDB_helix_class 
_struct_conf.details 
_struct_conf.pdbx_PDB_helix_length 
HELX_P HELX_P1 AA1 GLY A 2   ? ASN A 15  ? GLY A 1   ASN A 14  1 ? 14 
HELX_P HELX_P2 AA2 HIS A 41  ? GLN A 43  ? HIS A 40  GLN A 42  5 ? 3  
HELX_P HELX_P3 AA3 ILE A 87  ? ILE A 91  ? ILE A 86  ILE A 90  5 ? 5  
HELX_P HELX_P4 AA4 LYS A 176 ? ALA A 181 ? LYS A 175 ALA A 180 5 ? 6  
# 
_struct_conf_type.id          HELX_P 
_struct_conf_type.criteria    ? 
_struct_conf_type.reference   ? 
# 
_struct_conn.id                            covale1 
_struct_conn.conn_type_id                  covale 
_struct_conn.pdbx_leaving_atom_flag        none 
_struct_conn.pdbx_PDB_id                   ? 
_struct_conn.ptnr1_label_asym_id           A 
_struct_conn.ptnr1_label_comp_id           CYS 
_struct_conn.ptnr1_label_seq_id            148 
_struct_conn.ptnr1_label_atom_id           SG 
_struct_conn.pdbx_ptnr1_label_alt_id       ? 
_struct_conn.pdbx_ptnr1_PDB_ins_code       ? 
_struct_conn.pdbx_ptnr1_standard_comp_id   ? 
_struct_conn.ptnr1_symmetry                1_555 
_struct_conn.ptnr2_label_asym_id           B 
_struct_conn.ptnr2_label_comp_id           5GH 
_struct_conn.ptnr2_label_seq_id            . 
_struct_conn.ptnr2_label_atom_id           C14 
_struct_conn.pdbx_ptnr2_label_alt_id       ? 
_struct_conn.pdbx_ptnr2_PDB_ins_code       ? 
_struct_conn.ptnr1_auth_asym_id            A 
_struct_conn.ptnr1_auth_comp_id            CYS 
_struct_conn.ptnr1_auth_seq_id             147 
_struct_conn.ptnr2_auth_asym_id            A 
_struct_conn.ptnr2_auth_comp_id            5GH 
_struct_conn.ptnr2_auth_seq_id             201 
_struct_conn.ptnr2_symmetry                1_555 
_struct_conn.pdbx_ptnr3_label_atom_id      ? 
_struct_conn.pdbx_ptnr3_label_seq_id       ? 
_struct_conn.pdbx_ptnr3_label_comp_id      ? 
_struct_conn.pdbx_ptnr3_label_asym_id      ? 
_struct_conn.pdbx_ptnr3_label_alt_id       ? 
_struct_conn.pdbx_ptnr3_PDB_ins_code       ? 
_struct_conn.details                       ? 
_struct_conn.pdbx_dist_value               1.772 
_struct_conn.pdbx_value_order              ? 
_struct_conn.pdbx_role                     ? 
# 
_struct_conn_type.id          covale 
_struct_conn_type.criteria    ? 
_struct_conn_type.reference   ? 
# 
_pdbx_modification_feature.ordinal                            1 
_pdbx_modification_feature.label_comp_id                      5GH 
_pdbx_modification_feature.label_asym_id                      B 
_pdbx_modification_feature.label_seq_id                       . 
_pdbx_modification_feature.label_alt_id                       ? 
_pdbx_modification_feature.modified_residue_label_comp_id     CYS 
_pdbx_modification_feature.modified_residue_label_asym_id     A 
_pdbx_modification_feature.modified_residue_label_seq_id      148 
_pdbx_modification_feature.modified_residue_label_alt_id      ? 
_pdbx_modification_feature.auth_comp_id                       5GH 
_pdbx_modification_feature.auth_asym_id                       A 
_pdbx_modification_feature.auth_seq_id                        201 
_pdbx_modification_feature.PDB_ins_code                       ? 
_pdbx_modification_feature.symmetry                           1_555 
_pdbx_modification_feature.modified_residue_auth_comp_id      CYS 
_pdbx_modification_feature.modified_residue_auth_asym_id      A 
_pdbx_modification_feature.modified_residue_auth_seq_id       147 
_pdbx_modification_feature.modified_residue_PDB_ins_code      ? 
_pdbx_modification_feature.modified_residue_symmetry          1_555 
_pdbx_modification_feature.comp_id_linking_atom               C14 
_pdbx_modification_feature.modified_residue_id_linking_atom   SG 
_pdbx_modification_feature.modified_residue_id                CYS 
_pdbx_modification_feature.ref_pcm_id                         1 
_pdbx_modification_feature.ref_comp_id                        5GH 
_pdbx_modification_feature.type                               None 
_pdbx_modification_feature.category                           'Covalent chemical modification' 
# 
loop_
_struct_sheet.id 
_struct_sheet.type 
_struct_sheet.number_strands 
_struct_sheet.details 
AA1 ? 7 ? 
AA2 ? 7 ? 
# 
loop_
_struct_sheet_order.sheet_id 
_struct_sheet_order.range_id_1 
_struct_sheet_order.range_id_2 
_struct_sheet_order.offset 
_struct_sheet_order.sense 
AA1 1 2 ? anti-parallel 
AA1 2 3 ? anti-parallel 
AA1 3 4 ? anti-parallel 
AA1 4 5 ? anti-parallel 
AA1 5 6 ? anti-parallel 
AA1 6 7 ? anti-parallel 
AA2 1 2 ? anti-parallel 
AA2 2 3 ? anti-parallel 
AA2 3 4 ? anti-parallel 
AA2 4 5 ? anti-parallel 
AA2 5 6 ? anti-parallel 
AA2 6 7 ? anti-parallel 
# 
loop_
_struct_sheet_range.sheet_id 
_struct_sheet_range.id 
_struct_sheet_range.beg_label_comp_id 
_struct_sheet_range.beg_label_asym_id 
_struct_sheet_range.beg_label_seq_id 
_struct_sheet_range.pdbx_beg_PDB_ins_code 
_struct_sheet_range.end_label_comp_id 
_struct_sheet_range.end_label_asym_id 
_struct_sheet_range.end_label_seq_id 
_struct_sheet_range.pdbx_end_PDB_ins_code 
_struct_sheet_range.beg_auth_comp_id 
_struct_sheet_range.beg_auth_asym_id 
_struct_sheet_range.beg_auth_seq_id 
_struct_sheet_range.end_auth_comp_id 
_struct_sheet_range.end_auth_asym_id 
_struct_sheet_range.end_auth_seq_id 
AA1 1 VAL A 16  ? THR A 21  ? VAL A 15  THR A 20  
AA1 2 GLY A 24  ? ARG A 32  ? GLY A 23  ARG A 31  
AA1 3 LEU A 35  ? PRO A 39  ? LEU A 34  PRO A 38  
AA1 4 ASN A 70  ? ASP A 79  ? ASN A 69  ASP A 78  
AA1 5 LYS A 53  ? VAL A 64  ? LYS A 52  VAL A 63  
AA1 6 THR A 47  ? ILE A 50  ? THR A 46  ILE A 49  
AA1 7 VAL A 16  ? THR A 21  ? VAL A 15  THR A 20  
AA2 1 ALA A 98  ? ILE A 105 ? ALA A 97  ILE A 104 
AA2 2 MET A 113 ? LEU A 128 ? MET A 112 LEU A 127 
AA2 3 LYS A 131 ? TYR A 139 ? LYS A 130 TYR A 138 
AA2 4 GLY A 170 ? GLY A 174 ? GLY A 169 GLY A 173 
AA2 5 LYS A 157 ? GLY A 165 ? LYS A 156 GLY A 164 
AA2 6 VAL A 151 ? SER A 154 ? VAL A 150 SER A 153 
AA2 7 ALA A 98  ? ILE A 105 ? ALA A 97  ILE A 104 
# 
loop_
_pdbx_struct_sheet_hbond.sheet_id 
_pdbx_struct_sheet_hbond.range_id_1 
_pdbx_struct_sheet_hbond.range_id_2 
_pdbx_struct_sheet_hbond.range_1_label_atom_id 
_pdbx_struct_sheet_hbond.range_1_label_comp_id 
_pdbx_struct_sheet_hbond.range_1_label_asym_id 
_pdbx_struct_sheet_hbond.range_1_label_seq_id 
_pdbx_struct_sheet_hbond.range_1_PDB_ins_code 
_pdbx_struct_sheet_hbond.range_1_auth_atom_id 
_pdbx_struct_sheet_hbond.range_1_auth_comp_id 
_pdbx_struct_sheet_hbond.range_1_auth_asym_id 
_pdbx_struct_sheet_hbond.range_1_auth_seq_id 
_pdbx_struct_sheet_hbond.range_2_label_atom_id 
_pdbx_struct_sheet_hbond.range_2_label_comp_id 
_pdbx_struct_sheet_hbond.range_2_label_asym_id 
_pdbx_struct_sheet_hbond.range_2_label_seq_id 
_pdbx_struct_sheet_hbond.range_2_PDB_ins_code 
_pdbx_struct_sheet_hbond.range_2_auth_atom_id 
_pdbx_struct_sheet_hbond.range_2_auth_comp_id 
_pdbx_struct_sheet_hbond.range_2_auth_asym_id 
_pdbx_struct_sheet_hbond.range_2_auth_seq_id 
AA1 1 2 N THR A 21  ? N THR A 20  O GLY A 24  ? O GLY A 23  
AA1 2 3 N ARG A 32  ? N ARG A 31  O LEU A 35  ? O LEU A 34  
AA1 3 4 N LEU A 38  ? N LEU A 37  O THR A 74  ? O THR A 73  
AA1 4 5 O THR A 77  ? O THR A 76  N LEU A 58  ? N LEU A 57  
AA1 5 6 O VAL A 55  ? O VAL A 54  N ILE A 48  ? N ILE A 47  
AA1 6 7 O TRP A 49  ? O TRP A 48  N GLN A 20  ? N GLN A 19  
AA2 1 2 N ILE A 105 ? N ILE A 104 O MET A 113 ? O MET A 112 
AA2 2 3 N LEU A 128 ? N LEU A 127 O LYS A 131 ? O LYS A 130 
AA2 3 4 N TYR A 139 ? N TYR A 138 O GLY A 170 ? O GLY A 169 
AA2 4 5 O PHE A 171 ? O PHE A 170 N ILE A 163 ? N ILE A 162 
AA2 5 6 O GLY A 160 ? O GLY A 159 N VAL A 152 ? N VAL A 151 
AA2 6 7 O THR A 153 ? O THR A 152 N THR A 102 ? N THR A 101 
# 
_struct_site.id                   AC1 
_struct_site.pdbx_evidence_code   Software 
_struct_site.pdbx_auth_asym_id    A 
_struct_site.pdbx_auth_comp_id    5GH 
_struct_site.pdbx_auth_seq_id     201 
_struct_site.pdbx_auth_ins_code   ? 
_struct_site.pdbx_num_residues    8 
_struct_site.details              'binding site for residue 5GH A 201' 
# 
loop_
_struct_site_gen.id 
_struct_site_gen.site_id 
_struct_site_gen.pdbx_num_res 
_struct_site_gen.label_comp_id 
_struct_site_gen.label_asym_id 
_struct_site_gen.label_seq_id 
_struct_site_gen.pdbx_auth_ins_code 
_struct_site_gen.auth_comp_id 
_struct_site_gen.auth_asym_id 
_struct_site_gen.auth_seq_id 
_struct_site_gen.label_atom_id 
_struct_site_gen.label_alt_id 
_struct_site_gen.symmetry 
_struct_site_gen.details 
1 AC1 8 PHE A 26  ? PHE A 25  . ? 1_555 ? 
2 AC1 8 HIS A 41  ? HIS A 40  . ? 1_555 ? 
3 AC1 8 THR A 143 ? THR A 142 . ? 1_555 ? 
4 AC1 8 LYS A 144 ? LYS A 143 . ? 1_555 ? 
5 AC1 8 CYS A 148 ? CYS A 147 . ? 1_555 ? 
6 AC1 8 HIS A 162 ? HIS A 161 . ? 1_555 ? 
7 AC1 8 GLY A 164 ? GLY A 163 . ? 1_555 ? 
8 AC1 8 GLY A 165 ? GLY A 164 . ? 1_555 ? 
# 
_pdbx_entry_details.entry_id                   5DP3 
_pdbx_entry_details.compound_details           ? 
_pdbx_entry_details.source_details             ? 
_pdbx_entry_details.nonpolymer_details         ? 
_pdbx_entry_details.sequence_details           ? 
_pdbx_entry_details.has_ligand_of_interest     ? 
_pdbx_entry_details.has_protein_modification   Y 
# 
loop_
_pdbx_validate_close_contact.id 
_pdbx_validate_close_contact.PDB_model_num 
_pdbx_validate_close_contact.auth_atom_id_1 
_pdbx_validate_close_contact.auth_asym_id_1 
_pdbx_validate_close_contact.auth_comp_id_1 
_pdbx_validate_close_contact.auth_seq_id_1 
_pdbx_validate_close_contact.PDB_ins_code_1 
_pdbx_validate_close_contact.label_alt_id_1 
_pdbx_validate_close_contact.auth_atom_id_2 
_pdbx_validate_close_contact.auth_asym_id_2 
_pdbx_validate_close_contact.auth_comp_id_2 
_pdbx_validate_close_contact.auth_seq_id_2 
_pdbx_validate_close_contact.PDB_ins_code_2 
_pdbx_validate_close_contact.label_alt_id_2 
_pdbx_validate_close_contact.dist 
1 1 O   A HOH 301 ? ? O A HOH 406 ? ? 1.70 
2 1 NE2 A GLN 19  ? ? O A HOH 301 ? ? 1.97 
3 1 OD2 A ASP 64  ? ? O A HOH 302 ? ? 2.13 
4 1 O   A HOH 310 ? ? O A HOH 410 ? ? 2.18 
# 
_pdbx_validate_rmsd_angle.id                         1 
_pdbx_validate_rmsd_angle.PDB_model_num              1 
_pdbx_validate_rmsd_angle.auth_atom_id_1             NE 
_pdbx_validate_rmsd_angle.auth_asym_id_1             A 
_pdbx_validate_rmsd_angle.auth_comp_id_1             ARG 
_pdbx_validate_rmsd_angle.auth_seq_id_1              176 
_pdbx_validate_rmsd_angle.PDB_ins_code_1             ? 
_pdbx_validate_rmsd_angle.label_alt_id_1             ? 
_pdbx_validate_rmsd_angle.auth_atom_id_2             CZ 
_pdbx_validate_rmsd_angle.auth_asym_id_2             A 
_pdbx_validate_rmsd_angle.auth_comp_id_2             ARG 
_pdbx_validate_rmsd_angle.auth_seq_id_2              176 
_pdbx_validate_rmsd_angle.PDB_ins_code_2             ? 
_pdbx_validate_rmsd_angle.label_alt_id_2             ? 
_pdbx_validate_rmsd_angle.auth_atom_id_3             NH2 
_pdbx_validate_rmsd_angle.auth_asym_id_3             A 
_pdbx_validate_rmsd_angle.auth_comp_id_3             ARG 
_pdbx_validate_rmsd_angle.auth_seq_id_3              176 
_pdbx_validate_rmsd_angle.PDB_ins_code_3             ? 
_pdbx_validate_rmsd_angle.label_alt_id_3             ? 
_pdbx_validate_rmsd_angle.angle_value                117.24 
_pdbx_validate_rmsd_angle.angle_target_value         120.30 
_pdbx_validate_rmsd_angle.angle_deviation            -3.06 
_pdbx_validate_rmsd_angle.angle_standard_deviation   0.50 
_pdbx_validate_rmsd_angle.linker_flag                N 
# 
loop_
_pdbx_validate_torsion.id 
_pdbx_validate_torsion.PDB_model_num 
_pdbx_validate_torsion.auth_comp_id 
_pdbx_validate_torsion.auth_asym_id 
_pdbx_validate_torsion.auth_seq_id 
_pdbx_validate_torsion.PDB_ins_code 
_pdbx_validate_torsion.label_alt_id 
_pdbx_validate_torsion.phi 
_pdbx_validate_torsion.psi 
1 1 ASP A 32  ? ? 55.25   -125.20 
2 1 GLU A 50  ? ? 58.32   -71.62  
3 1 ASN A 69  ? ? -32.89  131.41  
4 1 ASP A 99  ? ? 31.75   55.45   
5 1 TYR A 122 ? ? -123.77 -53.75  
# 
loop_
_pdbx_struct_special_symmetry.id 
_pdbx_struct_special_symmetry.PDB_model_num 
_pdbx_struct_special_symmetry.auth_asym_id 
_pdbx_struct_special_symmetry.auth_comp_id 
_pdbx_struct_special_symmetry.auth_seq_id 
_pdbx_struct_special_symmetry.PDB_ins_code 
_pdbx_struct_special_symmetry.label_asym_id 
_pdbx_struct_special_symmetry.label_comp_id 
_pdbx_struct_special_symmetry.label_seq_id 
1 1 A HOH 338 ? C HOH . 
2 1 A HOH 371 ? C HOH . 
3 1 A HOH 389 ? C HOH . 
# 
loop_
_pdbx_unobs_or_zero_occ_residues.id 
_pdbx_unobs_or_zero_occ_residues.PDB_model_num 
_pdbx_unobs_or_zero_occ_residues.polymer_flag 
_pdbx_unobs_or_zero_occ_residues.occupancy_flag 
_pdbx_unobs_or_zero_occ_residues.auth_asym_id 
_pdbx_unobs_or_zero_occ_residues.auth_comp_id 
_pdbx_unobs_or_zero_occ_residues.auth_seq_id 
_pdbx_unobs_or_zero_occ_residues.PDB_ins_code 
_pdbx_unobs_or_zero_occ_residues.label_asym_id 
_pdbx_unobs_or_zero_occ_residues.label_comp_id 
_pdbx_unobs_or_zero_occ_residues.label_seq_id 
1  1 Y 1 A SER 181 ? A SER 182 
2  1 Y 1 A GLU 182 ? A GLU 183 
3  1 Y 1 A GLN 183 ? A GLN 184 
4  1 Y 1 A LEU 184 ? A LEU 185 
5  1 Y 1 A GLU 185 ? A GLU 186 
6  1 Y 1 A HIS 186 ? A HIS 187 
7  1 Y 1 A HIS 187 ? A HIS 188 
8  1 Y 1 A HIS 188 ? A HIS 189 
9  1 Y 1 A HIS 189 ? A HIS 190 
10 1 Y 1 A HIS 190 ? A HIS 191 
11 1 Y 1 A HIS 191 ? A HIS 192 
# 
loop_
_chem_comp_atom.comp_id 
_chem_comp_atom.atom_id 
_chem_comp_atom.type_symbol 
_chem_comp_atom.pdbx_aromatic_flag 
_chem_comp_atom.pdbx_stereo_config 
_chem_comp_atom.pdbx_ordinal 
5GH N1   N N N 1   
5GH N    N N N 2   
5GH C10  C N S 3   
5GH C11  C N N 4   
5GH C12  C N S 5   
5GH C13  C N N 6   
5GH O1   O N N 7   
5GH C25  C N N 8   
5GH C26  C N N 9   
5GH C14  C N N 10  
5GH C15  C N N 11  
5GH H1   H N N 12  
5GH H2   H N N 13  
5GH H5   H N N 14  
5GH H6   H N N 15  
5GH H7   H N N 16  
5GH H8   H N N 17  
5GH H9   H N N 18  
5GH H10  H N N 19  
5GH H11  H N N 20  
5GH H12  H N N 21  
5GH H13  H N N 22  
5GH H15  H N N 23  
5GH C1   C N N 24  
5GH C2   C N N 25  
5GH C3   C N N 26  
5GH C4   C Y N 27  
5GH C5   C Y N 28  
5GH C6   C Y N 29  
5GH C7   C Y N 30  
5GH C8   C Y N 31  
5GH C9   C Y N 32  
5GH O2   O N N 33  
5GH C16  C N N 34  
5GH O3   O N N 35  
5GH C18  C N N 36  
5GH C19  C N N 37  
5GH O4   O N N 38  
5GH H3   H N N 39  
5GH H4   H N N 40  
5GH H14  H N N 41  
5GH H16  H N N 42  
5GH H17  H N N 43  
5GH H18  H N N 44  
5GH H19  H N N 45  
5GH H20  H N N 46  
5GH H21  H N N 47  
5GH H22  H N N 48  
5GH H23  H N N 49  
5GH H24  H N N 50  
5GH H25  H N N 51  
5GH H26  H N N 52  
ALA N    N N N 53  
ALA CA   C N S 54  
ALA C    C N N 55  
ALA O    O N N 56  
ALA CB   C N N 57  
ALA OXT  O N N 58  
ALA H    H N N 59  
ALA H2   H N N 60  
ALA HA   H N N 61  
ALA HB1  H N N 62  
ALA HB2  H N N 63  
ALA HB3  H N N 64  
ALA HXT  H N N 65  
ARG N    N N N 66  
ARG CA   C N S 67  
ARG C    C N N 68  
ARG O    O N N 69  
ARG CB   C N N 70  
ARG CG   C N N 71  
ARG CD   C N N 72  
ARG NE   N N N 73  
ARG CZ   C N N 74  
ARG NH1  N N N 75  
ARG NH2  N N N 76  
ARG OXT  O N N 77  
ARG H    H N N 78  
ARG H2   H N N 79  
ARG HA   H N N 80  
ARG HB2  H N N 81  
ARG HB3  H N N 82  
ARG HG2  H N N 83  
ARG HG3  H N N 84  
ARG HD2  H N N 85  
ARG HD3  H N N 86  
ARG HE   H N N 87  
ARG HH11 H N N 88  
ARG HH12 H N N 89  
ARG HH21 H N N 90  
ARG HH22 H N N 91  
ARG HXT  H N N 92  
ASN N    N N N 93  
ASN CA   C N S 94  
ASN C    C N N 95  
ASN O    O N N 96  
ASN CB   C N N 97  
ASN CG   C N N 98  
ASN OD1  O N N 99  
ASN ND2  N N N 100 
ASN OXT  O N N 101 
ASN H    H N N 102 
ASN H2   H N N 103 
ASN HA   H N N 104 
ASN HB2  H N N 105 
ASN HB3  H N N 106 
ASN HD21 H N N 107 
ASN HD22 H N N 108 
ASN HXT  H N N 109 
ASP N    N N N 110 
ASP CA   C N S 111 
ASP C    C N N 112 
ASP O    O N N 113 
ASP CB   C N N 114 
ASP CG   C N N 115 
ASP OD1  O N N 116 
ASP OD2  O N N 117 
ASP OXT  O N N 118 
ASP H    H N N 119 
ASP H2   H N N 120 
ASP HA   H N N 121 
ASP HB2  H N N 122 
ASP HB3  H N N 123 
ASP HD2  H N N 124 
ASP HXT  H N N 125 
CYS N    N N N 126 
CYS CA   C N R 127 
CYS C    C N N 128 
CYS O    O N N 129 
CYS CB   C N N 130 
CYS SG   S N N 131 
CYS OXT  O N N 132 
CYS H    H N N 133 
CYS H2   H N N 134 
CYS HA   H N N 135 
CYS HB2  H N N 136 
CYS HB3  H N N 137 
CYS HG   H N N 138 
CYS HXT  H N N 139 
GLN N    N N N 140 
GLN CA   C N S 141 
GLN C    C N N 142 
GLN O    O N N 143 
GLN CB   C N N 144 
GLN CG   C N N 145 
GLN CD   C N N 146 
GLN OE1  O N N 147 
GLN NE2  N N N 148 
GLN OXT  O N N 149 
GLN H    H N N 150 
GLN H2   H N N 151 
GLN HA   H N N 152 
GLN HB2  H N N 153 
GLN HB3  H N N 154 
GLN HG2  H N N 155 
GLN HG3  H N N 156 
GLN HE21 H N N 157 
GLN HE22 H N N 158 
GLN HXT  H N N 159 
GLU N    N N N 160 
GLU CA   C N S 161 
GLU C    C N N 162 
GLU O    O N N 163 
GLU CB   C N N 164 
GLU CG   C N N 165 
GLU CD   C N N 166 
GLU OE1  O N N 167 
GLU OE2  O N N 168 
GLU OXT  O N N 169 
GLU H    H N N 170 
GLU H2   H N N 171 
GLU HA   H N N 172 
GLU HB2  H N N 173 
GLU HB3  H N N 174 
GLU HG2  H N N 175 
GLU HG3  H N N 176 
GLU HE2  H N N 177 
GLU HXT  H N N 178 
GLY N    N N N 179 
GLY CA   C N N 180 
GLY C    C N N 181 
GLY O    O N N 182 
GLY OXT  O N N 183 
GLY H    H N N 184 
GLY H2   H N N 185 
GLY HA2  H N N 186 
GLY HA3  H N N 187 
GLY HXT  H N N 188 
HIS N    N N N 189 
HIS CA   C N S 190 
HIS C    C N N 191 
HIS O    O N N 192 
HIS CB   C N N 193 
HIS CG   C Y N 194 
HIS ND1  N Y N 195 
HIS CD2  C Y N 196 
HIS CE1  C Y N 197 
HIS NE2  N Y N 198 
HIS OXT  O N N 199 
HIS H    H N N 200 
HIS H2   H N N 201 
HIS HA   H N N 202 
HIS HB2  H N N 203 
HIS HB3  H N N 204 
HIS HD1  H N N 205 
HIS HD2  H N N 206 
HIS HE1  H N N 207 
HIS HE2  H N N 208 
HIS HXT  H N N 209 
HOH O    O N N 210 
HOH H1   H N N 211 
HOH H2   H N N 212 
ILE N    N N N 213 
ILE CA   C N S 214 
ILE C    C N N 215 
ILE O    O N N 216 
ILE CB   C N S 217 
ILE CG1  C N N 218 
ILE CG2  C N N 219 
ILE CD1  C N N 220 
ILE OXT  O N N 221 
ILE H    H N N 222 
ILE H2   H N N 223 
ILE HA   H N N 224 
ILE HB   H N N 225 
ILE HG12 H N N 226 
ILE HG13 H N N 227 
ILE HG21 H N N 228 
ILE HG22 H N N 229 
ILE HG23 H N N 230 
ILE HD11 H N N 231 
ILE HD12 H N N 232 
ILE HD13 H N N 233 
ILE HXT  H N N 234 
LEU N    N N N 235 
LEU CA   C N S 236 
LEU C    C N N 237 
LEU O    O N N 238 
LEU CB   C N N 239 
LEU CG   C N N 240 
LEU CD1  C N N 241 
LEU CD2  C N N 242 
LEU OXT  O N N 243 
LEU H    H N N 244 
LEU H2   H N N 245 
LEU HA   H N N 246 
LEU HB2  H N N 247 
LEU HB3  H N N 248 
LEU HG   H N N 249 
LEU HD11 H N N 250 
LEU HD12 H N N 251 
LEU HD13 H N N 252 
LEU HD21 H N N 253 
LEU HD22 H N N 254 
LEU HD23 H N N 255 
LEU HXT  H N N 256 
LYS N    N N N 257 
LYS CA   C N S 258 
LYS C    C N N 259 
LYS O    O N N 260 
LYS CB   C N N 261 
LYS CG   C N N 262 
LYS CD   C N N 263 
LYS CE   C N N 264 
LYS NZ   N N N 265 
LYS OXT  O N N 266 
LYS H    H N N 267 
LYS H2   H N N 268 
LYS HA   H N N 269 
LYS HB2  H N N 270 
LYS HB3  H N N 271 
LYS HG2  H N N 272 
LYS HG3  H N N 273 
LYS HD2  H N N 274 
LYS HD3  H N N 275 
LYS HE2  H N N 276 
LYS HE3  H N N 277 
LYS HZ1  H N N 278 
LYS HZ2  H N N 279 
LYS HZ3  H N N 280 
LYS HXT  H N N 281 
MET N    N N N 282 
MET CA   C N S 283 
MET C    C N N 284 
MET O    O N N 285 
MET CB   C N N 286 
MET CG   C N N 287 
MET SD   S N N 288 
MET CE   C N N 289 
MET OXT  O N N 290 
MET H    H N N 291 
MET H2   H N N 292 
MET HA   H N N 293 
MET HB2  H N N 294 
MET HB3  H N N 295 
MET HG2  H N N 296 
MET HG3  H N N 297 
MET HE1  H N N 298 
MET HE2  H N N 299 
MET HE3  H N N 300 
MET HXT  H N N 301 
PHE N    N N N 302 
PHE CA   C N S 303 
PHE C    C N N 304 
PHE O    O N N 305 
PHE CB   C N N 306 
PHE CG   C Y N 307 
PHE CD1  C Y N 308 
PHE CD2  C Y N 309 
PHE CE1  C Y N 310 
PHE CE2  C Y N 311 
PHE CZ   C Y N 312 
PHE OXT  O N N 313 
PHE H    H N N 314 
PHE H2   H N N 315 
PHE HA   H N N 316 
PHE HB2  H N N 317 
PHE HB3  H N N 318 
PHE HD1  H N N 319 
PHE HD2  H N N 320 
PHE HE1  H N N 321 
PHE HE2  H N N 322 
PHE HZ   H N N 323 
PHE HXT  H N N 324 
PRO N    N N N 325 
PRO CA   C N S 326 
PRO C    C N N 327 
PRO O    O N N 328 
PRO CB   C N N 329 
PRO CG   C N N 330 
PRO CD   C N N 331 
PRO OXT  O N N 332 
PRO H    H N N 333 
PRO HA   H N N 334 
PRO HB2  H N N 335 
PRO HB3  H N N 336 
PRO HG2  H N N 337 
PRO HG3  H N N 338 
PRO HD2  H N N 339 
PRO HD3  H N N 340 
PRO HXT  H N N 341 
SER N    N N N 342 
SER CA   C N S 343 
SER C    C N N 344 
SER O    O N N 345 
SER CB   C N N 346 
SER OG   O N N 347 
SER OXT  O N N 348 
SER H    H N N 349 
SER H2   H N N 350 
SER HA   H N N 351 
SER HB2  H N N 352 
SER HB3  H N N 353 
SER HG   H N N 354 
SER HXT  H N N 355 
THR N    N N N 356 
THR CA   C N S 357 
THR C    C N N 358 
THR O    O N N 359 
THR CB   C N R 360 
THR OG1  O N N 361 
THR CG2  C N N 362 
THR OXT  O N N 363 
THR H    H N N 364 
THR H2   H N N 365 
THR HA   H N N 366 
THR HB   H N N 367 
THR HG1  H N N 368 
THR HG21 H N N 369 
THR HG22 H N N 370 
THR HG23 H N N 371 
THR HXT  H N N 372 
TRP N    N N N 373 
TRP CA   C N S 374 
TRP C    C N N 375 
TRP O    O N N 376 
TRP CB   C N N 377 
TRP CG   C Y N 378 
TRP CD1  C Y N 379 
TRP CD2  C Y N 380 
TRP NE1  N Y N 381 
TRP CE2  C Y N 382 
TRP CE3  C Y N 383 
TRP CZ2  C Y N 384 
TRP CZ3  C Y N 385 
TRP CH2  C Y N 386 
TRP OXT  O N N 387 
TRP H    H N N 388 
TRP H2   H N N 389 
TRP HA   H N N 390 
TRP HB2  H N N 391 
TRP HB3  H N N 392 
TRP HD1  H N N 393 
TRP HE1  H N N 394 
TRP HE3  H N N 395 
TRP HZ2  H N N 396 
TRP HZ3  H N N 397 
TRP HH2  H N N 398 
TRP HXT  H N N 399 
TYR N    N N N 400 
TYR CA   C N S 401 
TYR C    C N N 402 
TYR O    O N N 403 
TYR CB   C N N 404 
TYR CG   C Y N 405 
TYR CD1  C Y N 406 
TYR CD2  C Y N 407 
TYR CE1  C Y N 408 
TYR CE2  C Y N 409 
TYR CZ   C Y N 410 
TYR OH   O N N 411 
TYR OXT  O N N 412 
TYR H    H N N 413 
TYR H2   H N N 414 
TYR HA   H N N 415 
TYR HB2  H N N 416 
TYR HB3  H N N 417 
TYR HD1  H N N 418 
TYR HD2  H N N 419 
TYR HE1  H N N 420 
TYR HE2  H N N 421 
TYR HH   H N N 422 
TYR HXT  H N N 423 
VAL N    N N N 424 
VAL CA   C N S 425 
VAL C    C N N 426 
VAL O    O N N 427 
VAL CB   C N N 428 
VAL CG1  C N N 429 
VAL CG2  C N N 430 
VAL OXT  O N N 431 
VAL H    H N N 432 
VAL H2   H N N 433 
VAL HA   H N N 434 
VAL HB   H N N 435 
VAL HG11 H N N 436 
VAL HG12 H N N 437 
VAL HG13 H N N 438 
VAL HG21 H N N 439 
VAL HG22 H N N 440 
VAL HG23 H N N 441 
VAL HXT  H N N 442 
# 
loop_
_chem_comp_bond.comp_id 
_chem_comp_bond.atom_id_1 
_chem_comp_bond.atom_id_2 
_chem_comp_bond.value_order 
_chem_comp_bond.pdbx_aromatic_flag 
_chem_comp_bond.pdbx_stereo_config 
_chem_comp_bond.pdbx_ordinal 
5GH C15 C14  doub N Z 1   
5GH C14 C10  sing N N 2   
5GH C10 C11  sing N N 3   
5GH C10 N    sing N N 4   
5GH C11 C12  sing N N 5   
5GH O1  C13  doub N N 6   
5GH C12 C13  sing N N 7   
5GH C12 C26  sing N N 8   
5GH C13 N1   sing N N 9   
5GH C26 C25  sing N N 10  
5GH N1  C25  sing N N 11  
5GH N1  H1   sing N N 12  
5GH N   H2   sing N N 13  
5GH C10 H5   sing N N 14  
5GH C11 H6   sing N N 15  
5GH C11 H7   sing N N 16  
5GH C12 H8   sing N N 17  
5GH C25 H9   sing N N 18  
5GH C25 H10  sing N N 19  
5GH C26 H11  sing N N 20  
5GH C26 H12  sing N N 21  
5GH C14 H13  sing N N 22  
5GH C15 H15  sing N N 23  
5GH N   C1   sing N N 24  
5GH C1  C2   sing N N 25  
5GH C2  C3   sing N N 26  
5GH C3  C4   sing N N 27  
5GH C4  C5   sing Y N 28  
5GH C5  C6   doub Y N 29  
5GH C6  C7   sing Y N 30  
5GH C7  C8   doub Y N 31  
5GH C8  C9   sing Y N 32  
5GH C9  C4   doub Y N 33  
5GH C1  O2   doub N N 34  
5GH C15 C16  sing N N 35  
5GH C16 O3   sing N N 36  
5GH O3  C18  sing N N 37  
5GH C18 C19  sing N N 38  
5GH C16 O4   doub N N 39  
5GH C2  H3   sing N N 40  
5GH C2  H4   sing N N 41  
5GH C3  H14  sing N N 42  
5GH C3  H16  sing N N 43  
5GH C5  H17  sing N N 44  
5GH C6  H18  sing N N 45  
5GH C7  H19  sing N N 46  
5GH C8  H20  sing N N 47  
5GH C9  H21  sing N N 48  
5GH C18 H22  sing N N 49  
5GH C18 H23  sing N N 50  
5GH C19 H24  sing N N 51  
5GH C19 H25  sing N N 52  
5GH C19 H26  sing N N 53  
ALA N   CA   sing N N 54  
ALA N   H    sing N N 55  
ALA N   H2   sing N N 56  
ALA CA  C    sing N N 57  
ALA CA  CB   sing N N 58  
ALA CA  HA   sing N N 59  
ALA C   O    doub N N 60  
ALA C   OXT  sing N N 61  
ALA CB  HB1  sing N N 62  
ALA CB  HB2  sing N N 63  
ALA CB  HB3  sing N N 64  
ALA OXT HXT  sing N N 65  
ARG N   CA   sing N N 66  
ARG N   H    sing N N 67  
ARG N   H2   sing N N 68  
ARG CA  C    sing N N 69  
ARG CA  CB   sing N N 70  
ARG CA  HA   sing N N 71  
ARG C   O    doub N N 72  
ARG C   OXT  sing N N 73  
ARG CB  CG   sing N N 74  
ARG CB  HB2  sing N N 75  
ARG CB  HB3  sing N N 76  
ARG CG  CD   sing N N 77  
ARG CG  HG2  sing N N 78  
ARG CG  HG3  sing N N 79  
ARG CD  NE   sing N N 80  
ARG CD  HD2  sing N N 81  
ARG CD  HD3  sing N N 82  
ARG NE  CZ   sing N N 83  
ARG NE  HE   sing N N 84  
ARG CZ  NH1  sing N N 85  
ARG CZ  NH2  doub N N 86  
ARG NH1 HH11 sing N N 87  
ARG NH1 HH12 sing N N 88  
ARG NH2 HH21 sing N N 89  
ARG NH2 HH22 sing N N 90  
ARG OXT HXT  sing N N 91  
ASN N   CA   sing N N 92  
ASN N   H    sing N N 93  
ASN N   H2   sing N N 94  
ASN CA  C    sing N N 95  
ASN CA  CB   sing N N 96  
ASN CA  HA   sing N N 97  
ASN C   O    doub N N 98  
ASN C   OXT  sing N N 99  
ASN CB  CG   sing N N 100 
ASN CB  HB2  sing N N 101 
ASN CB  HB3  sing N N 102 
ASN CG  OD1  doub N N 103 
ASN CG  ND2  sing N N 104 
ASN ND2 HD21 sing N N 105 
ASN ND2 HD22 sing N N 106 
ASN OXT HXT  sing N N 107 
ASP N   CA   sing N N 108 
ASP N   H    sing N N 109 
ASP N   H2   sing N N 110 
ASP CA  C    sing N N 111 
ASP CA  CB   sing N N 112 
ASP CA  HA   sing N N 113 
ASP C   O    doub N N 114 
ASP C   OXT  sing N N 115 
ASP CB  CG   sing N N 116 
ASP CB  HB2  sing N N 117 
ASP CB  HB3  sing N N 118 
ASP CG  OD1  doub N N 119 
ASP CG  OD2  sing N N 120 
ASP OD2 HD2  sing N N 121 
ASP OXT HXT  sing N N 122 
CYS N   CA   sing N N 123 
CYS N   H    sing N N 124 
CYS N   H2   sing N N 125 
CYS CA  C    sing N N 126 
CYS CA  CB   sing N N 127 
CYS CA  HA   sing N N 128 
CYS C   O    doub N N 129 
CYS C   OXT  sing N N 130 
CYS CB  SG   sing N N 131 
CYS CB  HB2  sing N N 132 
CYS CB  HB3  sing N N 133 
CYS SG  HG   sing N N 134 
CYS OXT HXT  sing N N 135 
GLN N   CA   sing N N 136 
GLN N   H    sing N N 137 
GLN N   H2   sing N N 138 
GLN CA  C    sing N N 139 
GLN CA  CB   sing N N 140 
GLN CA  HA   sing N N 141 
GLN C   O    doub N N 142 
GLN C   OXT  sing N N 143 
GLN CB  CG   sing N N 144 
GLN CB  HB2  sing N N 145 
GLN CB  HB3  sing N N 146 
GLN CG  CD   sing N N 147 
GLN CG  HG2  sing N N 148 
GLN CG  HG3  sing N N 149 
GLN CD  OE1  doub N N 150 
GLN CD  NE2  sing N N 151 
GLN NE2 HE21 sing N N 152 
GLN NE2 HE22 sing N N 153 
GLN OXT HXT  sing N N 154 
GLU N   CA   sing N N 155 
GLU N   H    sing N N 156 
GLU N   H2   sing N N 157 
GLU CA  C    sing N N 158 
GLU CA  CB   sing N N 159 
GLU CA  HA   sing N N 160 
GLU C   O    doub N N 161 
GLU C   OXT  sing N N 162 
GLU CB  CG   sing N N 163 
GLU CB  HB2  sing N N 164 
GLU CB  HB3  sing N N 165 
GLU CG  CD   sing N N 166 
GLU CG  HG2  sing N N 167 
GLU CG  HG3  sing N N 168 
GLU CD  OE1  doub N N 169 
GLU CD  OE2  sing N N 170 
GLU OE2 HE2  sing N N 171 
GLU OXT HXT  sing N N 172 
GLY N   CA   sing N N 173 
GLY N   H    sing N N 174 
GLY N   H2   sing N N 175 
GLY CA  C    sing N N 176 
GLY CA  HA2  sing N N 177 
GLY CA  HA3  sing N N 178 
GLY C   O    doub N N 179 
GLY C   OXT  sing N N 180 
GLY OXT HXT  sing N N 181 
HIS N   CA   sing N N 182 
HIS N   H    sing N N 183 
HIS N   H2   sing N N 184 
HIS CA  C    sing N N 185 
HIS CA  CB   sing N N 186 
HIS CA  HA   sing N N 187 
HIS C   O    doub N N 188 
HIS C   OXT  sing N N 189 
HIS CB  CG   sing N N 190 
HIS CB  HB2  sing N N 191 
HIS CB  HB3  sing N N 192 
HIS CG  ND1  sing Y N 193 
HIS CG  CD2  doub Y N 194 
HIS ND1 CE1  doub Y N 195 
HIS ND1 HD1  sing N N 196 
HIS CD2 NE2  sing Y N 197 
HIS CD2 HD2  sing N N 198 
HIS CE1 NE2  sing Y N 199 
HIS CE1 HE1  sing N N 200 
HIS NE2 HE2  sing N N 201 
HIS OXT HXT  sing N N 202 
HOH O   H1   sing N N 203 
HOH O   H2   sing N N 204 
ILE N   CA   sing N N 205 
ILE N   H    sing N N 206 
ILE N   H2   sing N N 207 
ILE CA  C    sing N N 208 
ILE CA  CB   sing N N 209 
ILE CA  HA   sing N N 210 
ILE C   O    doub N N 211 
ILE C   OXT  sing N N 212 
ILE CB  CG1  sing N N 213 
ILE CB  CG2  sing N N 214 
ILE CB  HB   sing N N 215 
ILE CG1 CD1  sing N N 216 
ILE CG1 HG12 sing N N 217 
ILE CG1 HG13 sing N N 218 
ILE CG2 HG21 sing N N 219 
ILE CG2 HG22 sing N N 220 
ILE CG2 HG23 sing N N 221 
ILE CD1 HD11 sing N N 222 
ILE CD1 HD12 sing N N 223 
ILE CD1 HD13 sing N N 224 
ILE OXT HXT  sing N N 225 
LEU N   CA   sing N N 226 
LEU N   H    sing N N 227 
LEU N   H2   sing N N 228 
LEU CA  C    sing N N 229 
LEU CA  CB   sing N N 230 
LEU CA  HA   sing N N 231 
LEU C   O    doub N N 232 
LEU C   OXT  sing N N 233 
LEU CB  CG   sing N N 234 
LEU CB  HB2  sing N N 235 
LEU CB  HB3  sing N N 236 
LEU CG  CD1  sing N N 237 
LEU CG  CD2  sing N N 238 
LEU CG  HG   sing N N 239 
LEU CD1 HD11 sing N N 240 
LEU CD1 HD12 sing N N 241 
LEU CD1 HD13 sing N N 242 
LEU CD2 HD21 sing N N 243 
LEU CD2 HD22 sing N N 244 
LEU CD2 HD23 sing N N 245 
LEU OXT HXT  sing N N 246 
LYS N   CA   sing N N 247 
LYS N   H    sing N N 248 
LYS N   H2   sing N N 249 
LYS CA  C    sing N N 250 
LYS CA  CB   sing N N 251 
LYS CA  HA   sing N N 252 
LYS C   O    doub N N 253 
LYS C   OXT  sing N N 254 
LYS CB  CG   sing N N 255 
LYS CB  HB2  sing N N 256 
LYS CB  HB3  sing N N 257 
LYS CG  CD   sing N N 258 
LYS CG  HG2  sing N N 259 
LYS CG  HG3  sing N N 260 
LYS CD  CE   sing N N 261 
LYS CD  HD2  sing N N 262 
LYS CD  HD3  sing N N 263 
LYS CE  NZ   sing N N 264 
LYS CE  HE2  sing N N 265 
LYS CE  HE3  sing N N 266 
LYS NZ  HZ1  sing N N 267 
LYS NZ  HZ2  sing N N 268 
LYS NZ  HZ3  sing N N 269 
LYS OXT HXT  sing N N 270 
MET N   CA   sing N N 271 
MET N   H    sing N N 272 
MET N   H2   sing N N 273 
MET CA  C    sing N N 274 
MET CA  CB   sing N N 275 
MET CA  HA   sing N N 276 
MET C   O    doub N N 277 
MET C   OXT  sing N N 278 
MET CB  CG   sing N N 279 
MET CB  HB2  sing N N 280 
MET CB  HB3  sing N N 281 
MET CG  SD   sing N N 282 
MET CG  HG2  sing N N 283 
MET CG  HG3  sing N N 284 
MET SD  CE   sing N N 285 
MET CE  HE1  sing N N 286 
MET CE  HE2  sing N N 287 
MET CE  HE3  sing N N 288 
MET OXT HXT  sing N N 289 
PHE N   CA   sing N N 290 
PHE N   H    sing N N 291 
PHE N   H2   sing N N 292 
PHE CA  C    sing N N 293 
PHE CA  CB   sing N N 294 
PHE CA  HA   sing N N 295 
PHE C   O    doub N N 296 
PHE C   OXT  sing N N 297 
PHE CB  CG   sing N N 298 
PHE CB  HB2  sing N N 299 
PHE CB  HB3  sing N N 300 
PHE CG  CD1  doub Y N 301 
PHE CG  CD2  sing Y N 302 
PHE CD1 CE1  sing Y N 303 
PHE CD1 HD1  sing N N 304 
PHE CD2 CE2  doub Y N 305 
PHE CD2 HD2  sing N N 306 
PHE CE1 CZ   doub Y N 307 
PHE CE1 HE1  sing N N 308 
PHE CE2 CZ   sing Y N 309 
PHE CE2 HE2  sing N N 310 
PHE CZ  HZ   sing N N 311 
PHE OXT HXT  sing N N 312 
PRO N   CA   sing N N 313 
PRO N   CD   sing N N 314 
PRO N   H    sing N N 315 
PRO CA  C    sing N N 316 
PRO CA  CB   sing N N 317 
PRO CA  HA   sing N N 318 
PRO C   O    doub N N 319 
PRO C   OXT  sing N N 320 
PRO CB  CG   sing N N 321 
PRO CB  HB2  sing N N 322 
PRO CB  HB3  sing N N 323 
PRO CG  CD   sing N N 324 
PRO CG  HG2  sing N N 325 
PRO CG  HG3  sing N N 326 
PRO CD  HD2  sing N N 327 
PRO CD  HD3  sing N N 328 
PRO OXT HXT  sing N N 329 
SER N   CA   sing N N 330 
SER N   H    sing N N 331 
SER N   H2   sing N N 332 
SER CA  C    sing N N 333 
SER CA  CB   sing N N 334 
SER CA  HA   sing N N 335 
SER C   O    doub N N 336 
SER C   OXT  sing N N 337 
SER CB  OG   sing N N 338 
SER CB  HB2  sing N N 339 
SER CB  HB3  sing N N 340 
SER OG  HG   sing N N 341 
SER OXT HXT  sing N N 342 
THR N   CA   sing N N 343 
THR N   H    sing N N 344 
THR N   H2   sing N N 345 
THR CA  C    sing N N 346 
THR CA  CB   sing N N 347 
THR CA  HA   sing N N 348 
THR C   O    doub N N 349 
THR C   OXT  sing N N 350 
THR CB  OG1  sing N N 351 
THR CB  CG2  sing N N 352 
THR CB  HB   sing N N 353 
THR OG1 HG1  sing N N 354 
THR CG2 HG21 sing N N 355 
THR CG2 HG22 sing N N 356 
THR CG2 HG23 sing N N 357 
THR OXT HXT  sing N N 358 
TRP N   CA   sing N N 359 
TRP N   H    sing N N 360 
TRP N   H2   sing N N 361 
TRP CA  C    sing N N 362 
TRP CA  CB   sing N N 363 
TRP CA  HA   sing N N 364 
TRP C   O    doub N N 365 
TRP C   OXT  sing N N 366 
TRP CB  CG   sing N N 367 
TRP CB  HB2  sing N N 368 
TRP CB  HB3  sing N N 369 
TRP CG  CD1  doub Y N 370 
TRP CG  CD2  sing Y N 371 
TRP CD1 NE1  sing Y N 372 
TRP CD1 HD1  sing N N 373 
TRP CD2 CE2  doub Y N 374 
TRP CD2 CE3  sing Y N 375 
TRP NE1 CE2  sing Y N 376 
TRP NE1 HE1  sing N N 377 
TRP CE2 CZ2  sing Y N 378 
TRP CE3 CZ3  doub Y N 379 
TRP CE3 HE3  sing N N 380 
TRP CZ2 CH2  doub Y N 381 
TRP CZ2 HZ2  sing N N 382 
TRP CZ3 CH2  sing Y N 383 
TRP CZ3 HZ3  sing N N 384 
TRP CH2 HH2  sing N N 385 
TRP OXT HXT  sing N N 386 
TYR N   CA   sing N N 387 
TYR N   H    sing N N 388 
TYR N   H2   sing N N 389 
TYR CA  C    sing N N 390 
TYR CA  CB   sing N N 391 
TYR CA  HA   sing N N 392 
TYR C   O    doub N N 393 
TYR C   OXT  sing N N 394 
TYR CB  CG   sing N N 395 
TYR CB  HB2  sing N N 396 
TYR CB  HB3  sing N N 397 
TYR CG  CD1  doub Y N 398 
TYR CG  CD2  sing Y N 399 
TYR CD1 CE1  sing Y N 400 
TYR CD1 HD1  sing N N 401 
TYR CD2 CE2  doub Y N 402 
TYR CD2 HD2  sing N N 403 
TYR CE1 CZ   doub Y N 404 
TYR CE1 HE1  sing N N 405 
TYR CE2 CZ   sing Y N 406 
TYR CE2 HE2  sing N N 407 
TYR CZ  OH   sing N N 408 
TYR OH  HH   sing N N 409 
TYR OXT HXT  sing N N 410 
VAL N   CA   sing N N 411 
VAL N   H    sing N N 412 
VAL N   H2   sing N N 413 
VAL CA  C    sing N N 414 
VAL CA  CB   sing N N 415 
VAL CA  HA   sing N N 416 
VAL C   O    doub N N 417 
VAL C   OXT  sing N N 418 
VAL CB  CG1  sing N N 419 
VAL CB  CG2  sing N N 420 
VAL CB  HB   sing N N 421 
VAL CG1 HG11 sing N N 422 
VAL CG1 HG12 sing N N 423 
VAL CG1 HG13 sing N N 424 
VAL CG2 HG21 sing N N 425 
VAL CG2 HG22 sing N N 426 
VAL CG2 HG23 sing N N 427 
VAL OXT HXT  sing N N 428 
# 
_pdbx_initial_refinement_model.id               1 
_pdbx_initial_refinement_model.entity_id_list   ? 
_pdbx_initial_refinement_model.type             'experimental model' 
_pdbx_initial_refinement_model.source_name      PDB 
_pdbx_initial_refinement_model.accession_code   4GHQ 
_pdbx_initial_refinement_model.details          ? 
# 
_atom_sites.entry_id                    5DP3 
_atom_sites.fract_transf_matrix[1][1]   0.00557789 
_atom_sites.fract_transf_matrix[1][2]   0.01367932 
_atom_sites.fract_transf_matrix[1][3]   0.00460521 
_atom_sites.fract_transf_matrix[2][1]   0.01247446 
_atom_sites.fract_transf_matrix[2][2]   -0.00211898 
_atom_sites.fract_transf_matrix[2][3]   -0.00881504 
_atom_sites.fract_transf_matrix[3][1]   -0.00616258 
_atom_sites.fract_transf_matrix[3][2]   0.00592855 
_atom_sites.fract_transf_matrix[3][3]   -0.01014600 
_atom_sites.fract_transf_vector[1]      0.196902 
_atom_sites.fract_transf_vector[2]      0.251812 
_atom_sites.fract_transf_vector[3]      -0.121949 
# 
loop_
_atom_type.symbol 
C 
N 
O 
S 
# 
loop_
_atom_site.group_PDB 
_atom_site.id 
_atom_site.type_symbol 
_atom_site.label_atom_id 
_atom_site.label_alt_id 
_atom_site.label_comp_id 
_atom_site.label_asym_id 
_atom_site.label_entity_id 
_atom_site.label_seq_id 
_atom_site.pdbx_PDB_ins_code 
_atom_site.Cartn_x 
_atom_site.Cartn_y 
_atom_site.Cartn_z 
_atom_site.occupancy 
_atom_site.B_iso_or_equiv 
_atom_site.pdbx_formal_charge 
_atom_site.auth_seq_id 
_atom_site.auth_comp_id 
_atom_site.auth_asym_id 
_atom_site.auth_atom_id 
_atom_site.pdbx_PDB_model_num 
ATOM   1    N N   . MET A 1 1   ? 16.006  -21.183 0.722   1.00 47.52 ? 0   MET A N   1 
ATOM   2    C CA  . MET A 1 1   ? 14.798  -20.391 0.302   1.00 42.31 ? 0   MET A CA  1 
ATOM   3    C C   . MET A 1 1   ? 15.094  -19.473 -0.844  1.00 40.90 ? 0   MET A C   1 
ATOM   4    O O   . MET A 1 1   ? 16.180  -18.901 -0.924  1.00 48.52 ? 0   MET A O   1 
ATOM   5    C CB  . MET A 1 1   ? 14.305  -19.558 1.469   1.00 44.51 ? 0   MET A CB  1 
ATOM   6    C CG  . MET A 1 1   ? 13.014  -18.795 1.218   1.00 42.89 ? 0   MET A CG  1 
ATOM   7    S SD  . MET A 1 1   ? 12.646  -17.713 2.598   1.00 43.54 ? 0   MET A SD  1 
ATOM   8    C CE  . MET A 1 1   ? 12.829  -18.838 3.982   1.00 46.19 ? 0   MET A CE  1 
ATOM   9    N N   . GLY A 1 2   ? 14.105  -19.287 -1.714  1.00 37.87 ? 1   GLY A N   1 
ATOM   10   C CA  . GLY A 1 2   ? 14.291  -18.478 -2.900  1.00 34.99 ? 1   GLY A CA  1 
ATOM   11   C C   . GLY A 1 2   ? 14.240  -16.958 -2.664  1.00 36.39 ? 1   GLY A C   1 
ATOM   12   O O   . GLY A 1 2   ? 13.700  -16.463 -1.645  1.00 34.43 ? 1   GLY A O   1 
ATOM   13   N N   . PRO A 1 3   ? 14.753  -16.209 -3.641  1.00 35.33 ? 2   PRO A N   1 
ATOM   14   C CA  . PRO A 1 3   ? 14.911  -14.750 -3.569  1.00 34.58 ? 2   PRO A CA  1 
ATOM   15   C C   . PRO A 1 3   ? 13.586  -14.044 -3.454  1.00 31.49 ? 2   PRO A C   1 
ATOM   16   O O   . PRO A 1 3   ? 13.494  -13.064 -2.683  1.00 26.24 ? 2   PRO A O   1 
ATOM   17   C CB  . PRO A 1 3   ? 15.601  -14.396 -4.890  1.00 35.45 ? 2   PRO A CB  1 
ATOM   18   C CG  . PRO A 1 3   ? 15.290  -15.561 -5.813  1.00 33.70 ? 2   PRO A CG  1 
ATOM   19   C CD  . PRO A 1 3   ? 15.219  -16.756 -4.930  1.00 33.46 ? 2   PRO A CD  1 
ATOM   20   N N   . SER A 1 4   ? 12.571  -14.532 -4.190  1.00 26.95 ? 3   SER A N   1 
ATOM   21   C CA  . SER A 1 4   ? 11.240  -13.899 -4.149  1.00 28.00 ? 3   SER A CA  1 
ATOM   22   C C   . SER A 1 4   ? 10.496  -14.125 -2.859  1.00 22.79 ? 3   SER A C   1 
ATOM   23   O O   . SER A 1 4   ? 9.970   -13.209 -2.283  1.00 23.37 ? 3   SER A O   1 
ATOM   24   C CB  . SER A 1 4   ? 10.362  -14.334 -5.314  1.00 29.69 ? 3   SER A CB  1 
ATOM   25   O OG  . SER A 1 4   ? 10.981  -13.958 -6.539  1.00 32.26 ? 3   SER A OG  1 
ATOM   26   N N   . LEU A 1 5   ? 10.469  -15.343 -2.395  1.00 22.35 ? 4   LEU A N   1 
ATOM   27   C CA  . LEU A 1 5   ? 9.830   -15.621 -1.125  1.00 21.34 ? 4   LEU A CA  1 
ATOM   28   C C   . LEU A 1 5   ? 10.558  -14.821 -0.024  1.00 20.72 ? 4   LEU A C   1 
ATOM   29   O O   . LEU A 1 5   ? 9.911   -14.286 0.872   1.00 17.71 ? 4   LEU A O   1 
ATOM   30   C CB  . LEU A 1 5   ? 9.904   -17.118 -0.842  1.00 20.20 ? 4   LEU A CB  1 
ATOM   31   C CG  . LEU A 1 5   ? 9.259   -17.623 0.459   1.00 19.54 ? 4   LEU A CG  1 
ATOM   32   C CD1 . LEU A 1 5   ? 7.789   -17.316 0.502   1.00 16.64 ? 4   LEU A CD1 1 
ATOM   33   C CD2 . LEU A 1 5   ? 9.457   -19.122 0.586   1.00 19.89 ? 4   LEU A CD2 1 
ATOM   34   N N   . ASP A 1 6   ? 11.891  -14.738 -0.137  1.00 20.51 ? 5   ASP A N   1 
ATOM   35   C CA  . ASP A 1 6   ? 12.756  -14.066 0.859   1.00 21.53 ? 5   ASP A CA  1 
ATOM   36   C C   . ASP A 1 6   ? 12.404  -12.604 0.904   1.00 21.61 ? 5   ASP A C   1 
ATOM   37   O O   . ASP A 1 6   ? 12.224  -12.041 1.990   1.00 23.45 ? 5   ASP A O   1 
ATOM   38   C CB  . ASP A 1 6   ? 14.259  -14.217 0.494   1.00 23.21 ? 5   ASP A CB  1 
ATOM   39   C CG  . ASP A 1 6   ? 15.180  -13.487 1.480   1.00 27.26 ? 5   ASP A CG  1 
ATOM   40   O OD1 . ASP A 1 6   ? 15.373  -13.916 2.650   1.00 29.96 ? 5   ASP A OD1 1 
ATOM   41   O OD2 . ASP A 1 6   ? 15.713  -12.448 1.088   1.00 28.86 ? 5   ASP A OD2 1 
ATOM   42   N N   . PHE A 1 7   ? 12.316  -11.980 -0.276  1.00 22.13 ? 6   PHE A N   1 
ATOM   43   C CA  . PHE A 1 7   ? 12.045  -10.562 -0.391  1.00 21.84 ? 6   PHE A CA  1 
ATOM   44   C C   . PHE A 1 7   ? 10.683  -10.235 0.275   1.00 21.85 ? 6   PHE A C   1 
ATOM   45   O O   . PHE A 1 7   ? 10.573  -9.348  1.081   1.00 18.34 ? 6   PHE A O   1 
ATOM   46   C CB  . PHE A 1 7   ? 12.033  -10.162 -1.834  1.00 22.11 ? 6   PHE A CB  1 
ATOM   47   C CG  . PHE A 1 7   ? 11.790  -8.701  -2.053  1.00 22.91 ? 6   PHE A CG  1 
ATOM   48   C CD1 . PHE A 1 7   ? 12.791  -7.755  -1.748  1.00 23.23 ? 6   PHE A CD1 1 
ATOM   49   C CD2 . PHE A 1 7   ? 10.564  -8.250  -2.543  1.00 23.06 ? 6   PHE A CD2 1 
ATOM   50   C CE1 . PHE A 1 7   ? 12.558  -6.399  -1.929  1.00 23.37 ? 6   PHE A CE1 1 
ATOM   51   C CE2 . PHE A 1 7   ? 10.328  -6.860  -2.743  1.00 23.39 ? 6   PHE A CE2 1 
ATOM   52   C CZ  . PHE A 1 7   ? 11.333  -5.957  -2.440  1.00 23.26 ? 6   PHE A CZ  1 
ATOM   53   N N   . ALA A 1 8   ? 9.665   -11.018 -0.019  1.00 24.26 ? 7   ALA A N   1 
ATOM   54   C CA  . ALA A 1 8   ? 8.285   -10.665 0.406   1.00 23.23 ? 7   ALA A CA  1 
ATOM   55   C C   . ALA A 1 8   ? 8.136   -10.982 1.875   1.00 22.18 ? 7   ALA A C   1 
ATOM   56   O O   . ALA A 1 8   ? 7.462   -10.219 2.615   1.00 19.96 ? 7   ALA A O   1 
ATOM   57   C CB  . ALA A 1 8   ? 7.243   -11.400 -0.433  1.00 22.04 ? 7   ALA A CB  1 
ATOM   58   N N   . LEU A 1 9   ? 8.738   -12.107 2.308   1.00 20.11 ? 8   LEU A N   1 
ATOM   59   C CA  . LEU A 1 9   ? 8.819   -12.373 3.751   1.00 19.83 ? 8   LEU A CA  1 
ATOM   60   C C   . LEU A 1 9   ? 9.564   -11.293 4.509   1.00 19.29 ? 8   LEU A C   1 
ATOM   61   O O   . LEU A 1 9   ? 9.171   -10.939 5.624   1.00 20.34 ? 8   LEU A O   1 
ATOM   62   C CB  . LEU A 1 9   ? 9.474   -13.676 4.078   1.00 19.11 ? 8   LEU A CB  1 
ATOM   63   C CG  . LEU A 1 9   ? 8.761   -15.002 3.803   1.00 19.33 ? 8   LEU A CG  1 
ATOM   64   C CD1 . LEU A 1 9   ? 9.684   -16.097 4.344   1.00 18.38 ? 8   LEU A CD1 1 
ATOM   65   C CD2 . LEU A 1 9   ? 7.352   -15.087 4.388   1.00 20.42 ? 8   LEU A CD2 1 
ATOM   66   N N   . SER A 1 10  ? 10.644  -10.763 3.930   1.00 20.07 ? 9   SER A N   1 
ATOM   67   C CA  . SER A 1 10  ? 11.388  -9.686  4.594   1.00 20.11 ? 9   SER A CA  1 
ATOM   68   C C   . SER A 1 10  ? 10.604  -8.425  4.596   1.00 19.05 ? 9   SER A C   1 
ATOM   69   O O   . SER A 1 10  ? 10.647  -7.681  5.586   1.00 17.67 ? 9   SER A O   1 
ATOM   70   C CB  . SER A 1 10  ? 12.755  -9.441  3.945   1.00 23.34 ? 9   SER A CB  1 
ATOM   71   O OG  . SER A 1 10  ? 13.144  -8.122  4.223   1.00 30.10 ? 9   SER A OG  1 
ATOM   72   N N   . LEU A 1 11  ? 9.846   -8.180  3.516   1.00 20.61 ? 10  LEU A N   1 
ATOM   73   C CA  . LEU A 1 11  ? 8.900   -7.044  3.529   1.00 20.93 ? 10  LEU A CA  1 
ATOM   74   C C   . LEU A 1 11  ? 7.898   -7.162  4.697   1.00 21.47 ? 10  LEU A C   1 
ATOM   75   O O   . LEU A 1 11  ? 7.691   -6.204  5.467   1.00 23.89 ? 10  LEU A O   1 
ATOM   76   C CB  . LEU A 1 11  ? 8.161   -6.915  2.224   1.00 21.43 ? 10  LEU A CB  1 
ATOM   77   C CG  . LEU A 1 11  ? 8.805   -6.212  1.051   1.00 21.39 ? 10  LEU A CG  1 
ATOM   78   C CD1 . LEU A 1 11  ? 7.833   -6.394  -0.094  1.00 22.90 ? 10  LEU A CD1 1 
ATOM   79   C CD2 . LEU A 1 11  ? 9.004   -4.712  1.285   1.00 21.10 ? 10  LEU A CD2 1 
ATOM   80   N N   . LEU A 1 12  ? 7.279   -8.325  4.860   1.00 20.33 ? 11  LEU A N   1 
ATOM   81   C CA  . LEU A 1 12  ? 6.370   -8.504  6.017   1.00 19.14 ? 11  LEU A CA  1 
ATOM   82   C C   . LEU A 1 12  ? 6.967   -8.214  7.368   1.00 19.83 ? 11  LEU A C   1 
ATOM   83   O O   . LEU A 1 12  ? 6.298   -7.746  8.320   1.00 18.15 ? 11  LEU A O   1 
ATOM   84   C CB  . LEU A 1 12  ? 5.902   -9.942  6.085   1.00 19.80 ? 11  LEU A CB  1 
ATOM   85   C CG  . LEU A 1 12  ? 4.761   -10.207 5.115   1.00 18.42 ? 11  LEU A CG  1 
ATOM   86   C CD1 . LEU A 1 12  ? 4.597   -11.713 4.881   1.00 18.36 ? 11  LEU A CD1 1 
ATOM   87   C CD2 . LEU A 1 12  ? 3.492   -9.653  5.787   1.00 17.63 ? 11  LEU A CD2 1 
ATOM   88   N N   . ARG A 1 13  ? 8.208   -8.612  7.505   1.00 19.52 ? 12  ARG A N   1 
ATOM   89   C CA  . ARG A 1 13  ? 8.895   -8.553  8.779   1.00 22.23 ? 12  ARG A CA  1 
ATOM   90   C C   . ARG A 1 13  ? 9.271   -7.111  9.147   1.00 20.48 ? 12  ARG A C   1 
ATOM   91   O O   . ARG A 1 13  ? 9.211   -6.699  10.331  1.00 19.58 ? 12  ARG A O   1 
ATOM   92   C CB  . ARG A 1 13  ? 10.177  -9.378  8.638   1.00 26.49 ? 12  ARG A CB  1 
ATOM   93   C CG  . ARG A 1 13  ? 10.735  -9.937  9.899   1.00 28.77 ? 12  ARG A CG  1 
ATOM   94   C CD  . ARG A 1 13  ? 11.838  -10.919 9.575   1.00 30.74 ? 12  ARG A CD  1 
ATOM   95   N NE  . ARG A 1 13  ? 12.986  -10.226 8.948   1.00 34.38 ? 12  ARG A NE  1 
ATOM   96   C CZ  . ARG A 1 13  ? 13.450  -10.453 7.717   1.00 30.49 ? 12  ARG A CZ  1 
ATOM   97   N NH1 . ARG A 1 13  ? 12.897  -11.379 6.931   1.00 34.76 ? 12  ARG A NH1 1 
ATOM   98   N NH2 . ARG A 1 13  ? 14.495  -9.790  7.278   1.00 25.08 ? 12  ARG A NH2 1 
ATOM   99   N N   . ARG A 1 14  ? 9.742   -6.390  8.147   1.00 18.15 ? 13  ARG A N   1 
ATOM   100  C CA  A ARG A 1 14  ? 10.394  -5.093  8.369   0.50 18.65 ? 13  ARG A CA  1 
ATOM   101  C CA  B ARG A 1 14  ? 10.396  -5.093  8.380   0.50 18.80 ? 13  ARG A CA  1 
ATOM   102  C C   . ARG A 1 14  ? 9.490   -3.912  8.023   1.00 16.82 ? 13  ARG A C   1 
ATOM   103  O O   . ARG A 1 14  ? 9.671   -2.816  8.511   1.00 15.50 ? 13  ARG A O   1 
ATOM   104  C CB  A ARG A 1 14  ? 11.655  -4.995  7.491   0.50 19.10 ? 13  ARG A CB  1 
ATOM   105  C CB  B ARG A 1 14  ? 11.687  -4.977  7.538   0.50 19.46 ? 13  ARG A CB  1 
ATOM   106  C CG  A ARG A 1 14  ? 12.562  -6.200  7.546   0.50 20.73 ? 13  ARG A CG  1 
ATOM   107  C CG  B ARG A 1 14  ? 12.584  -6.198  7.520   0.50 21.32 ? 13  ARG A CG  1 
ATOM   108  C CD  A ARG A 1 14  ? 13.518  -6.138  8.680   0.50 21.81 ? 13  ARG A CD  1 
ATOM   109  C CD  B ARG A 1 14  ? 13.651  -6.199  8.579   0.50 22.58 ? 13  ARG A CD  1 
ATOM   110  N NE  A ARG A 1 14  ? 14.619  -5.219  8.413   0.50 22.04 ? 13  ARG A NE  1 
ATOM   111  N NE  B ARG A 1 14  ? 14.375  -4.924  8.718   0.50 23.19 ? 13  ARG A NE  1 
ATOM   112  C CZ  A ARG A 1 14  ? 15.824  -5.591  8.020   0.50 20.08 ? 13  ARG A CZ  1 
ATOM   113  C CZ  B ARG A 1 14  ? 13.993  -3.933  9.520   0.50 20.99 ? 13  ARG A CZ  1 
ATOM   114  N NH1 A ARG A 1 14  ? 16.097  -6.866  7.807   0.50 20.57 ? 13  ARG A NH1 1 
ATOM   115  N NH1 B ARG A 1 14  ? 12.886  -4.069  10.208  0.50 21.07 ? 13  ARG A NH1 1 
ATOM   116  N NH2 A ARG A 1 14  ? 16.736  -4.688  7.833   0.50 18.88 ? 13  ARG A NH2 1 
ATOM   117  N NH2 B ARG A 1 14  ? 14.687  -2.804  9.603   0.50 20.14 ? 13  ARG A NH2 1 
ATOM   118  N N   . ASN A 1 15  ? 8.556   -4.123  7.113   1.00 14.57 ? 14  ASN A N   1 
ATOM   119  C CA  . ASN A 1 15  ? 7.894   -2.978  6.505   1.00 14.32 ? 14  ASN A CA  1 
ATOM   120  C C   . ASN A 1 15  ? 6.365   -3.021  6.422   1.00 14.95 ? 14  ASN A C   1 
ATOM   121  O O   . ASN A 1 15  ? 5.765   -2.012  6.191   1.00 15.70 ? 14  ASN A O   1 
ATOM   122  C CB  . ASN A 1 15  ? 8.471   -2.778  5.098   1.00 12.82 ? 14  ASN A CB  1 
ATOM   123  C CG  . ASN A 1 15  ? 9.922   -2.344  5.087   1.00 13.12 ? 14  ASN A CG  1 
ATOM   124  O OD1 . ASN A 1 15  ? 10.858  -3.187  4.962   1.00 13.08 ? 14  ASN A OD1 1 
ATOM   125  N ND2 . ASN A 1 15  ? 10.156  -1.017  5.228   1.00 12.10 ? 14  ASN A ND2 1 
ATOM   126  N N   . VAL A 1 16  ? 5.730   -4.185  6.510   1.00 16.49 ? 15  VAL A N   1 
ATOM   127  C CA  . VAL A 1 16  ? 4.324   -4.247  6.211   1.00 18.42 ? 15  VAL A CA  1 
ATOM   128  C C   . VAL A 1 16  ? 3.556   -4.582  7.475   1.00 18.30 ? 15  VAL A C   1 
ATOM   129  O O   . VAL A 1 16  ? 3.586   -5.710  7.973   1.00 23.32 ? 15  VAL A O   1 
ATOM   130  C CB  . VAL A 1 16  ? 3.995   -5.220  5.070   1.00 19.67 ? 15  VAL A CB  1 
ATOM   131  C CG1 . VAL A 1 16  ? 2.494   -5.336  4.864   1.00 20.00 ? 15  VAL A CG1 1 
ATOM   132  C CG2 . VAL A 1 16  ? 4.659   -4.779  3.767   1.00 20.21 ? 15  VAL A CG2 1 
ATOM   133  N N   . ARG A 1 17  ? 2.804   -3.612  7.954   1.00 18.64 ? 16  ARG A N   1 
ATOM   134  C CA  . ARG A 1 17  ? 2.204   -3.692  9.291   1.00 17.87 ? 16  ARG A CA  1 
ATOM   135  C C   . ARG A 1 17  ? 0.697   -3.873  9.303   1.00 15.32 ? 16  ARG A C   1 
ATOM   136  O O   . ARG A 1 17  ? -0.011  -3.402  8.392   1.00 15.23 ? 16  ARG A O   1 
ATOM   137  C CB  . ARG A 1 17  ? 2.604   -2.395  10.039  1.00 18.62 ? 16  ARG A CB  1 
ATOM   138  C CG  . ARG A 1 17  ? 4.111   -2.213  10.122  1.00 21.55 ? 16  ARG A CG  1 
ATOM   139  C CD  . ARG A 1 17  ? 4.765   -3.100  11.216  1.00 24.49 ? 16  ARG A CD  1 
ATOM   140  N NE  . ARG A 1 17  ? 6.145   -2.651  11.403  1.00 27.20 ? 16  ARG A NE  1 
ATOM   141  C CZ  . ARG A 1 17  ? 7.238   -3.319  11.043  1.00 34.35 ? 16  ARG A CZ  1 
ATOM   142  N NH1 . ARG A 1 17  ? 7.180   -4.565  10.567  1.00 34.96 ? 16  ARG A NH1 1 
ATOM   143  N NH2 . ARG A 1 17  ? 8.430   -2.748  11.240  1.00 42.85 ? 16  ARG A NH2 1 
ATOM   144  N N   . GLN A 1 18  ? 0.206   -4.570  10.333  1.00 14.86 ? 17  GLN A N   1 
ATOM   145  C CA  . GLN A 1 18  ? -1.221  -4.736  10.591  1.00 13.64 ? 17  GLN A CA  1 
ATOM   146  C C   . GLN A 1 18  ? -1.737  -3.467  11.284  1.00 12.92 ? 17  GLN A C   1 
ATOM   147  O O   . GLN A 1 18  ? -1.127  -3.029  12.278  1.00 11.96 ? 17  GLN A O   1 
ATOM   148  C CB  . GLN A 1 18  ? -1.490  -5.989  11.460  1.00 14.35 ? 17  GLN A CB  1 
ATOM   149  C CG  . GLN A 1 18  ? -0.956  -7.356  10.898  1.00 16.17 ? 17  GLN A CG  1 
ATOM   150  C CD  . GLN A 1 18  ? -0.935  -8.514  11.938  1.00 17.31 ? 17  GLN A CD  1 
ATOM   151  O OE1 . GLN A 1 18  ? -1.448  -8.367  13.054  1.00 16.41 ? 17  GLN A OE1 1 
ATOM   152  N NE2 . GLN A 1 18  ? -0.240  -9.628  11.606  1.00 17.98 ? 17  GLN A NE2 1 
ATOM   153  N N   . VAL A 1 19  ? -2.781  -2.823  10.753  1.00 12.48 ? 18  VAL A N   1 
ATOM   154  C CA  . VAL A 1 19  ? -3.272  -1.579  11.382  1.00 13.17 ? 18  VAL A CA  1 
ATOM   155  C C   . VAL A 1 19  ? -4.759  -1.587  11.528  1.00 14.26 ? 18  VAL A C   1 
ATOM   156  O O   . VAL A 1 19  ? -5.443  -2.328  10.821  1.00 16.28 ? 18  VAL A O   1 
ATOM   157  C CB  . VAL A 1 19  ? -2.753  -0.267  10.721  1.00 12.10 ? 18  VAL A CB  1 
ATOM   158  C CG1 . VAL A 1 19  ? -1.227  -0.298  10.542  1.00 12.60 ? 18  VAL A CG1 1 
ATOM   159  C CG2 . VAL A 1 19  ? -3.381  -0.018  9.364   1.00 12.20 ? 18  VAL A CG2 1 
ATOM   160  N N   . GLN A 1 20  ? -5.257  -0.775  12.449  1.00 15.57 ? 19  GLN A N   1 
ATOM   161  C CA  . GLN A 1 20  ? -6.697  -0.494  12.539  1.00 18.10 ? 19  GLN A CA  1 
ATOM   162  C C   . GLN A 1 20  ? -6.898  1.010   12.621  1.00 17.23 ? 19  GLN A C   1 
ATOM   163  O O   . GLN A 1 20  ? -6.204  1.657   13.386  1.00 18.08 ? 19  GLN A O   1 
ATOM   164  C CB  . GLN A 1 20  ? -7.325  -1.161  13.764  1.00 18.74 ? 19  GLN A CB  1 
ATOM   165  C CG  . GLN A 1 20  ? -7.373  -2.682  13.633  1.00 21.22 ? 19  GLN A CG  1 
ATOM   166  C CD  . GLN A 1 20  ? -7.825  -3.354  14.912  1.00 21.18 ? 19  GLN A CD  1 
ATOM   167  O OE1 . GLN A 1 20  ? -8.931  -3.074  15.415  1.00 19.11 ? 19  GLN A OE1 1 
ATOM   168  N NE2 . GLN A 1 20  ? -6.979  -4.256  15.452  1.00 18.56 ? 19  GLN A NE2 1 
ATOM   169  N N   . THR A 1 21  ? -7.812  1.554   11.815  1.00 18.98 ? 20  THR A N   1 
ATOM   170  C CA  . THR A 1 21  ? -8.308  2.946   11.993  1.00 21.32 ? 20  THR A CA  1 
ATOM   171  C C   . THR A 1 21  ? -9.788  2.779   12.362  1.00 24.73 ? 20  THR A C   1 
ATOM   172  O O   . THR A 1 21  ? -10.260 1.643   12.443  1.00 26.94 ? 20  THR A O   1 
ATOM   173  C CB  . THR A 1 21  ? -8.245  3.809   10.728  1.00 18.71 ? 20  THR A CB  1 
ATOM   174  O OG1 . THR A 1 21  ? -9.210  3.321   9.790   1.00 19.75 ? 20  THR A OG1 1 
ATOM   175  C CG2 . THR A 1 21  ? -6.883  3.733   10.067  1.00 20.60 ? 20  THR A CG2 1 
ATOM   176  N N   . ASP A 1 22  ? -10.517 3.886   12.503  1.00 26.22 ? 21  ASP A N   1 
ATOM   177  C CA  . ASP A 1 22  ? -11.964 3.834   12.733  1.00 27.02 ? 21  ASP A CA  1 
ATOM   178  C C   . ASP A 1 22  ? -12.709 3.245   11.505  1.00 27.23 ? 21  ASP A C   1 
ATOM   179  O O   . ASP A 1 22  ? -13.846 2.761   11.627  1.00 26.17 ? 21  ASP A O   1 
ATOM   180  C CB  . ASP A 1 22  ? -12.497 5.230   13.131  1.00 29.80 ? 21  ASP A CB  1 
ATOM   181  C CG  . ASP A 1 22  ? -12.178 5.592   14.587  1.00 34.46 ? 21  ASP A CG  1 
ATOM   182  O OD1 . ASP A 1 22  ? -12.215 4.682   15.427  1.00 40.80 ? 21  ASP A OD1 1 
ATOM   183  O OD2 . ASP A 1 22  ? -11.882 6.775   14.910  1.00 35.35 ? 21  ASP A OD2 1 
ATOM   184  N N   . GLN A 1 23  ? -12.049 3.211   10.339  1.00 24.49 ? 22  GLN A N   1 
ATOM   185  C CA  . GLN A 1 23  ? -12.631 2.583   9.157   1.00 24.45 ? 22  GLN A CA  1 
ATOM   186  C C   . GLN A 1 23  ? -12.443 1.067   9.066   1.00 22.70 ? 22  GLN A C   1 
ATOM   187  O O   . GLN A 1 23  ? -13.026 0.440   8.168   1.00 21.10 ? 22  GLN A O   1 
ATOM   188  C CB  . GLN A 1 23  ? -12.146 3.267   7.851   1.00 25.19 ? 22  GLN A CB  1 
ATOM   189  C CG  . GLN A 1 23  ? -12.690 4.658   7.600   1.00 24.51 ? 22  GLN A CG  1 
ATOM   190  C CD  . GLN A 1 23  ? -14.191 4.760   7.881   1.00 26.07 ? 22  GLN A CD  1 
ATOM   191  O OE1 . GLN A 1 23  ? -14.636 5.629   8.623   1.00 26.16 ? 22  GLN A OE1 1 
ATOM   192  N NE2 . GLN A 1 23  ? -14.963 3.860   7.303   1.00 26.44 ? 22  GLN A NE2 1 
ATOM   193  N N   . GLY A 1 24  ? -11.699 0.466   9.995   1.00 21.01 ? 23  GLY A N   1 
ATOM   194  C CA  . GLY A 1 24  ? -11.507 -0.994  9.976   1.00 21.71 ? 23  GLY A CA  1 
ATOM   195  C C   . GLY A 1 24  ? -10.024 -1.363  9.892   1.00 21.03 ? 23  GLY A C   1 
ATOM   196  O O   . GLY A 1 24  ? -9.171  -0.587  10.254  1.00 21.91 ? 23  GLY A O   1 
ATOM   197  N N   . HIS A 1 25  ? -9.757  -2.544  9.390   1.00 17.84 ? 24  HIS A N   1 
ATOM   198  C CA  . HIS A 1 25  ? -8.438  -3.119  9.285   1.00 18.29 ? 24  HIS A CA  1 
ATOM   199  C C   . HIS A 1 25  ? -7.817  -2.841  7.935   1.00 17.22 ? 24  HIS A C   1 
ATOM   200  O O   . HIS A 1 25  ? -8.457  -3.060  6.932   1.00 20.24 ? 24  HIS A O   1 
ATOM   201  C CB  . HIS A 1 25  ? -8.551  -4.640  9.436   1.00 18.07 ? 24  HIS A CB  1 
ATOM   202  C CG  . HIS A 1 25  ? -8.916  -5.077  10.826  1.00 19.77 ? 24  HIS A CG  1 
ATOM   203  N ND1 . HIS A 1 25  ? -10.207 -4.995  11.322  1.00 21.74 ? 24  HIS A ND1 1 
ATOM   204  C CD2 . HIS A 1 25  ? -8.150  -5.552  11.835  1.00 18.73 ? 24  HIS A CD2 1 
ATOM   205  C CE1 . HIS A 1 25  ? -10.216 -5.450  12.566  1.00 21.51 ? 24  HIS A CE1 1 
ATOM   206  N NE2 . HIS A 1 25  ? -8.981  -5.774  12.903  1.00 22.12 ? 24  HIS A NE2 1 
ATOM   207  N N   . PHE A 1 26  ? -6.543  -2.480  7.913   1.00 16.61 ? 25  PHE A N   1 
ATOM   208  C CA  . PHE A 1 26  ? -5.801  -2.222  6.671   1.00 14.91 ? 25  PHE A CA  1 
ATOM   209  C C   . PHE A 1 26  ? -4.398  -2.772  6.768   1.00 14.12 ? 25  PHE A C   1 
ATOM   210  O O   . PHE A 1 26  ? -3.941  -3.122  7.848   1.00 16.04 ? 25  PHE A O   1 
ATOM   211  C CB  . PHE A 1 26  ? -5.810  -0.685  6.324   1.00 15.05 ? 25  PHE A CB  1 
ATOM   212  C CG  . PHE A 1 26  ? -7.177  -0.134  6.187   1.00 16.12 ? 25  PHE A CG  1 
ATOM   213  C CD1 . PHE A 1 26  ? -7.848  -0.183  4.940   1.00 19.04 ? 25  PHE A CD1 1 
ATOM   214  C CD2 . PHE A 1 26  ? -7.865  0.342   7.293   1.00 16.73 ? 25  PHE A CD2 1 
ATOM   215  C CE1 . PHE A 1 26  ? -9.165  0.233   4.835   1.00 17.92 ? 25  PHE A CE1 1 
ATOM   216  C CE2 . PHE A 1 26  ? -9.154  0.785   7.182   1.00 17.94 ? 25  PHE A CE2 1 
ATOM   217  C CZ  . PHE A 1 26  ? -9.812  0.726   5.950   1.00 18.20 ? 25  PHE A CZ  1 
ATOM   218  N N   . THR A 1 27  ? -3.751  -2.929  5.616   1.00 12.92 ? 26  THR A N   1 
ATOM   219  C CA  . THR A 1 27  ? -2.297  -3.096  5.525   1.00 12.98 ? 26  THR A CA  1 
ATOM   220  C C   . THR A 1 27  ? -1.605  -1.767  5.391   1.00 11.76 ? 26  THR A C   1 
ATOM   221  O O   . THR A 1 27  ? -2.046  -0.994  4.612   1.00 15.00 ? 26  THR A O   1 
ATOM   222  C CB  . THR A 1 27  ? -1.967  -3.984  4.328   1.00 12.60 ? 26  THR A CB  1 
ATOM   223  O OG1 . THR A 1 27  ? -2.504  -5.300  4.608   1.00 14.86 ? 26  THR A OG1 1 
ATOM   224  C CG2 . THR A 1 27  ? -0.466  -4.087  4.154   1.00 13.00 ? 26  THR A CG2 1 
ATOM   225  N N   . MET A 1 28  ? -0.556  -1.479  6.169   1.00 11.84 ? 27  MET A N   1 
ATOM   226  C CA  . MET A 1 28  ? 0.180   -0.228  6.081   1.00 11.58 ? 27  MET A CA  1 
ATOM   227  C C   . MET A 1 28  ? 1.551   -0.517  5.549   1.00 11.38 ? 27  MET A C   1 
ATOM   228  O O   . MET A 1 28  ? 2.126   -1.494  5.930   1.00 13.85 ? 27  MET A O   1 
ATOM   229  C CB  . MET A 1 28  ? 0.247   0.442   7.417   1.00 11.85 ? 27  MET A CB  1 
ATOM   230  C CG  . MET A 1 28  ? 0.950   1.820   7.391   1.00 13.31 ? 27  MET A CG  1 
ATOM   231  S SD  . MET A 1 28  ? 1.232   2.473   9.041   1.00 14.72 ? 27  MET A SD  1 
ATOM   232  C CE  . MET A 1 28  ? 2.549   1.471   9.574   1.00 14.61 ? 27  MET A CE  1 
ATOM   233  N N   . LEU A 1 29  ? 2.133   0.333   4.704   1.00 10.99 ? 28  LEU A N   1 
ATOM   234  C CA  . LEU A 1 29  ? 3.534   0.109   4.289   1.00 10.59 ? 28  LEU A CA  1 
ATOM   235  C C   . LEU A 1 29  ? 4.371   1.189   4.894   1.00 10.48 ? 28  LEU A C   1 
ATOM   236  O O   . LEU A 1 29  ? 4.160   2.367   4.600   1.00 11.19 ? 28  LEU A O   1 
ATOM   237  C CB  . LEU A 1 29  ? 3.700   0.177   2.785   1.00 11.11 ? 28  LEU A CB  1 
ATOM   238  C CG  . LEU A 1 29  ? 5.103   -0.056  2.200   1.00 10.85 ? 28  LEU A CG  1 
ATOM   239  C CD1 . LEU A 1 29  ? 5.560   -1.475  2.406   1.00 11.50 ? 28  LEU A CD1 1 
ATOM   240  C CD2 . LEU A 1 29  ? 5.016   0.286   0.727   1.00 12.22 ? 28  LEU A CD2 1 
ATOM   241  N N   . GLY A 1 30  ? 5.317   0.817   5.747   1.00 11.39 ? 29  GLY A N   1 
ATOM   242  C CA  . GLY A 1 30  ? 6.371   1.713   6.173   1.00 11.60 ? 29  GLY A CA  1 
ATOM   243  C C   . GLY A 1 30  ? 7.510   1.828   5.177   1.00 13.56 ? 29  GLY A C   1 
ATOM   244  O O   . GLY A 1 30  ? 8.110   0.820   4.770   1.00 14.94 ? 29  GLY A O   1 
ATOM   245  N N   . VAL A 1 31  ? 7.813   3.067   4.751   1.00 13.59 ? 30  VAL A N   1 
ATOM   246  C CA  . VAL A 1 31  ? 8.645   3.268   3.591   1.00 14.50 ? 30  VAL A CA  1 
ATOM   247  C C   . VAL A 1 31  ? 10.110  3.577   3.946   1.00 14.55 ? 30  VAL A C   1 
ATOM   248  O O   . VAL A 1 31  ? 11.020  3.067   3.296   1.00 15.26 ? 30  VAL A O   1 
ATOM   249  C CB  . VAL A 1 31  ? 8.040   4.398   2.659   1.00 16.46 ? 30  VAL A CB  1 
ATOM   250  C CG1 . VAL A 1 31  ? 9.035   4.813   1.560   1.00 18.36 ? 30  VAL A CG1 1 
ATOM   251  C CG2 . VAL A 1 31  ? 6.763   3.928   1.966   1.00 16.53 ? 30  VAL A CG2 1 
ATOM   252  N N   . ARG A 1 32  ? 10.285  4.468   4.906   1.00 14.80 ? 31  ARG A N   1 
ATOM   253  C CA  . ARG A 1 32  ? 11.584  4.870   5.457   1.00 17.16 ? 31  ARG A CA  1 
ATOM   254  C C   . ARG A 1 32  ? 11.322  5.737   6.647   1.00 16.12 ? 31  ARG A C   1 
ATOM   255  O O   . ARG A 1 32  ? 10.270  6.355   6.745   1.00 17.02 ? 31  ARG A O   1 
ATOM   256  C CB  . ARG A 1 32  ? 12.442  5.654   4.469   1.00 17.70 ? 31  ARG A CB  1 
ATOM   257  C CG  . ARG A 1 32  ? 11.743  6.856   3.796   1.00 18.85 ? 31  ARG A CG  1 
ATOM   258  C CD  . ARG A 1 32  ? 12.781  7.842   3.251   1.00 21.72 ? 31  ARG A CD  1 
ATOM   259  N NE  . ARG A 1 32  ? 12.194  9.144   2.864   1.00 23.37 ? 31  ARG A NE  1 
ATOM   260  C CZ  . ARG A 1 32  ? 11.772  10.090  3.717   1.00 25.07 ? 31  ARG A CZ  1 
ATOM   261  N NH1 . ARG A 1 32  ? 11.857  9.916   5.026   1.00 27.34 ? 31  ARG A NH1 1 
ATOM   262  N NH2 . ARG A 1 32  ? 11.264  11.231  3.254   1.00 24.50 ? 31  ARG A NH2 1 
ATOM   263  N N   . ASP A 1 33  ? 12.278  5.769   7.577   1.00 17.47 ? 32  ASP A N   1 
ATOM   264  C CA  . ASP A 1 33  ? 12.244  6.704   8.659   1.00 18.02 ? 32  ASP A CA  1 
ATOM   265  C C   . ASP A 1 33  ? 10.927  6.566   9.398   1.00 15.34 ? 32  ASP A C   1 
ATOM   266  O O   . ASP A 1 33  ? 10.626  5.478   9.857   1.00 13.75 ? 32  ASP A O   1 
ATOM   267  C CB  . ASP A 1 33  ? 12.494  8.119   8.144   1.00 20.50 ? 32  ASP A CB  1 
ATOM   268  C CG  . ASP A 1 33  ? 13.891  8.239   7.526   1.00 26.27 ? 32  ASP A CG  1 
ATOM   269  O OD1 . ASP A 1 33  ? 14.852  7.867   8.287   1.00 31.18 ? 32  ASP A OD1 1 
ATOM   270  O OD2 . ASP A 1 33  ? 13.997  8.621   6.320   1.00 23.25 ? 32  ASP A OD2 1 
ATOM   271  N N   . ARG A 1 34  ? 10.185  7.657   9.547   1.00 14.61 ? 33  ARG A N   1 
ATOM   272  C CA  . ARG A 1 34  ? 8.899   7.575   10.282  1.00 15.48 ? 33  ARG A CA  1 
ATOM   273  C C   . ARG A 1 34  ? 7.691   7.669   9.356   1.00 12.71 ? 33  ARG A C   1 
ATOM   274  O O   . ARG A 1 34  ? 6.551   7.873   9.810   1.00 14.01 ? 33  ARG A O   1 
ATOM   275  C CB  . ARG A 1 34  ? 8.841   8.638   11.354  1.00 16.52 ? 33  ARG A CB  1 
ATOM   276  C CG  . ARG A 1 34  ? 9.679   8.276   12.520  1.00 21.28 ? 33  ARG A CG  1 
ATOM   277  C CD  . ARG A 1 34  ? 9.979   9.439   13.449  1.00 25.45 ? 33  ARG A CD  1 
ATOM   278  N NE  . ARG A 1 34  ? 10.909  8.920   14.450  1.00 30.27 ? 33  ARG A NE  1 
ATOM   279  C CZ  . ARG A 1 34  ? 12.234  9.004   14.390  1.00 32.87 ? 33  ARG A CZ  1 
ATOM   280  N NH1 . ARG A 1 34  ? 12.838  9.643   13.389  1.00 33.68 ? 33  ARG A NH1 1 
ATOM   281  N NH2 . ARG A 1 34  ? 12.971  8.459   15.361  1.00 37.52 ? 33  ARG A NH2 1 
ATOM   282  N N   . LEU A 1 35  ? 7.962   7.478   8.082   1.00 12.09 ? 34  LEU A N   1 
ATOM   283  C CA  . LEU A 1 35  ? 7.005   7.715   6.983   1.00 12.64 ? 34  LEU A CA  1 
ATOM   284  C C   . LEU A 1 35  ? 6.354   6.438   6.547   1.00 12.00 ? 34  LEU A C   1 
ATOM   285  O O   . LEU A 1 35  ? 7.077   5.548   6.094   1.00 12.35 ? 34  LEU A O   1 
ATOM   286  C CB  . LEU A 1 35  ? 7.806   8.202   5.783   1.00 13.94 ? 34  LEU A CB  1 
ATOM   287  C CG  . LEU A 1 35  ? 7.076   8.781   4.567   1.00 15.56 ? 34  LEU A CG  1 
ATOM   288  C CD1 . LEU A 1 35  ? 6.326   9.996   5.048   1.00 17.19 ? 34  LEU A CD1 1 
ATOM   289  C CD2 . LEU A 1 35  ? 8.119   9.126   3.523   1.00 18.42 ? 34  LEU A CD2 1 
ATOM   290  N N   . ALA A 1 36  ? 5.030   6.363   6.636   1.00 11.49 ? 35  ALA A N   1 
ATOM   291  C CA  . ALA A 1 36  ? 4.254   5.287   6.033   1.00 11.23 ? 35  ALA A CA  1 
ATOM   292  C C   . ALA A 1 36  ? 3.158   5.773   5.095   1.00 12.48 ? 35  ALA A C   1 
ATOM   293  O O   . ALA A 1 36  ? 2.832   6.996   5.030   1.00 12.42 ? 35  ALA A O   1 
ATOM   294  C CB  . ALA A 1 36  ? 3.678   4.319   7.101   1.00 11.50 ? 35  ALA A CB  1 
ATOM   295  N N   . VAL A 1 37  ? 2.622   4.817   4.335   1.00 12.46 ? 36  VAL A N   1 
ATOM   296  C CA  . VAL A 1 37  ? 1.636   5.068   3.348   1.00 13.78 ? 36  VAL A CA  1 
ATOM   297  C C   . VAL A 1 37  ? 0.460   4.133   3.611   1.00 13.83 ? 36  VAL A C   1 
ATOM   298  O O   . VAL A 1 37  ? 0.641   2.930   3.918   1.00 12.08 ? 36  VAL A O   1 
ATOM   299  C CB  . VAL A 1 37  ? 2.184   4.969   1.889   1.00 13.80 ? 36  VAL A CB  1 
ATOM   300  C CG1 . VAL A 1 37  ? 2.638   3.589   1.547   1.00 14.89 ? 36  VAL A CG1 1 
ATOM   301  C CG2 . VAL A 1 37  ? 1.148   5.491   0.899   1.00 15.61 ? 36  VAL A CG2 1 
ATOM   302  N N   . LEU A 1 38  ? -0.723  4.738   3.522   1.00 12.64 ? 37  LEU A N   1 
ATOM   303  C CA  . LEU A 1 38  ? -2.025  4.076   3.678   1.00 14.63 ? 37  LEU A CA  1 
ATOM   304  C C   . LEU A 1 38  ? -2.955  4.411   2.499   1.00 15.45 ? 37  LEU A C   1 
ATOM   305  O O   . LEU A 1 38  ? -2.849  5.492   1.914   1.00 15.75 ? 37  LEU A O   1 
ATOM   306  C CB  . LEU A 1 38  ? -2.729  4.553   4.970   1.00 14.11 ? 37  LEU A CB  1 
ATOM   307  C CG  . LEU A 1 38  ? -2.286  3.963   6.289   1.00 13.67 ? 37  LEU A CG  1 
ATOM   308  C CD1 . LEU A 1 38  ? -2.798  4.736   7.512   1.00 14.86 ? 37  LEU A CD1 1 
ATOM   309  C CD2 . LEU A 1 38  ? -2.712  2.554   6.318   1.00 13.98 ? 37  LEU A CD2 1 
ATOM   310  N N   . PRO A 1 39  ? -3.892  3.519   2.184   1.00 17.29 ? 38  PRO A N   1 
ATOM   311  C CA  . PRO A 1 39  ? -4.988  3.910   1.288   1.00 19.16 ? 38  PRO A CA  1 
ATOM   312  C C   . PRO A 1 39  ? -5.791  5.033   1.921   1.00 20.71 ? 38  PRO A C   1 
ATOM   313  O O   . PRO A 1 39  ? -6.110  4.945   3.095   1.00 22.20 ? 38  PRO A O   1 
ATOM   314  C CB  . PRO A 1 39  ? -5.829  2.632   1.158   1.00 20.28 ? 38  PRO A CB  1 
ATOM   315  C CG  . PRO A 1 39  ? -5.389  1.735   2.250   1.00 19.73 ? 38  PRO A CG  1 
ATOM   316  C CD  . PRO A 1 39  ? -3.964  2.107   2.567   1.00 18.53 ? 38  PRO A CD  1 
ATOM   317  N N   . ARG A 1 40  ? -6.068  6.098   1.160   1.00 22.32 ? 39  ARG A N   1 
ATOM   318  C CA  . ARG A 1 40  ? -6.804  7.283   1.639   1.00 24.20 ? 39  ARG A CA  1 
ATOM   319  C C   . ARG A 1 40  ? -8.119  6.903   2.373   1.00 24.38 ? 39  ARG A C   1 
ATOM   320  O O   . ARG A 1 40  ? -8.530  7.580   3.323   1.00 23.37 ? 39  ARG A O   1 
ATOM   321  C CB  . ARG A 1 40  ? -7.149  8.215   0.433   1.00 27.18 ? 39  ARG A CB  1 
ATOM   322  C CG  . ARG A 1 40  ? -7.738  9.595   0.819   1.00 31.85 ? 39  ARG A CG  1 
ATOM   323  C CD  . ARG A 1 40  ? -8.567  10.329  -0.251  1.00 34.93 ? 39  ARG A CD  1 
ATOM   324  N NE  . ARG A 1 40  ? -9.516  9.428   -0.941  1.00 43.67 ? 39  ARG A NE  1 
ATOM   325  C CZ  . ARG A 1 40  ? -10.704 9.030   -0.463  1.00 46.73 ? 39  ARG A CZ  1 
ATOM   326  N NH1 . ARG A 1 40  ? -11.147 9.480   0.718   1.00 53.92 ? 39  ARG A NH1 1 
ATOM   327  N NH2 . ARG A 1 40  ? -11.459 8.171   -1.167  1.00 45.00 ? 39  ARG A NH2 1 
ATOM   328  N N   . HIS A 1 41  ? -8.827  5.878   1.909   1.00 22.56 ? 40  HIS A N   1 
ATOM   329  C CA  . HIS A 1 41  ? -10.116 5.555   2.565   1.00 25.34 ? 40  HIS A CA  1 
ATOM   330  C C   . HIS A 1 41  ? -9.956  4.846   3.944   1.00 23.51 ? 40  HIS A C   1 
ATOM   331  O O   . HIS A 1 41  ? -10.940 4.626   4.660   1.00 23.39 ? 40  HIS A O   1 
ATOM   332  C CB  . HIS A 1 41  ? -11.062 4.781   1.637   1.00 28.22 ? 40  HIS A CB  1 
ATOM   333  C CG  . HIS A 1 41  ? -10.527 3.473   1.189   1.00 28.41 ? 40  HIS A CG  1 
ATOM   334  N ND1 . HIS A 1 41  ? -9.795  3.330   0.021   1.00 31.62 ? 40  HIS A ND1 1 
ATOM   335  C CD2 . HIS A 1 41  ? -10.609 2.243   1.747   1.00 31.86 ? 40  HIS A CD2 1 
ATOM   336  C CE1 . HIS A 1 41  ? -9.453  2.057   -0.120  1.00 33.05 ? 40  HIS A CE1 1 
ATOM   337  N NE2 . HIS A 1 41  ? -9.936  1.374   0.909   1.00 31.54 ? 40  HIS A NE2 1 
ATOM   338  N N   . SER A 1 42  ? -8.717  4.573   4.378   1.00 20.28 ? 41  SER A N   1 
ATOM   339  C CA  . SER A 1 42  ? -8.519  4.173   5.738   1.00 17.71 ? 41  SER A CA  1 
ATOM   340  C C   . SER A 1 42  ? -8.812  5.336   6.698   1.00 18.82 ? 41  SER A C   1 
ATOM   341  O O   . SER A 1 42  ? -9.111  5.100   7.875   1.00 17.23 ? 41  SER A O   1 
ATOM   342  C CB  . SER A 1 42  ? -7.132  3.651   5.969   1.00 16.73 ? 41  SER A CB  1 
ATOM   343  O OG  . SER A 1 42  ? -6.184  4.664   5.767   1.00 14.23 ? 41  SER A OG  1 
ATOM   344  N N   . GLN A 1 43  ? -8.721  6.581   6.198   1.00 19.92 ? 42  GLN A N   1 
ATOM   345  C CA  . GLN A 1 43  ? -9.002  7.777   6.983   1.00 20.82 ? 42  GLN A CA  1 
ATOM   346  C C   . GLN A 1 43  ? -8.261  7.803   8.334   1.00 18.69 ? 42  GLN A C   1 
ATOM   347  O O   . GLN A 1 43  ? -8.872  7.876   9.379   1.00 18.19 ? 42  GLN A O   1 
ATOM   348  C CB  . GLN A 1 43  ? -10.514 7.929   7.193   1.00 23.08 ? 42  GLN A CB  1 
ATOM   349  C CG  . GLN A 1 43  ? -11.342 7.865   5.889   1.00 29.69 ? 42  GLN A CG  1 
ATOM   350  C CD  . GLN A 1 43  ? -12.596 8.756   5.922   1.00 35.02 ? 42  GLN A CD  1 
ATOM   351  O OE1 . GLN A 1 43  ? -13.697 8.315   6.263   1.00 39.52 ? 42  GLN A OE1 1 
ATOM   352  N NE2 . GLN A 1 43  ? -12.410 10.022  5.623   1.00 38.96 ? 42  GLN A NE2 1 
ATOM   353  N N   . PRO A 1 44  ? -6.933  7.773   8.327   1.00 18.47 ? 43  PRO A N   1 
ATOM   354  C CA  . PRO A 1 44  ? -6.346  7.782   9.675   1.00 19.90 ? 43  PRO A CA  1 
ATOM   355  C C   . PRO A 1 44  ? -6.702  9.023   10.462  1.00 20.97 ? 43  PRO A C   1 
ATOM   356  O O   . PRO A 1 44  ? -6.781  10.102  9.898   1.00 23.08 ? 43  PRO A O   1 
ATOM   357  C CB  . PRO A 1 44  ? -4.839  7.725   9.396   1.00 18.63 ? 43  PRO A CB  1 
ATOM   358  C CG  . PRO A 1 44  ? -4.699  8.089   7.982   1.00 18.45 ? 43  PRO A CG  1 
ATOM   359  C CD  . PRO A 1 44  ? -5.905  7.614   7.290   1.00 17.62 ? 43  PRO A CD  1 
ATOM   360  N N   . GLY A 1 45  ? -6.888  8.893   11.765  1.00 23.43 ? 44  GLY A N   1 
ATOM   361  C CA  . GLY A 1 45  ? -7.110  10.068  12.611  1.00 22.99 ? 44  GLY A CA  1 
ATOM   362  C C   . GLY A 1 45  ? -5.836  10.557  13.293  1.00 22.13 ? 44  GLY A C   1 
ATOM   363  O O   . GLY A 1 45  ? -4.722  10.493  12.717  1.00 19.40 ? 44  GLY A O   1 
ATOM   364  N N   . LYS A 1 46  ? -5.995  11.053  14.516  1.00 21.75 ? 45  LYS A N   1 
ATOM   365  C CA  . LYS A 1 46  ? -4.823  11.564  15.277  1.00 24.24 ? 45  LYS A CA  1 
ATOM   366  C C   . LYS A 1 46  ? -3.914  10.453  15.808  1.00 20.36 ? 45  LYS A C   1 
ATOM   367  O O   . LYS A 1 46  ? -2.725  10.688  16.114  1.00 17.90 ? 45  LYS A O   1 
ATOM   368  C CB  . LYS A 1 46  ? -5.260  12.449  16.463  1.00 29.88 ? 45  LYS A CB  1 
ATOM   369  C CG  . LYS A 1 46  ? -6.138  13.618  16.068  1.00 33.99 ? 45  LYS A CG  1 
ATOM   370  C CD  . LYS A 1 46  ? -5.388  14.584  15.158  1.00 38.13 ? 45  LYS A CD  1 
ATOM   371  C CE  . LYS A 1 46  ? -6.330  15.605  14.524  1.00 40.21 ? 45  LYS A CE  1 
ATOM   372  N NZ  . LYS A 1 46  ? -5.700  16.141  13.278  1.00 39.92 ? 45  LYS A NZ  1 
ATOM   373  N N   . THR A 1 47  ? -4.500  9.256   15.939  1.00 18.24 ? 46  THR A N   1 
ATOM   374  C CA  . THR A 1 47  ? -3.787  8.041   16.417  1.00 18.26 ? 46  THR A CA  1 
ATOM   375  C C   . THR A 1 47  ? -4.158  6.818   15.596  1.00 16.47 ? 46  THR A C   1 
ATOM   376  O O   . THR A 1 47  ? -5.223  6.807   14.958  1.00 18.38 ? 46  THR A O   1 
ATOM   377  C CB  . THR A 1 47  ? -4.105  7.702   17.890  1.00 18.15 ? 46  THR A CB  1 
ATOM   378  O OG1 . THR A 1 47  ? -5.498  7.375   18.030  1.00 18.41 ? 46  THR A OG1 1 
ATOM   379  C CG2 . THR A 1 47  ? -3.703  8.814   18.822  1.00 17.31 ? 46  THR A CG2 1 
ATOM   380  N N   . ILE A 1 48  ? -3.253  5.838   15.555  1.00 14.23 ? 47  ILE A N   1 
ATOM   381  C CA  . ILE A 1 48  ? -3.461  4.609   14.772  1.00 12.35 ? 47  ILE A CA  1 
ATOM   382  C C   . ILE A 1 48  ? -2.929  3.382   15.509  1.00 11.61 ? 47  ILE A C   1 
ATOM   383  O O   . ILE A 1 48  ? -1.911  3.401   16.220  1.00 13.01 ? 47  ILE A O   1 
ATOM   384  C CB  . ILE A 1 48  ? -2.880  4.722   13.336  1.00 12.81 ? 47  ILE A CB  1 
ATOM   385  C CG1 . ILE A 1 48  ? -3.222  3.489   12.464  1.00 14.09 ? 47  ILE A CG1 1 
ATOM   386  C CG2 . ILE A 1 48  ? -1.404  5.015   13.327  1.00 13.04 ? 47  ILE A CG2 1 
ATOM   387  C CD1 . ILE A 1 48  ? -2.937  3.669   10.983  1.00 14.92 ? 47  ILE A CD1 1 
ATOM   388  N N   . TRP A 1 49  ? -3.687  2.326   15.454  1.00 11.84 ? 48  TRP A N   1 
ATOM   389  C CA  . TRP A 1 49  ? -3.289  1.101   16.103  1.00 13.38 ? 48  TRP A CA  1 
ATOM   390  C C   . TRP A 1 49  ? -2.386  0.398   15.111  1.00 13.43 ? 48  TRP A C   1 
ATOM   391  O O   . TRP A 1 49  ? -2.774  0.092   13.992  1.00 13.45 ? 48  TRP A O   1 
ATOM   392  C CB  . TRP A 1 49  ? -4.496  0.260   16.385  1.00 13.98 ? 48  TRP A CB  1 
ATOM   393  C CG  . TRP A 1 49  ? -4.189  -1.037  17.041  1.00 15.14 ? 48  TRP A CG  1 
ATOM   394  C CD1 . TRP A 1 49  ? -4.141  -2.282  16.447  1.00 16.06 ? 48  TRP A CD1 1 
ATOM   395  C CD2 . TRP A 1 49  ? -3.913  -1.236  18.405  1.00 15.00 ? 48  TRP A CD2 1 
ATOM   396  N NE1 . TRP A 1 49  ? -3.844  -3.227  17.379  1.00 16.36 ? 48  TRP A NE1 1 
ATOM   397  C CE2 . TRP A 1 49  ? -3.744  -2.611  18.597  1.00 16.98 ? 48  TRP A CE2 1 
ATOM   398  C CE3 . TRP A 1 49  ? -3.904  -0.394  19.521  1.00 15.33 ? 48  TRP A CE3 1 
ATOM   399  C CZ2 . TRP A 1 49  ? -3.495  -3.155  19.862  1.00 18.69 ? 48  TRP A CZ2 1 
ATOM   400  C CZ3 . TRP A 1 49  ? -3.642  -0.920  20.741  1.00 15.74 ? 48  TRP A CZ3 1 
ATOM   401  C CH2 . TRP A 1 49  ? -3.444  -2.288  20.917  1.00 16.86 ? 48  TRP A CH2 1 
ATOM   402  N N   . ILE A 1 50  ? -1.171  0.183   15.474  1.00 13.72 ? 49  ILE A N   1 
ATOM   403  C CA  . ILE A 1 50  ? -0.282  -0.600  14.619  1.00 14.31 ? 49  ILE A CA  1 
ATOM   404  C C   . ILE A 1 50  ? 0.174   -1.831  15.396  1.00 14.81 ? 49  ILE A C   1 
ATOM   405  O O   . ILE A 1 50  ? 0.949   -1.700  16.388  1.00 13.00 ? 49  ILE A O   1 
ATOM   406  C CB  . ILE A 1 50  ? 0.933   0.200   14.198  1.00 14.83 ? 49  ILE A CB  1 
ATOM   407  C CG1 . ILE A 1 50  ? 0.524   1.600   13.677  1.00 16.01 ? 49  ILE A CG1 1 
ATOM   408  C CG2 . ILE A 1 50  ? 1.719   -0.592  13.154  1.00 15.74 ? 49  ILE A CG2 1 
ATOM   409  C CD1 . ILE A 1 50  ? 1.723   2.395   13.278  1.00 15.83 ? 49  ILE A CD1 1 
ATOM   410  N N   . GLU A 1 51  ? -0.301  -2.990  14.934  1.00 16.94 ? 50  GLU A N   1 
ATOM   411  C CA  . GLU A 1 51  ? -0.059  -4.341  15.555  1.00 22.09 ? 50  GLU A CA  1 
ATOM   412  C C   . GLU A 1 51  ? -0.509  -4.515  17.006  1.00 21.91 ? 50  GLU A C   1 
ATOM   413  O O   . GLU A 1 51  ? -1.476  -5.230  17.286  1.00 22.98 ? 50  GLU A O   1 
ATOM   414  C CB  . GLU A 1 51  ? 1.406   -4.792  15.381  1.00 23.69 ? 50  GLU A CB  1 
ATOM   415  C CG  . GLU A 1 51  ? 1.539   -5.988  14.439  1.00 29.68 ? 50  GLU A CG  1 
ATOM   416  C CD  . GLU A 1 51  ? 2.553   -5.771  13.369  1.00 31.88 ? 50  GLU A CD  1 
ATOM   417  O OE1 . GLU A 1 51  ? 3.721   -5.537  13.763  1.00 42.23 ? 50  GLU A OE1 1 
ATOM   418  O OE2 . GLU A 1 51  ? 2.199   -5.816  12.154  1.00 26.21 ? 50  GLU A OE2 1 
ATOM   419  N N   . HIS A 1 52  ? 0.206   -3.885  17.931  1.00 24.03 ? 51  HIS A N   1 
ATOM   420  C CA  . HIS A 1 52  ? -0.057  -4.106  19.359  1.00 26.37 ? 51  HIS A CA  1 
ATOM   421  C C   . HIS A 1 52  ? -0.067  -2.832  20.242  1.00 24.30 ? 51  HIS A C   1 
ATOM   422  O O   . HIS A 1 52  ? 0.015   -2.932  21.507  1.00 22.73 ? 51  HIS A O   1 
ATOM   423  C CB  . HIS A 1 52  ? 0.970   -5.143  19.895  1.00 28.50 ? 51  HIS A CB  1 
ATOM   424  C CG  . HIS A 1 52  ? 1.169   -6.326  18.984  1.00 35.41 ? 51  HIS A CG  1 
ATOM   425  N ND1 . HIS A 1 52  ? 0.147   -7.215  18.675  1.00 36.09 ? 51  HIS A ND1 1 
ATOM   426  C CD2 . HIS A 1 52  ? 2.267   -6.766  18.315  1.00 35.32 ? 51  HIS A CD2 1 
ATOM   427  C CE1 . HIS A 1 52  ? 0.613   -8.145  17.854  1.00 39.22 ? 51  HIS A CE1 1 
ATOM   428  N NE2 . HIS A 1 52  ? 1.892   -7.894  17.616  1.00 36.21 ? 51  HIS A NE2 1 
ATOM   429  N N   . LYS A 1 53  ? -0.135  -1.657  19.604  1.00 20.29 ? 52  LYS A N   1 
ATOM   430  C CA  . LYS A 1 53  ? -0.183  -0.391  20.338  1.00 19.53 ? 52  LYS A CA  1 
ATOM   431  C C   . LYS A 1 53  ? -0.704  0.787   19.490  1.00 17.71 ? 52  LYS A C   1 
ATOM   432  O O   . LYS A 1 53  ? -0.723  0.711   18.261  1.00 16.43 ? 52  LYS A O   1 
ATOM   433  C CB  . LYS A 1 53  ? 1.189   -0.050  20.888  1.00 22.36 ? 52  LYS A CB  1 
ATOM   434  C CG  . LYS A 1 53  ? 2.252   0.152   19.836  1.00 26.01 ? 52  LYS A CG  1 
ATOM   435  C CD  . LYS A 1 53  ? 3.357   1.073   20.357  1.00 28.77 ? 52  LYS A CD  1 
ATOM   436  C CE  . LYS A 1 53  ? 4.466   0.322   21.085  1.00 34.30 ? 52  LYS A CE  1 
ATOM   437  N NZ  . LYS A 1 53  ? 5.769   0.241   20.301  1.00 36.42 ? 52  LYS A NZ  1 
ATOM   438  N N   . LEU A 1 54  ? -1.140  1.845   20.172  1.00 14.88 ? 53  LEU A N   1 
ATOM   439  C CA  . LEU A 1 54  ? -1.628  3.049   19.578  1.00 15.75 ? 53  LEU A CA  1 
ATOM   440  C C   . LEU A 1 54  ? -0.454  3.944   19.283  1.00 16.04 ? 53  LEU A C   1 
ATOM   441  O O   . LEU A 1 54  ? 0.356   4.192   20.155  1.00 15.79 ? 53  LEU A O   1 
ATOM   442  C CB  . LEU A 1 54  ? -2.624  3.755   20.525  1.00 16.78 ? 53  LEU A CB  1 
ATOM   443  C CG  . LEU A 1 54  ? -3.703  4.592   19.884  1.00 17.93 ? 53  LEU A CG  1 
ATOM   444  C CD1 . LEU A 1 54  ? -4.540  3.756   18.875  1.00 18.46 ? 53  LEU A CD1 1 
ATOM   445  C CD2 . LEU A 1 54  ? -4.601  5.261   20.941  1.00 17.51 ? 53  LEU A CD2 1 
ATOM   446  N N   . VAL A 1 55  ? -0.386  4.469   18.078  1.00 14.78 ? 54  VAL A N   1 
ATOM   447  C CA  . VAL A 1 55  ? 0.771   5.264   17.687  1.00 14.64 ? 54  VAL A CA  1 
ATOM   448  C C   . VAL A 1 55  ? 0.226   6.597   17.271  1.00 15.57 ? 54  VAL A C   1 
ATOM   449  O O   . VAL A 1 55  ? -0.777  6.639   16.566  1.00 19.17 ? 54  VAL A O   1 
ATOM   450  C CB  . VAL A 1 55  ? 1.592   4.578   16.584  1.00 13.06 ? 54  VAL A CB  1 
ATOM   451  C CG1 . VAL A 1 55  ? 2.823   5.400   16.220  1.00 13.16 ? 54  VAL A CG1 1 
ATOM   452  C CG2 . VAL A 1 55  ? 2.059   3.207   17.069  1.00 13.48 ? 54  VAL A CG2 1 
ATOM   453  N N   . ASN A 1 56  ? 0.844   7.693   17.716  1.00 16.01 ? 55  ASN A N   1 
ATOM   454  C CA  . ASN A 1 56  ? 0.360   9.003   17.283  1.00 18.24 ? 55  ASN A CA  1 
ATOM   455  C C   . ASN A 1 56  ? 0.869   9.350   15.918  1.00 17.19 ? 55  ASN A C   1 
ATOM   456  O O   . ASN A 1 56  ? 2.036   9.104   15.613  1.00 18.22 ? 55  ASN A O   1 
ATOM   457  C CB  . ASN A 1 56  ? 0.721   10.126  18.249  1.00 21.65 ? 55  ASN A CB  1 
ATOM   458  C CG  . ASN A 1 56  ? 0.417   9.767   19.695  1.00 30.10 ? 55  ASN A CG  1 
ATOM   459  O OD1 . ASN A 1 56  ? -0.489  8.946   19.986  1.00 31.41 ? 55  ASN A OD1 1 
ATOM   460  N ND2 . ASN A 1 56  ? 1.159   10.396  20.635  1.00 35.20 ? 55  ASN A ND2 1 
ATOM   461  N N   . ILE A 1 57  ? 0.015   10.016  15.138  1.00 15.68 ? 56  ILE A N   1 
ATOM   462  C CA  . ILE A 1 57  ? 0.332   10.466  13.816  1.00 15.98 ? 56  ILE A CA  1 
ATOM   463  C C   . ILE A 1 57  ? 0.665   11.940  13.854  1.00 17.73 ? 56  ILE A C   1 
ATOM   464  O O   . ILE A 1 57  ? -0.123  12.764  14.373  1.00 17.30 ? 56  ILE A O   1 
ATOM   465  C CB  . ILE A 1 57  ? -0.851  10.186  12.901  1.00 16.10 ? 56  ILE A CB  1 
ATOM   466  C CG1 . ILE A 1 57  ? -0.997  8.644   12.739  1.00 15.12 ? 56  ILE A CG1 1 
ATOM   467  C CG2 . ILE A 1 57  ? -0.732  10.896  11.565  1.00 16.37 ? 56  ILE A CG2 1 
ATOM   468  C CD1 . ILE A 1 57  ? -2.190  8.273   11.897  1.00 15.31 ? 56  ILE A CD1 1 
ATOM   469  N N   . LEU A 1 58  ? 1.852   12.276  13.374  1.00 17.28 ? 57  LEU A N   1 
ATOM   470  C CA  . LEU A 1 58  ? 2.313   13.661  13.498  1.00 21.01 ? 57  LEU A CA  1 
ATOM   471  C C   . LEU A 1 58  ? 1.809   14.506  12.350  1.00 22.04 ? 57  LEU A C   1 
ATOM   472  O O   . LEU A 1 58  ? 1.652   15.715  12.497  1.00 24.21 ? 57  LEU A O   1 
ATOM   473  C CB  . LEU A 1 58  ? 3.834   13.767  13.580  1.00 19.67 ? 57  LEU A CB  1 
ATOM   474  C CG  . LEU A 1 58  ? 4.485   13.126  14.794  1.00 17.31 ? 57  LEU A CG  1 
ATOM   475  C CD1 . LEU A 1 58  ? 6.003   13.169  14.648  1.00 16.26 ? 57  LEU A CD1 1 
ATOM   476  C CD2 . LEU A 1 58  ? 4.009   13.788  16.071  1.00 19.07 ? 57  LEU A CD2 1 
ATOM   477  N N   . ASP A 1 59  ? 1.533   13.855  11.229  1.00 22.18 ? 58  ASP A N   1 
ATOM   478  C CA  . ASP A 1 59  ? 1.174   14.536  10.025  1.00 24.93 ? 58  ASP A CA  1 
ATOM   479  C C   . ASP A 1 59  ? 0.557   13.515  9.084   1.00 23.23 ? 58  ASP A C   1 
ATOM   480  O O   . ASP A 1 59  ? 1.013   12.377  9.030   1.00 22.45 ? 58  ASP A O   1 
ATOM   481  C CB  . ASP A 1 59  ? 2.448   15.128  9.401   1.00 27.70 ? 58  ASP A CB  1 
ATOM   482  C CG  . ASP A 1 59  ? 2.159   15.957  8.157   1.00 30.97 ? 58  ASP A CG  1 
ATOM   483  O OD1 . ASP A 1 59  ? 1.268   16.816  8.231   1.00 33.93 ? 58  ASP A OD1 1 
ATOM   484  O OD2 . ASP A 1 59  ? 2.839   15.776  7.116   1.00 36.24 ? 58  ASP A OD2 1 
ATOM   485  N N   . ALA A 1 60  ? -0.438  13.954  8.329   1.00 23.42 ? 59  ALA A N   1 
ATOM   486  C CA  . ALA A 1 60  ? -1.118  13.153  7.314   1.00 25.13 ? 59  ALA A CA  1 
ATOM   487  C C   . ALA A 1 60  ? -1.298  14.018  6.044   1.00 31.19 ? 59  ALA A C   1 
ATOM   488  O O   . ALA A 1 60  ? -1.807  15.171  6.113   1.00 32.48 ? 59  ALA A O   1 
ATOM   489  C CB  . ALA A 1 60  ? -2.451  12.673  7.844   1.00 23.57 ? 59  ALA A CB  1 
ATOM   490  N N   . VAL A 1 61  ? -0.838  13.484  4.907   1.00 30.32 ? 60  VAL A N   1 
ATOM   491  C CA  . VAL A 1 61  ? -0.917  14.153  3.633   1.00 31.26 ? 60  VAL A CA  1 
ATOM   492  C C   . VAL A 1 61  ? -1.620  13.196  2.675   1.00 32.62 ? 60  VAL A C   1 
ATOM   493  O O   . VAL A 1 61  ? -1.140  12.077  2.435   1.00 33.10 ? 60  VAL A O   1 
ATOM   494  C CB  . VAL A 1 61  ? 0.485   14.545  3.128   1.00 32.39 ? 60  VAL A CB  1 
ATOM   495  C CG1 . VAL A 1 61  ? 0.443   15.124  1.712   1.00 33.78 ? 60  VAL A CG1 1 
ATOM   496  C CG2 . VAL A 1 61  ? 1.127   15.555  4.084   1.00 30.77 ? 60  VAL A CG2 1 
ATOM   497  N N   . GLU A 1 62  ? -2.787  13.615  2.168   1.00 30.97 ? 61  GLU A N   1 
ATOM   498  C CA  . GLU A 1 62  ? -3.544  12.802  1.191   1.00 30.86 ? 61  GLU A CA  1 
ATOM   499  C C   . GLU A 1 62  ? -3.114  13.279  -0.183  1.00 27.08 ? 61  GLU A C   1 
ATOM   500  O O   . GLU A 1 62  ? -3.475  14.395  -0.581  1.00 26.55 ? 61  GLU A O   1 
ATOM   501  C CB  . GLU A 1 62  ? -5.067  12.976  1.385   1.00 34.61 ? 61  GLU A CB  1 
ATOM   502  C CG  . GLU A 1 62  ? -5.568  12.721  2.812   1.00 35.50 ? 61  GLU A CG  1 
ATOM   503  C CD  . GLU A 1 62  ? -7.093  12.688  2.913   1.00 38.26 ? 61  GLU A CD  1 
ATOM   504  O OE1 . GLU A 1 62  ? -7.752  13.417  2.160   1.00 39.80 ? 61  GLU A OE1 1 
ATOM   505  O OE2 . GLU A 1 62  ? -7.649  11.910  3.729   1.00 42.41 ? 61  GLU A OE2 1 
ATOM   506  N N   . LEU A 1 63  ? -2.301  12.480  -0.876  1.00 22.58 ? 62  LEU A N   1 
ATOM   507  C CA  . LEU A 1 63  ? -1.691  12.892  -2.158  1.00 23.68 ? 62  LEU A CA  1 
ATOM   508  C C   . LEU A 1 63  ? -2.656  13.182  -3.325  1.00 24.71 ? 62  LEU A C   1 
ATOM   509  O O   . LEU A 1 63  ? -3.548  12.367  -3.608  1.00 29.50 ? 62  LEU A O   1 
ATOM   510  C CB  . LEU A 1 63  ? -0.703  11.839  -2.656  1.00 22.74 ? 62  LEU A CB  1 
ATOM   511  C CG  . LEU A 1 63  ? 0.443   11.448  -1.740  1.00 23.14 ? 62  LEU A CG  1 
ATOM   512  C CD1 . LEU A 1 63  ? 1.412   10.535  -2.485  1.00 24.30 ? 62  LEU A CD1 1 
ATOM   513  C CD2 . LEU A 1 63  ? 1.143   12.668  -1.197  1.00 24.26 ? 62  LEU A CD2 1 
ATOM   514  N N   . VAL A 1 64  ? -2.439  14.318  -4.010  1.00 23.22 ? 63  VAL A N   1 
ATOM   515  C CA  . VAL A 1 64  ? -3.146  14.639  -5.256  1.00 24.74 ? 63  VAL A CA  1 
ATOM   516  C C   . VAL A 1 64  ? -2.147  14.765  -6.431  1.00 24.09 ? 63  VAL A C   1 
ATOM   517  O O   . VAL A 1 64  ? -0.991  15.078  -6.211  1.00 22.91 ? 63  VAL A O   1 
ATOM   518  C CB  . VAL A 1 64  ? -3.975  15.918  -5.093  1.00 24.98 ? 63  VAL A CB  1 
ATOM   519  C CG1 . VAL A 1 64  ? -4.985  15.756  -3.961  1.00 25.40 ? 63  VAL A CG1 1 
ATOM   520  C CG2 . VAL A 1 64  ? -3.078  17.137  -4.887  1.00 25.27 ? 63  VAL A CG2 1 
ATOM   521  N N   . ASP A 1 65  ? -2.580  14.528  -7.660  1.00 26.38 ? 64  ASP A N   1 
ATOM   522  C CA  . ASP A 1 65  ? -1.688  14.802  -8.821  1.00 28.77 ? 64  ASP A CA  1 
ATOM   523  C C   . ASP A 1 65  ? -1.725  16.296  -9.212  1.00 34.46 ? 64  ASP A C   1 
ATOM   524  O O   . ASP A 1 65  ? -2.299  17.129  -8.478  1.00 35.51 ? 64  ASP A O   1 
ATOM   525  C CB  . ASP A 1 65  ? -1.986  13.894  -10.011 1.00 24.85 ? 64  ASP A CB  1 
ATOM   526  C CG  . ASP A 1 65  ? -3.223  14.303  -10.803 1.00 26.50 ? 64  ASP A CG  1 
ATOM   527  O OD1 . ASP A 1 65  ? -3.976  15.228  -10.417 1.00 24.62 ? 64  ASP A OD1 1 
ATOM   528  O OD2 . ASP A 1 65  ? -3.458  13.629  -11.828 1.00 25.49 ? 64  ASP A OD2 1 
ATOM   529  N N   . GLU A 1 66  ? -1.108  16.641  -10.347 1.00 38.68 ? 65  GLU A N   1 
ATOM   530  C CA  . GLU A 1 66  ? -0.877  18.053  -10.685 1.00 40.94 ? 65  GLU A CA  1 
ATOM   531  C C   . GLU A 1 66  ? -2.168  18.789  -11.008 1.00 42.47 ? 65  GLU A C   1 
ATOM   532  O O   . GLU A 1 66  ? -2.183  20.015  -11.008 1.00 45.92 ? 65  GLU A O   1 
ATOM   533  C CB  . GLU A 1 66  ? 0.157   18.201  -11.831 1.00 42.75 ? 65  GLU A CB  1 
ATOM   534  C CG  . GLU A 1 66  ? -0.390  18.191  -13.264 1.00 44.12 ? 65  GLU A CG  1 
ATOM   535  C CD  . GLU A 1 66  ? -0.674  16.807  -13.828 1.00 46.70 ? 65  GLU A CD  1 
ATOM   536  O OE1 . GLU A 1 66  ? -0.121  15.794  -13.303 1.00 49.62 ? 65  GLU A OE1 1 
ATOM   537  O OE2 . GLU A 1 66  ? -1.457  16.739  -14.826 1.00 43.59 ? 65  GLU A OE2 1 
ATOM   538  N N   . GLN A 1 67  ? -3.246  18.051  -11.271 1.00 43.01 ? 66  GLN A N   1 
ATOM   539  C CA  . GLN A 1 67  ? -4.544  18.648  -11.538 1.00 46.02 ? 66  GLN A CA  1 
ATOM   540  C C   . GLN A 1 67  ? -5.406  18.713  -10.259 1.00 42.43 ? 66  GLN A C   1 
ATOM   541  O O   . GLN A 1 67  ? -6.563  19.077  -10.325 1.00 38.02 ? 66  GLN A O   1 
ATOM   542  C CB  . GLN A 1 67  ? -5.290  17.835  -12.615 1.00 50.55 ? 66  GLN A CB  1 
ATOM   543  C CG  . GLN A 1 67  ? -4.421  17.374  -13.783 1.00 57.29 ? 66  GLN A CG  1 
ATOM   544  C CD  . GLN A 1 67  ? -4.947  16.103  -14.433 1.00 65.31 ? 66  GLN A CD  1 
ATOM   545  O OE1 . GLN A 1 67  ? -6.148  15.984  -14.675 1.00 75.79 ? 66  GLN A OE1 1 
ATOM   546  N NE2 . GLN A 1 67  ? -4.053  15.151  -14.728 1.00 63.50 ? 66  GLN A NE2 1 
ATOM   547  N N   . GLY A 1 68  ? -4.838  18.369  -9.104  1.00 41.33 ? 67  GLY A N   1 
ATOM   548  C CA  . GLY A 1 68  ? -5.618  18.226  -7.862  1.00 35.56 ? 67  GLY A CA  1 
ATOM   549  C C   . GLY A 1 68  ? -6.529  17.012  -7.894  1.00 32.33 ? 67  GLY A C   1 
ATOM   550  O O   . GLY A 1 68  ? -7.556  16.961  -7.201  1.00 34.67 ? 67  GLY A O   1 
ATOM   551  N N   . VAL A 1 69  ? -6.203  16.015  -8.705  1.00 28.84 ? 68  VAL A N   1 
ATOM   552  C CA  . VAL A 1 69  ? -7.009  14.790  -8.691  1.00 27.62 ? 68  VAL A CA  1 
ATOM   553  C C   . VAL A 1 69  ? -6.371  13.881  -7.622  1.00 28.34 ? 68  VAL A C   1 
ATOM   554  O O   . VAL A 1 69  ? -5.143  13.690  -7.593  1.00 24.25 ? 68  VAL A O   1 
ATOM   555  C CB  . VAL A 1 69  ? -7.086  14.121  -10.060 1.00 27.28 ? 68  VAL A CB  1 
ATOM   556  C CG1 . VAL A 1 69  ? -7.834  12.801  -10.007 1.00 27.30 ? 68  VAL A CG1 1 
ATOM   557  C CG2 . VAL A 1 69  ? -7.812  15.030  -11.034 1.00 27.52 ? 68  VAL A CG2 1 
ATOM   558  N N   . ASN A 1 70  ? -7.215  13.432  -6.687  1.00 28.00 ? 69  ASN A N   1 
ATOM   559  C CA  . ASN A 1 70  ? -6.919  12.312  -5.779  1.00 27.52 ? 69  ASN A CA  1 
ATOM   560  C C   . ASN A 1 70  ? -6.032  11.179  -6.344  1.00 27.87 ? 69  ASN A C   1 
ATOM   561  O O   . ASN A 1 70  ? -6.305  10.637  -7.414  1.00 27.26 ? 69  ASN A O   1 
ATOM   562  C CB  . ASN A 1 70  ? -8.245  11.670  -5.374  1.00 30.19 ? 69  ASN A CB  1 
ATOM   563  C CG  . ASN A 1 70  ? -8.058  10.505  -4.437  1.00 29.69 ? 69  ASN A CG  1 
ATOM   564  O OD1 . ASN A 1 70  ? -7.379  10.639  -3.427  1.00 30.36 ? 69  ASN A OD1 1 
ATOM   565  N ND2 . ASN A 1 70  ? -8.674  9.367   -4.752  1.00 26.76 ? 69  ASN A ND2 1 
ATOM   566  N N   . LEU A 1 71  ? -5.004  10.781  -5.588  1.00 26.40 ? 70  LEU A N   1 
ATOM   567  C CA  . LEU A 1 71  ? -4.230  9.572   -5.930  1.00 22.75 ? 70  LEU A CA  1 
ATOM   568  C C   . LEU A 1 71  ? -4.597  8.365   -5.083  1.00 19.91 ? 70  LEU A C   1 
ATOM   569  O O   . LEU A 1 71  ? -4.131  7.236   -5.357  1.00 15.95 ? 70  LEU A O   1 
ATOM   570  C CB  . LEU A 1 71  ? -2.746  9.872   -5.843  1.00 23.84 ? 70  LEU A CB  1 
ATOM   571  C CG  . LEU A 1 71  ? -2.329  10.874  -6.899  1.00 23.86 ? 70  LEU A CG  1 
ATOM   572  C CD1 . LEU A 1 71  ? -0.893  11.301  -6.700  1.00 23.95 ? 70  LEU A CD1 1 
ATOM   573  C CD2 . LEU A 1 71  ? -2.572  10.300  -8.299  1.00 24.02 ? 70  LEU A CD2 1 
ATOM   574  N N   . GLU A 1 72  ? -5.433  8.625   -4.065  1.00 18.33 ? 71  GLU A N   1 
ATOM   575  C CA  . GLU A 1 72  ? -5.931  7.613   -3.134  1.00 18.16 ? 71  GLU A CA  1 
ATOM   576  C C   . GLU A 1 72  ? -4.861  7.078   -2.130  1.00 18.49 ? 71  GLU A C   1 
ATOM   577  O O   . GLU A 1 72  ? -4.938  5.911   -1.591  1.00 16.91 ? 71  GLU A O   1 
ATOM   578  C CB  . GLU A 1 72  ? -6.633  6.508   -3.917  1.00 19.71 ? 71  GLU A CB  1 
ATOM   579  C CG  . GLU A 1 72  ? -7.606  5.644   -3.102  1.00 21.48 ? 71  GLU A CG  1 
ATOM   580  C CD  . GLU A 1 72  ? -8.740  6.410   -2.433  1.00 22.52 ? 71  GLU A CD  1 
ATOM   581  O OE1 . GLU A 1 72  ? -9.030  7.573   -2.754  1.00 22.74 ? 71  GLU A OE1 1 
ATOM   582  O OE2 . GLU A 1 72  ? -9.335  5.830   -1.514  1.00 29.78 ? 71  GLU A OE2 1 
ATOM   583  N N   . LEU A 1 73  ? -3.882  7.945   -1.827  1.00 18.61 ? 72  LEU A N   1 
ATOM   584  C CA  . LEU A 1 73  ? -2.798  7.596   -0.913  1.00 18.16 ? 72  LEU A CA  1 
ATOM   585  C C   . LEU A 1 73  ? -2.666  8.646   0.133   1.00 18.91 ? 72  LEU A C   1 
ATOM   586  O O   . LEU A 1 73  ? -2.677  9.864   -0.185  1.00 17.35 ? 72  LEU A O   1 
ATOM   587  C CB  . LEU A 1 73  ? -1.457  7.496   -1.626  1.00 18.66 ? 72  LEU A CB  1 
ATOM   588  C CG  . LEU A 1 73  ? -1.235  6.413   -2.671  1.00 18.95 ? 72  LEU A CG  1 
ATOM   589  C CD1 . LEU A 1 73  ? 0.078   6.592   -3.388  1.00 19.89 ? 72  LEU A CD1 1 
ATOM   590  C CD2 . LEU A 1 73  ? -1.313  5.040   -2.060  1.00 19.46 ? 72  LEU A CD2 1 
ATOM   591  N N   . THR A 1 74  ? -2.489  8.188   1.375   1.00 18.54 ? 73  THR A N   1 
ATOM   592  C CA  . THR A 1 74  ? -2.173  9.056   2.498   1.00 20.94 ? 73  THR A CA  1 
ATOM   593  C C   . THR A 1 74  ? -0.814  8.711   3.071   1.00 19.91 ? 73  THR A C   1 
ATOM   594  O O   . THR A 1 74  ? -0.501  7.535   3.392   1.00 20.82 ? 73  THR A O   1 
ATOM   595  C CB  . THR A 1 74  ? -3.250  9.029   3.604   1.00 22.09 ? 73  THR A CB  1 
ATOM   596  O OG1 . THR A 1 74  ? -4.528  9.209   3.021   1.00 24.49 ? 73  THR A OG1 1 
ATOM   597  C CG2 . THR A 1 74  ? -3.030  10.125  4.612   1.00 25.53 ? 73  THR A CG2 1 
ATOM   598  N N   . LEU A 1 75  ? -0.011  9.764   3.192   1.00 19.48 ? 74  LEU A N   1 
ATOM   599  C CA  . LEU A 1 75  ? 1.312   9.663   3.726   1.00 20.08 ? 74  LEU A CA  1 
ATOM   600  C C   . LEU A 1 75  ? 1.212   10.077  5.204   1.00 18.41 ? 74  LEU A C   1 
ATOM   601  O O   . LEU A 1 75  ? 0.691   11.135  5.509   1.00 20.04 ? 74  LEU A O   1 
ATOM   602  C CB  . LEU A 1 75  ? 2.260   10.586  2.958   1.00 20.79 ? 74  LEU A CB  1 
ATOM   603  C CG  . LEU A 1 75  ? 3.034   10.004  1.783   1.00 22.55 ? 74  LEU A CG  1 
ATOM   604  C CD1 . LEU A 1 75  ? 2.136   9.222   0.844   1.00 24.20 ? 74  LEU A CD1 1 
ATOM   605  C CD2 . LEU A 1 75  ? 3.786   11.116  1.061   1.00 23.65 ? 74  LEU A CD2 1 
ATOM   606  N N   . ILE A 1 76  ? 1.685   9.242   6.121   1.00 17.43 ? 75  ILE A N   1 
ATOM   607  C CA  . ILE A 1 76  ? 1.634   9.595   7.537   1.00 16.50 ? 75  ILE A CA  1 
ATOM   608  C C   . ILE A 1 76  ? 3.012   9.565   8.080   1.00 16.27 ? 75  ILE A C   1 
ATOM   609  O O   . ILE A 1 76  ? 3.800   8.746   7.642   1.00 15.73 ? 75  ILE A O   1 
ATOM   610  C CB  . ILE A 1 76  ? 0.651   8.728   8.346   1.00 17.48 ? 75  ILE A CB  1 
ATOM   611  C CG1 . ILE A 1 76  ? 0.954   7.219   8.308   1.00 17.71 ? 75  ILE A CG1 1 
ATOM   612  C CG2 . ILE A 1 76  ? -0.780  8.997   7.865   1.00 17.87 ? 75  ILE A CG2 1 
ATOM   613  C CD1 . ILE A 1 76  ? 0.186   6.388   9.333   1.00 16.94 ? 75  ILE A CD1 1 
ATOM   614  N N   . THR A 1 77  ? 3.299   10.490  9.011   1.00 16.77 ? 76  THR A N   1 
ATOM   615  C CA  . THR A 1 77  ? 4.539   10.551  9.811   1.00 16.35 ? 76  THR A CA  1 
ATOM   616  C C   . THR A 1 77  ? 4.164   10.187  11.259  1.00 15.74 ? 76  THR A C   1 
ATOM   617  O O   . THR A 1 77  ? 3.306   10.846  11.893  1.00 14.11 ? 76  THR A O   1 
ATOM   618  C CB  . THR A 1 77  ? 5.190   11.969  9.763   1.00 16.34 ? 76  THR A CB  1 
ATOM   619  O OG1 . THR A 1 77  ? 5.486   12.311  8.416   1.00 18.78 ? 76  THR A OG1 1 
ATOM   620  C CG2 . THR A 1 77  ? 6.469   12.044  10.506  1.00 15.46 ? 76  THR A CG2 1 
ATOM   621  N N   . LEU A 1 78  ? 4.826   9.145   11.767  1.00 16.81 ? 77  LEU A N   1 
ATOM   622  C CA  . LEU A 1 78  ? 4.552   8.535   13.038  1.00 16.80 ? 77  LEU A CA  1 
ATOM   623  C C   . LEU A 1 78  ? 5.462   9.015   14.179  1.00 18.21 ? 77  LEU A C   1 
ATOM   624  O O   . LEU A 1 78  ? 6.696   9.294   13.984  1.00 16.84 ? 77  LEU A O   1 
ATOM   625  C CB  . LEU A 1 78  ? 4.683   7.010   12.900  1.00 18.60 ? 77  LEU A CB  1 
ATOM   626  C CG  . LEU A 1 78  ? 3.722   6.466   11.825  1.00 18.83 ? 77  LEU A CG  1 
ATOM   627  C CD1 . LEU A 1 78  ? 4.112   5.074   11.398  1.00 20.96 ? 77  LEU A CD1 1 
ATOM   628  C CD2 . LEU A 1 78  ? 2.273   6.440   12.331  1.00 17.85 ? 77  LEU A CD2 1 
ATOM   629  N N   . ASP A 1 79  ? 4.863   9.093   15.386  1.00 17.75 ? 78  ASP A N   1 
ATOM   630  C CA  . ASP A 1 79  ? 5.646   9.383   16.616  1.00 19.63 ? 78  ASP A CA  1 
ATOM   631  C C   . ASP A 1 79  ? 6.072   8.057   17.209  1.00 21.32 ? 78  ASP A C   1 
ATOM   632  O O   . ASP A 1 79  ? 5.378   7.468   18.043  1.00 20.87 ? 78  ASP A O   1 
ATOM   633  C CB  . ASP A 1 79  ? 4.836   10.189  17.637  1.00 20.07 ? 78  ASP A CB  1 
ATOM   634  C CG  . ASP A 1 79  ? 5.633   10.527  18.903  1.00 19.34 ? 78  ASP A CG  1 
ATOM   635  O OD1 . ASP A 1 79  ? 6.903   10.468  18.918  1.00 19.45 ? 78  ASP A OD1 1 
ATOM   636  O OD2 . ASP A 1 79  ? 4.953   10.914  19.868  1.00 20.12 ? 78  ASP A OD2 1 
ATOM   637  N N   . THR A 1 80  ? 7.187   7.571   16.699  1.00 22.78 ? 79  THR A N   1 
ATOM   638  C CA  . THR A 1 80  ? 7.688   6.266   17.051  1.00 26.11 ? 79  THR A CA  1 
ATOM   639  C C   . THR A 1 80  ? 9.210   6.328   17.168  1.00 26.25 ? 79  THR A C   1 
ATOM   640  O O   . THR A 1 80  ? 9.836   7.193   16.569  1.00 23.28 ? 79  THR A O   1 
ATOM   641  C CB  . THR A 1 80  ? 7.282   5.196   16.015  1.00 26.77 ? 79  THR A CB  1 
ATOM   642  O OG1 . THR A 1 80  ? 7.522   3.881   16.565  1.00 31.96 ? 79  THR A OG1 1 
ATOM   643  C CG2 . THR A 1 80  ? 8.065   5.394   14.705  1.00 29.72 ? 79  THR A CG2 1 
ATOM   644  N N   . ASN A 1 81  ? 9.782   5.395   17.938  1.00 27.46 ? 80  ASN A N   1 
ATOM   645  C CA  . ASN A 1 81  ? 11.226  5.226   17.982  1.00 30.94 ? 80  ASN A CA  1 
ATOM   646  C C   . ASN A 1 81  ? 11.744  4.406   16.771  1.00 32.14 ? 80  ASN A C   1 
ATOM   647  O O   . ASN A 1 81  ? 12.869  4.586   16.330  1.00 34.05 ? 80  ASN A O   1 
ATOM   648  C CB  . ASN A 1 81  ? 11.625  4.555   19.299  1.00 32.34 ? 80  ASN A CB  1 
ATOM   649  C CG  . ASN A 1 81  ? 11.289  5.402   20.505  1.00 36.06 ? 80  ASN A CG  1 
ATOM   650  O OD1 . ASN A 1 81  ? 10.525  4.976   21.376  1.00 39.34 ? 80  ASN A OD1 1 
ATOM   651  N ND2 . ASN A 1 81  ? 11.829  6.631   20.554  1.00 35.36 ? 80  ASN A ND2 1 
ATOM   652  N N   . GLU A 1 82  ? 10.915  3.486   16.276  1.00 34.29 ? 81  GLU A N   1 
ATOM   653  C CA  . GLU A 1 82  ? 11.182  2.734   15.056  1.00 34.82 ? 81  GLU A CA  1 
ATOM   654  C C   . GLU A 1 82  ? 11.532  3.614   13.852  1.00 30.75 ? 81  GLU A C   1 
ATOM   655  O O   . GLU A 1 82  ? 10.869  4.580   13.588  1.00 28.04 ? 81  GLU A O   1 
ATOM   656  C CB  . GLU A 1 82  ? 9.971   1.856   14.681  1.00 36.67 ? 81  GLU A CB  1 
ATOM   657  C CG  . GLU A 1 82  ? 10.099  1.245   13.268  1.00 41.17 ? 81  GLU A CG  1 
ATOM   658  C CD  . GLU A 1 82  ? 9.373   -0.066  13.093  1.00 45.42 ? 81  GLU A CD  1 
ATOM   659  O OE1 . GLU A 1 82  ? 9.884   -0.908  12.301  1.00 50.62 ? 81  GLU A OE1 1 
ATOM   660  O OE2 . GLU A 1 82  ? 8.299   -0.255  13.720  1.00 44.29 ? 81  GLU A OE2 1 
ATOM   661  N N   . LYS A 1 83  ? 12.610  3.272   13.161  1.00 29.41 ? 82  LYS A N   1 
ATOM   662  C CA  . LYS A 1 83  ? 12.881  3.788   11.849  1.00 27.36 ? 82  LYS A CA  1 
ATOM   663  C C   . LYS A 1 83  ? 12.653  2.603   10.927  1.00 23.28 ? 82  LYS A C   1 
ATOM   664  O O   . LYS A 1 83  ? 13.235  1.562   11.175  1.00 26.72 ? 82  LYS A O   1 
ATOM   665  C CB  . LYS A 1 83  ? 14.312  4.282   11.775  1.00 31.80 ? 82  LYS A CB  1 
ATOM   666  C CG  . LYS A 1 83  ? 14.651  5.320   12.856  1.00 33.71 ? 82  LYS A CG  1 
ATOM   667  C CD  . LYS A 1 83  ? 14.049  6.695   12.565  1.00 37.99 ? 82  LYS A CD  1 
ATOM   668  C CE  . LYS A 1 83  ? 14.798  7.399   11.434  1.00 39.74 ? 82  LYS A CE  1 
ATOM   669  N NZ  . LYS A 1 83  ? 15.776  8.421   11.887  1.00 42.22 ? 82  LYS A NZ  1 
ATOM   670  N N   . PHE A 1 84  ? 11.750  2.730   9.929   1.00 19.29 ? 83  PHE A N   1 
ATOM   671  C CA  . PHE A 1 84  ? 11.475  1.658   8.949   1.00 15.46 ? 83  PHE A CA  1 
ATOM   672  C C   . PHE A 1 84  ? 12.770  1.393   8.141   1.00 16.06 ? 83  PHE A C   1 
ATOM   673  O O   . PHE A 1 84  ? 13.527  2.330   7.828   1.00 14.25 ? 83  PHE A O   1 
ATOM   674  C CB  . PHE A 1 84  ? 10.354  2.073   7.946   1.00 15.25 ? 83  PHE A CB  1 
ATOM   675  C CG  . PHE A 1 84  ? 8.988   2.187   8.560   1.00 13.68 ? 83  PHE A CG  1 
ATOM   676  C CD1 . PHE A 1 84  ? 8.380   1.078   9.134   1.00 14.47 ? 83  PHE A CD1 1 
ATOM   677  C CD2 . PHE A 1 84  ? 8.347   3.372   8.626   1.00 13.76 ? 83  PHE A CD2 1 
ATOM   678  C CE1 . PHE A 1 84  ? 7.132   1.159   9.768   1.00 14.19 ? 83  PHE A CE1 1 
ATOM   679  C CE2 . PHE A 1 84  ? 7.089   3.456   9.231   1.00 13.74 ? 83  PHE A CE2 1 
ATOM   680  C CZ  . PHE A 1 84  ? 6.488   2.344   9.787   1.00 14.10 ? 83  PHE A CZ  1 
ATOM   681  N N   . ARG A 1 85  ? 13.021  0.137   7.768   1.00 16.25 ? 84  ARG A N   1 
ATOM   682  C CA  . ARG A 1 85  ? 14.080  -0.124  6.783   1.00 15.90 ? 84  ARG A CA  1 
ATOM   683  C C   . ARG A 1 85  ? 13.659  0.679   5.552   1.00 16.67 ? 84  ARG A C   1 
ATOM   684  O O   . ARG A 1 85  ? 12.512  0.632   5.111   1.00 15.84 ? 84  ARG A O   1 
ATOM   685  C CB  . ARG A 1 85  ? 14.190  -1.601  6.460   1.00 17.53 ? 84  ARG A CB  1 
ATOM   686  C CG  . ARG A 1 85  ? 15.244  -1.911  5.401   1.00 18.67 ? 84  ARG A CG  1 
ATOM   687  C CD  . ARG A 1 85  ? 15.106  -3.276  4.832   1.00 19.68 ? 84  ARG A CD  1 
ATOM   688  N NE  . ARG A 1 85  ? 13.724  -3.653  4.517   1.00 20.72 ? 84  ARG A NE  1 
ATOM   689  C CZ  . ARG A 1 85  ? 13.413  -4.764  3.854   1.00 22.85 ? 84  ARG A CZ  1 
ATOM   690  N NH1 . ARG A 1 85  ? 14.380  -5.541  3.365   1.00 24.07 ? 84  ARG A NH1 1 
ATOM   691  N NH2 . ARG A 1 85  ? 12.147  -5.079  3.601   1.00 22.94 ? 84  ARG A NH2 1 
ATOM   692  N N   . ASP A 1 86  ? 14.581  1.468   5.041   1.00 15.94 ? 85  ASP A N   1 
ATOM   693  C CA  . ASP A 1 86  ? 14.363  2.199   3.841   1.00 16.55 ? 85  ASP A CA  1 
ATOM   694  C C   . ASP A 1 86  ? 14.236  1.239   2.648   1.00 17.48 ? 85  ASP A C   1 
ATOM   695  O O   . ASP A 1 86  ? 15.206  0.566   2.293   1.00 19.33 ? 85  ASP A O   1 
ATOM   696  C CB  . ASP A 1 86  ? 15.555  3.155   3.649   1.00 17.45 ? 85  ASP A CB  1 
ATOM   697  C CG  . ASP A 1 86  ? 15.278  4.282   2.673   1.00 17.67 ? 85  ASP A CG  1 
ATOM   698  O OD1 . ASP A 1 86  ? 14.509  4.098   1.725   1.00 17.16 ? 85  ASP A OD1 1 
ATOM   699  O OD2 . ASP A 1 86  ? 15.882  5.355   2.876   1.00 18.87 ? 85  ASP A OD2 1 
ATOM   700  N N   . ILE A 1 87  ? 13.055  1.240   2.021   1.00 16.18 ? 86  ILE A N   1 
ATOM   701  C CA  . ILE A 1 87  ? 12.794  0.515   0.805   1.00 17.01 ? 86  ILE A CA  1 
ATOM   702  C C   . ILE A 1 87  ? 12.461  1.423   -0.359  1.00 16.16 ? 86  ILE A C   1 
ATOM   703  O O   . ILE A 1 87  ? 11.940  0.962   -1.388  1.00 15.66 ? 86  ILE A O   1 
ATOM   704  C CB  . ILE A 1 87  ? 11.611  -0.467  1.007   1.00 17.27 ? 86  ILE A CB  1 
ATOM   705  C CG1 . ILE A 1 87  ? 10.383  0.285   1.535   1.00 17.92 ? 86  ILE A CG1 1 
ATOM   706  C CG2 . ILE A 1 87  ? 12.077  -1.548  1.964   1.00 18.36 ? 86  ILE A CG2 1 
ATOM   707  C CD1 . ILE A 1 87  ? 9.068   -0.430  1.329   1.00 19.13 ? 86  ILE A CD1 1 
ATOM   708  N N   . THR A 1 88  ? 12.727  2.723   -0.233  1.00 15.76 ? 87  THR A N   1 
ATOM   709  C CA  . THR A 1 88  ? 12.428  3.609   -1.355  1.00 16.41 ? 87  THR A CA  1 
ATOM   710  C C   . THR A 1 88  ? 13.225  3.189   -2.612  1.00 16.26 ? 87  THR A C   1 
ATOM   711  O O   . THR A 1 88  ? 12.725  3.319   -3.754  1.00 14.94 ? 87  THR A O   1 
ATOM   712  C CB  . THR A 1 88  ? 12.674  5.054   -1.000  1.00 17.34 ? 87  THR A CB  1 
ATOM   713  O OG1 . THR A 1 88  ? 14.023  5.211   -0.588  1.00 17.11 ? 87  THR A OG1 1 
ATOM   714  C CG2 . THR A 1 88  ? 11.722  5.477   0.109   1.00 17.40 ? 87  THR A CG2 1 
ATOM   715  N N   . LYS A 1 89  ? 14.412  2.595   -2.430  1.00 16.46 ? 88  LYS A N   1 
ATOM   716  C CA  . LYS A 1 89  ? 15.118  2.082   -3.589  1.00 19.52 ? 88  LYS A CA  1 
ATOM   717  C C   . LYS A 1 89  ? 14.397  0.910   -4.341  1.00 19.05 ? 88  LYS A C   1 
ATOM   718  O O   . LYS A 1 89  ? 14.820  0.591   -5.444  1.00 18.99 ? 88  LYS A O   1 
ATOM   719  C CB  . LYS A 1 89  ? 16.564  1.698   -3.302  1.00 21.88 ? 88  LYS A CB  1 
ATOM   720  C CG  . LYS A 1 89  ? 16.819  0.251   -2.968  1.00 25.76 ? 88  LYS A CG  1 
ATOM   721  C CD  . LYS A 1 89  ? 16.770  -0.087  -1.507  1.00 28.54 ? 88  LYS A CD  1 
ATOM   722  C CE  . LYS A 1 89  ? 17.884  -1.067  -1.177  1.00 29.01 ? 88  LYS A CE  1 
ATOM   723  N NZ  . LYS A 1 89  ? 19.065  -0.298  -0.694  1.00 29.84 ? 88  LYS A NZ  1 
ATOM   724  N N   . PHE A 1 90  ? 13.399  0.259   -3.746  1.00 17.29 ? 89  PHE A N   1 
ATOM   725  C CA  . PHE A 1 90  ? 12.625  -0.791  -4.447  1.00 19.53 ? 89  PHE A CA  1 
ATOM   726  C C   . PHE A 1 90  ? 11.390  -0.234  -5.119  1.00 18.87 ? 89  PHE A C   1 
ATOM   727  O O   . PHE A 1 90  ? 10.651  -0.979  -5.759  1.00 19.07 ? 89  PHE A O   1 
ATOM   728  C CB  . PHE A 1 90  ? 12.180  -1.913  -3.492  1.00 20.75 ? 89  PHE A CB  1 
ATOM   729  C CG  . PHE A 1 90  ? 13.307  -2.571  -2.763  1.00 22.32 ? 89  PHE A CG  1 
ATOM   730  C CD1 . PHE A 1 90  ? 14.396  -3.097  -3.466  1.00 25.11 ? 89  PHE A CD1 1 
ATOM   731  C CD2 . PHE A 1 90  ? 13.302  -2.672  -1.384  1.00 21.63 ? 89  PHE A CD2 1 
ATOM   732  C CE1 . PHE A 1 90  ? 15.451  -3.700  -2.801  1.00 25.16 ? 89  PHE A CE1 1 
ATOM   733  C CE2 . PHE A 1 90  ? 14.354  -3.287  -0.707  1.00 23.79 ? 89  PHE A CE2 1 
ATOM   734  C CZ  . PHE A 1 90  ? 15.443  -3.799  -1.401  1.00 25.53 ? 89  PHE A CZ  1 
ATOM   735  N N   . ILE A 1 91  ? 11.150  1.082   -4.965  1.00 17.51 ? 90  ILE A N   1 
ATOM   736  C CA  . ILE A 1 91  ? 10.027  1.730   -5.548  1.00 17.18 ? 90  ILE A CA  1 
ATOM   737  C C   . ILE A 1 91  ? 10.457  2.377   -6.849  1.00 18.12 ? 90  ILE A C   1 
ATOM   738  O O   . ILE A 1 91  ? 11.396  3.209   -6.870  1.00 16.97 ? 90  ILE A O   1 
ATOM   739  C CB  . ILE A 1 91  ? 9.400   2.799   -4.590  1.00 16.46 ? 90  ILE A CB  1 
ATOM   740  C CG1 . ILE A 1 91  ? 8.938   2.149   -3.294  1.00 16.49 ? 90  ILE A CG1 1 
ATOM   741  C CG2 . ILE A 1 91  ? 8.216   3.485   -5.232  1.00 15.24 ? 90  ILE A CG2 1 
ATOM   742  C CD1 . ILE A 1 91  ? 8.194   3.087   -2.333  1.00 16.71 ? 90  ILE A CD1 1 
ATOM   743  N N   . PRO A 1 92  ? 9.747   2.031   -7.958  1.00 19.13 ? 91  PRO A N   1 
ATOM   744  C CA  . PRO A 1 92  ? 10.124  2.631   -9.224  1.00 20.02 ? 91  PRO A CA  1 
ATOM   745  C C   . PRO A 1 92  ? 9.988   4.165   -9.200  1.00 20.44 ? 91  PRO A C   1 
ATOM   746  O O   . PRO A 1 92  ? 9.137   4.721   -8.447  1.00 20.01 ? 91  PRO A O   1 
ATOM   747  C CB  . PRO A 1 92  ? 9.146   2.014   -10.218 1.00 19.57 ? 91  PRO A CB  1 
ATOM   748  C CG  . PRO A 1 92  ? 7.904   1.831   -9.413  1.00 20.97 ? 91  PRO A CG  1 
ATOM   749  C CD  . PRO A 1 92  ? 8.479   1.303   -8.082  1.00 20.43 ? 91  PRO A CD  1 
ATOM   750  N N   . GLU A 1 93  ? 10.828  4.798   -10.016 1.00 19.74 ? 92  GLU A N   1 
ATOM   751  C CA  . GLU A 1 93  ? 10.815  6.239   -10.198 1.00 26.04 ? 92  GLU A CA  1 
ATOM   752  C C   . GLU A 1 93  ? 9.526   6.668   -10.887 1.00 25.66 ? 92  GLU A C   1 
ATOM   753  O O   . GLU A 1 93  ? 9.004   7.730   -10.598 1.00 28.29 ? 92  GLU A O   1 
ATOM   754  C CB  . GLU A 1 93  ? 12.010  6.690   -11.024 1.00 27.81 ? 92  GLU A CB  1 
ATOM   755  C CG  . GLU A 1 93  ? 13.344  6.336   -10.410 1.00 30.88 ? 92  GLU A CG  1 
ATOM   756  C CD  . GLU A 1 93  ? 14.551  7.005   -11.080 1.00 35.73 ? 92  GLU A CD  1 
ATOM   757  O OE1 . GLU A 1 93  ? 15.632  7.109   -10.417 1.00 41.04 ? 92  GLU A OE1 1 
ATOM   758  O OE2 . GLU A 1 93  ? 14.450  7.421   -12.262 1.00 38.41 ? 92  GLU A OE2 1 
ATOM   759  N N   . ASN A 1 94  ? 9.017   5.813   -11.781 1.00 27.95 ? 93  ASN A N   1 
ATOM   760  C CA  . ASN A 1 94  ? 7.763   6.038   -12.464 1.00 29.55 ? 93  ASN A CA  1 
ATOM   761  C C   . ASN A 1 94  ? 6.870   4.840   -12.266 1.00 30.87 ? 93  ASN A C   1 
ATOM   762  O O   . ASN A 1 94  ? 7.348   3.709   -12.107 1.00 29.66 ? 93  ASN A O   1 
ATOM   763  C CB  . ASN A 1 94  ? 8.020   6.263   -13.953 1.00 30.09 ? 93  ASN A CB  1 
ATOM   764  C CG  . ASN A 1 94  ? 8.659   7.607   -14.231 1.00 36.64 ? 93  ASN A CG  1 
ATOM   765  O OD1 . ASN A 1 94  ? 9.889   7.694   -14.473 1.00 40.67 ? 93  ASN A OD1 1 
ATOM   766  N ND2 . ASN A 1 94  ? 7.848   8.670   -14.179 1.00 33.92 ? 93  ASN A ND2 1 
ATOM   767  N N   . ILE A 1 95  ? 5.569   5.092   -12.303 1.00 36.50 ? 94  ILE A N   1 
ATOM   768  C CA  . ILE A 1 95  ? 4.567   4.050   -12.096 1.00 36.90 ? 94  ILE A CA  1 
ATOM   769  C C   . ILE A 1 95  ? 4.763   2.898   -13.119 1.00 37.34 ? 94  ILE A C   1 
ATOM   770  O O   . ILE A 1 95  ? 4.665   3.083   -14.333 1.00 31.69 ? 94  ILE A O   1 
ATOM   771  C CB  . ILE A 1 95  ? 3.139   4.649   -12.071 1.00 38.15 ? 94  ILE A CB  1 
ATOM   772  C CG1 . ILE A 1 95  ? 2.914   5.307   -10.697 1.00 39.50 ? 94  ILE A CG1 1 
ATOM   773  C CG2 . ILE A 1 95  ? 2.063   3.573   -12.275 1.00 40.38 ? 94  ILE A CG2 1 
ATOM   774  C CD1 . ILE A 1 95  ? 2.130   6.595   -10.720 1.00 37.45 ? 94  ILE A CD1 1 
ATOM   775  N N   . SER A 1 96  ? 5.094   1.722   -12.590 1.00 33.52 ? 95  SER A N   1 
ATOM   776  C CA  . SER A 1 96  ? 5.513   0.635   -13.431 1.00 37.68 ? 95  SER A CA  1 
ATOM   777  C C   . SER A 1 96  ? 4.586   -0.537  -13.335 1.00 38.01 ? 95  SER A C   1 
ATOM   778  O O   . SER A 1 96  ? 4.204   -0.949  -12.238 1.00 42.06 ? 95  SER A O   1 
ATOM   779  C CB  . SER A 1 96  ? 6.918   0.206   -13.050 1.00 35.74 ? 95  SER A CB  1 
ATOM   780  O OG  . SER A 1 96  ? 7.713   1.367   -13.029 1.00 38.05 ? 95  SER A OG  1 
ATOM   781  N N   . THR A 1 97  ? 4.255   -1.072  -14.501 1.00 33.40 ? 96  THR A N   1 
ATOM   782  C CA  . THR A 1 97  ? 3.558   -2.325  -14.600 1.00 33.00 ? 96  THR A CA  1 
ATOM   783  C C   . THR A 1 97  ? 4.502   -3.463  -14.239 1.00 32.84 ? 96  THR A C   1 
ATOM   784  O O   . THR A 1 97  ? 5.737   -3.274  -14.095 1.00 30.16 ? 96  THR A O   1 
ATOM   785  C CB  . THR A 1 97  ? 3.072   -2.577  -16.019 1.00 33.28 ? 96  THR A CB  1 
ATOM   786  O OG1 . THR A 1 97  ? 4.211   -2.659  -16.900 1.00 32.80 ? 96  THR A OG1 1 
ATOM   787  C CG2 . THR A 1 97  ? 2.123   -1.476  -16.449 1.00 33.84 ? 96  THR A CG2 1 
ATOM   788  N N   . ALA A 1 98  ? 3.908   -4.646  -14.144 1.00 28.60 ? 97  ALA A N   1 
ATOM   789  C CA  . ALA A 1 98  ? 4.623   -5.848  -13.802 1.00 28.37 ? 97  ALA A CA  1 
ATOM   790  C C   . ALA A 1 98  ? 3.953   -7.084  -14.365 1.00 28.07 ? 97  ALA A C   1 
ATOM   791  O O   . ALA A 1 98  ? 2.770   -7.083  -14.746 1.00 30.42 ? 97  ALA A O   1 
ATOM   792  C CB  . ALA A 1 98  ? 4.706   -5.983  -12.274 1.00 32.08 ? 97  ALA A CB  1 
ATOM   793  N N   . SER A 1 99  ? 4.710   -8.161  -14.344 1.00 26.69 ? 98  SER A N   1 
ATOM   794  C CA  . SER A 1 99  ? 4.214   -9.450  -14.685 1.00 29.13 ? 98  SER A CA  1 
ATOM   795  C C   . SER A 1 99  ? 4.188   -10.333 -13.453 1.00 27.12 ? 98  SER A C   1 
ATOM   796  O O   . SER A 1 99  ? 5.037   -10.249 -12.578 1.00 27.21 ? 98  SER A O   1 
ATOM   797  C CB  . SER A 1 99  ? 5.103   -10.067 -15.792 1.00 27.39 ? 98  SER A CB  1 
ATOM   798  O OG  . SER A 1 99  ? 5.051   -9.215  -16.908 1.00 30.94 ? 98  SER A OG  1 
ATOM   799  N N   . ASP A 1 100 ? 3.226   -11.228 -13.449 1.00 28.65 ? 99  ASP A N   1 
ATOM   800  C CA  . ASP A 1 100 ? 2.967   -12.141 -12.356 1.00 30.11 ? 99  ASP A CA  1 
ATOM   801  C C   . ASP A 1 100 ? 3.299   -11.604 -10.933 1.00 25.05 ? 99  ASP A C   1 
ATOM   802  O O   . ASP A 1 100 ? 4.026   -12.230 -10.170 1.00 21.83 ? 99  ASP A O   1 
ATOM   803  C CB  . ASP A 1 100 ? 3.586   -13.497 -12.667 1.00 36.38 ? 99  ASP A CB  1 
ATOM   804  C CG  . ASP A 1 100 ? 2.614   -14.397 -13.402 1.00 43.98 ? 99  ASP A CG  1 
ATOM   805  O OD1 . ASP A 1 100 ? 1.467   -13.933 -13.674 1.00 50.03 ? 99  ASP A OD1 1 
ATOM   806  O OD2 . ASP A 1 100 ? 2.984   -15.559 -13.684 1.00 46.25 ? 99  ASP A OD2 1 
ATOM   807  N N   . ALA A 1 101 ? 2.699   -10.457 -10.615 1.00 20.91 ? 100 ALA A N   1 
ATOM   808  C CA  . ALA A 1 101 ? 2.847   -9.850  -9.289  1.00 20.15 ? 100 ALA A CA  1 
ATOM   809  C C   . ALA A 1 101 ? 2.201   -10.632 -8.161  1.00 20.45 ? 100 ALA A C   1 
ATOM   810  O O   . ALA A 1 101 ? 1.336   -11.485 -8.347  1.00 17.37 ? 100 ALA A O   1 
ATOM   811  C CB  . ALA A 1 101 ? 2.318   -8.433  -9.296  1.00 20.33 ? 100 ALA A CB  1 
ATOM   812  N N   . THR A 1 102 ? 2.651   -10.301 -6.966  1.00 20.38 ? 101 THR A N   1 
ATOM   813  C CA  . THR A 1 102 ? 2.134   -10.839 -5.760  1.00 22.22 ? 101 THR A CA  1 
ATOM   814  C C   . THR A 1 102 ? 1.532   -9.664  -4.973  1.00 20.38 ? 101 THR A C   1 
ATOM   815  O O   . THR A 1 102 ? 1.955   -8.518  -5.118  1.00 20.14 ? 101 THR A O   1 
ATOM   816  C CB  . THR A 1 102 ? 3.252   -11.584 -5.033  1.00 25.50 ? 101 THR A CB  1 
ATOM   817  O OG1 . THR A 1 102 ? 3.366   -12.867 -5.628  1.00 28.76 ? 101 THR A OG1 1 
ATOM   818  C CG2 . THR A 1 102 ? 2.935   -11.774 -3.564  1.00 26.81 ? 101 THR A CG2 1 
ATOM   819  N N   . LEU A 1 103 ? 0.477   -9.951  -4.218  1.00 18.10 ? 102 LEU A N   1 
ATOM   820  C CA  . LEU A 1 103 ? -0.128  -8.951  -3.346  1.00 16.31 ? 102 LEU A CA  1 
ATOM   821  C C   . LEU A 1 103 ? 0.064   -9.491  -1.960  1.00 15.23 ? 102 LEU A C   1 
ATOM   822  O O   . LEU A 1 103 ? -0.314  -10.613 -1.714  1.00 16.11 ? 102 LEU A O   1 
ATOM   823  C CB  . LEU A 1 103 ? -1.590  -8.783  -3.640  1.00 16.17 ? 102 LEU A CB  1 
ATOM   824  C CG  . LEU A 1 103 ? -2.414  -7.933  -2.670  1.00 15.94 ? 102 LEU A CG  1 
ATOM   825  C CD1 . LEU A 1 103 ? -1.956  -6.487  -2.675  1.00 16.63 ? 102 LEU A CD1 1 
ATOM   826  C CD2 . LEU A 1 103 ? -3.865  -7.970  -3.049  1.00 17.70 ? 102 LEU A CD2 1 
ATOM   827  N N   . VAL A 1 104 ? 0.716   -8.711  -1.102  1.00 13.90 ? 103 VAL A N   1 
ATOM   828  C CA  . VAL A 1 104 ? 1.105   -9.146  0.260   1.00 13.24 ? 103 VAL A CA  1 
ATOM   829  C C   . VAL A 1 104 ? 0.237   -8.307  1.200   1.00 13.26 ? 103 VAL A C   1 
ATOM   830  O O   . VAL A 1 104 ? 0.265   -7.052  1.189   1.00 15.00 ? 103 VAL A O   1 
ATOM   831  C CB  . VAL A 1 104 ? 2.573   -8.921  0.501   1.00 14.71 ? 103 VAL A CB  1 
ATOM   832  C CG1 . VAL A 1 104 ? 3.030   -9.476  1.821   1.00 16.51 ? 103 VAL A CG1 1 
ATOM   833  C CG2 . VAL A 1 104 ? 3.428   -9.488  -0.628  1.00 14.91 ? 103 VAL A CG2 1 
ATOM   834  N N   . ILE A 1 105 ? -0.560  -9.003  1.970   1.00 12.12 ? 104 ILE A N   1 
ATOM   835  C CA  . ILE A 1 105 ? -1.551  -8.419  2.846   1.00 12.58 ? 104 ILE A CA  1 
ATOM   836  C C   . ILE A 1 105 ? -1.108  -8.788  4.228   1.00 13.52 ? 104 ILE A C   1 
ATOM   837  O O   . ILE A 1 105 ? -0.572  -9.888  4.440   1.00 15.59 ? 104 ILE A O   1 
ATOM   838  C CB  . ILE A 1 105 ? -2.939  -9.002  2.581   1.00 12.27 ? 104 ILE A CB  1 
ATOM   839  C CG1 . ILE A 1 105 ? -3.414  -8.576  1.175   1.00 12.35 ? 104 ILE A CG1 1 
ATOM   840  C CG2 . ILE A 1 105 ? -3.913  -8.651  3.715   1.00 12.48 ? 104 ILE A CG2 1 
ATOM   841  C CD1 . ILE A 1 105 ? -4.083  -9.689  0.407   1.00 12.50 ? 104 ILE A CD1 1 
ATOM   842  N N   . ASN A 1 106 ? -1.347  -7.871  5.168   1.00 12.80 ? 105 ASN A N   1 
ATOM   843  C CA  . ASN A 1 106 ? -1.084  -8.121  6.543   1.00 12.48 ? 105 ASN A CA  1 
ATOM   844  C C   . ASN A 1 106 ? -1.955  -7.319  7.474   1.00 12.54 ? 105 ASN A C   1 
ATOM   845  O O   . ASN A 1 106 ? -1.660  -6.181  7.842   1.00 12.17 ? 105 ASN A O   1 
ATOM   846  C CB  . ASN A 1 106 ? 0.371   -7.834  6.807   1.00 13.07 ? 105 ASN A CB  1 
ATOM   847  C CG  . ASN A 1 106 ? 0.838   -8.451  8.036   1.00 12.62 ? 105 ASN A CG  1 
ATOM   848  O OD1 . ASN A 1 106 ? 0.233   -9.449  8.543   1.00 13.25 ? 105 ASN A OD1 1 
ATOM   849  N ND2 . ASN A 1 106 ? 1.883   -7.859  8.598   1.00 12.19 ? 105 ASN A ND2 1 
ATOM   850  N N   . THR A 1 107 ? -3.012  -7.977  7.877   1.00 14.70 ? 106 THR A N   1 
ATOM   851  C CA  . THR A 1 107 ? -4.041  -7.470  8.789   1.00 15.70 ? 106 THR A CA  1 
ATOM   852  C C   . THR A 1 107 ? -4.239  -8.512  9.930   1.00 16.94 ? 106 THR A C   1 
ATOM   853  O O   . THR A 1 107 ? -3.927  -9.719  9.803   1.00 13.54 ? 106 THR A O   1 
ATOM   854  C CB  . THR A 1 107 ? -5.245  -7.346  7.849   1.00 16.43 ? 106 THR A CB  1 
ATOM   855  O OG1 . THR A 1 107 ? -5.488  -5.972  7.481   1.00 17.83 ? 106 THR A OG1 1 
ATOM   856  C CG2 . THR A 1 107 ? -6.403  -8.006  8.298   1.00 15.85 ? 106 THR A CG2 1 
ATOM   857  N N   . GLU A 1 108 ? -4.781  -8.063  11.064  1.00 19.08 ? 107 GLU A N   1 
ATOM   858  C CA  . GLU A 1 108 ? -5.272  -9.004  12.084  1.00 19.62 ? 107 GLU A CA  1 
ATOM   859  C C   . GLU A 1 108 ? -6.162  -10.104 11.480  1.00 17.10 ? 107 GLU A C   1 
ATOM   860  O O   . GLU A 1 108 ? -6.032  -11.243 11.808  1.00 18.30 ? 107 GLU A O   1 
ATOM   861  C CB  . GLU A 1 108 ? -6.010  -8.242  13.205  1.00 23.05 ? 107 GLU A CB  1 
ATOM   862  C CG  . GLU A 1 108 ? -6.076  -8.970  14.542  1.00 29.52 ? 107 GLU A CG  1 
ATOM   863  C CD  . GLU A 1 108 ? -6.818  -8.198  15.610  1.00 33.63 ? 107 GLU A CD  1 
ATOM   864  O OE1 . GLU A 1 108 ? -7.951  -7.728  15.328  1.00 34.76 ? 107 GLU A OE1 1 
ATOM   865  O OE2 . GLU A 1 108 ? -6.237  -8.058  16.720  1.00 39.92 ? 107 GLU A OE2 1 
ATOM   866  N N   . HIS A 1 109 ? -7.053  -9.786  10.580  1.00 19.29 ? 108 HIS A N   1 
ATOM   867  C CA  . HIS A 1 109 ? -7.918  -10.785 9.959   1.00 19.90 ? 108 HIS A CA  1 
ATOM   868  C C   . HIS A 1 109 ? -7.246  -11.634 8.840   1.00 20.92 ? 108 HIS A C   1 
ATOM   869  O O   . HIS A 1 109 ? -7.618  -12.819 8.665   1.00 21.04 ? 108 HIS A O   1 
ATOM   870  C CB  . HIS A 1 109 ? -9.167  -10.129 9.431   1.00 24.63 ? 108 HIS A CB  1 
ATOM   871  C CG  . HIS A 1 109 ? -10.038 -9.540  10.504  1.00 25.59 ? 108 HIS A CG  1 
ATOM   872  N ND1 . HIS A 1 109 ? -10.446 -10.255 11.593  1.00 24.99 ? 108 HIS A ND1 1 
ATOM   873  C CD2 . HIS A 1 109 ? -10.579 -8.303  10.643  1.00 27.79 ? 108 HIS A CD2 1 
ATOM   874  C CE1 . HIS A 1 109 ? -11.208 -9.497  12.368  1.00 26.96 ? 108 HIS A CE1 1 
ATOM   875  N NE2 . HIS A 1 109 ? -11.302 -8.306  11.814  1.00 27.17 ? 108 HIS A NE2 1 
ATOM   876  N N   . MET A 1 110 ? -6.220  -11.077 8.179   1.00 16.55 ? 109 MET A N   1 
ATOM   877  C CA  . MET A 1 110 ? -5.561  -11.716 7.043   1.00 18.41 ? 109 MET A CA  1 
ATOM   878  C C   . MET A 1 110 ? -4.064  -11.533 7.259   1.00 15.71 ? 109 MET A C   1 
ATOM   879  O O   . MET A 1 110 ? -3.389  -10.818 6.553   1.00 18.56 ? 109 MET A O   1 
ATOM   880  C CB  . MET A 1 110 ? -6.042  -11.096 5.722   1.00 19.69 ? 109 MET A CB  1 
ATOM   881  C CG  . MET A 1 110 ? -7.477  -11.477 5.320   1.00 23.67 ? 109 MET A CG  1 
ATOM   882  S SD  . MET A 1 110 ? -8.035  -10.895 3.721   1.00 24.78 ? 109 MET A SD  1 
ATOM   883  C CE  . MET A 1 110 ? -9.071  -9.496  4.160   1.00 29.58 ? 109 MET A CE  1 
ATOM   884  N N   . PRO A 1 111 ? -3.515  -12.197 8.246   1.00 15.59 ? 110 PRO A N   1 
ATOM   885  C CA  . PRO A 1 111 ? -2.104  -11.955 8.532   1.00 14.07 ? 110 PRO A CA  1 
ATOM   886  C C   . PRO A 1 111 ? -1.212  -12.666 7.530   1.00 14.86 ? 110 PRO A C   1 
ATOM   887  O O   . PRO A 1 111 ? -1.556  -13.803 7.108   1.00 15.19 ? 110 PRO A O   1 
ATOM   888  C CB  . PRO A 1 111 ? -1.935  -12.576 9.889   1.00 14.65 ? 110 PRO A CB  1 
ATOM   889  C CG  . PRO A 1 111 ? -2.999  -13.654 9.953   1.00 15.61 ? 110 PRO A CG  1 
ATOM   890  C CD  . PRO A 1 111 ? -4.144  -13.166 9.164   1.00 15.17 ? 110 PRO A CD  1 
ATOM   891  N N   . SER A 1 112 ? -0.099  -12.014 7.153   1.00 13.52 ? 111 SER A N   1 
ATOM   892  C CA  . SER A 1 112 ? 0.932   -12.579 6.294   1.00 14.37 ? 111 SER A CA  1 
ATOM   893  C C   . SER A 1 112 ? 0.343   -13.350 5.142   1.00 14.25 ? 111 SER A C   1 
ATOM   894  O O   . SER A 1 112 ? 0.648   -14.526 4.955   1.00 13.59 ? 111 SER A O   1 
ATOM   895  C CB  . SER A 1 112 ? 1.825   -13.511 7.055   1.00 14.81 ? 111 SER A CB  1 
ATOM   896  O OG  . SER A 1 112 ? 2.616   -12.814 7.981   1.00 17.49 ? 111 SER A OG  1 
ATOM   897  N N   . MET A 1 113 ? -0.465  -12.664 4.335   1.00 14.39 ? 112 MET A N   1 
ATOM   898  C CA  . MET A 1 113 ? -1.229  -13.305 3.293   1.00 15.49 ? 112 MET A CA  1 
ATOM   899  C C   . MET A 1 113 ? -0.714  -12.989 1.914   1.00 17.13 ? 112 MET A C   1 
ATOM   900  O O   . MET A 1 113 ? -0.586  -11.797 1.560   1.00 17.03 ? 112 MET A O   1 
ATOM   901  C CB  . MET A 1 113 ? -2.666  -12.836 3.400   1.00 16.22 ? 112 MET A CB  1 
ATOM   902  C CG  . MET A 1 113 ? -3.539  -13.491 2.366   1.00 15.85 ? 112 MET A CG  1 
ATOM   903  S SD  . MET A 1 113 ? -5.186  -12.904 2.462   1.00 16.56 ? 112 MET A SD  1 
ATOM   904  C CE  . MET A 1 113 ? -5.908  -13.958 1.176   1.00 14.57 ? 112 MET A CE  1 
ATOM   905  N N   . PHE A 1 114 ? -0.478  -14.018 1.089   1.00 19.61 ? 113 PHE A N   1 
ATOM   906  C CA  . PHE A 1 114 ? 0.127   -13.814 -0.226  1.00 20.99 ? 113 PHE A CA  1 
ATOM   907  C C   . PHE A 1 114 ? -0.883  -14.169 -1.258  1.00 20.72 ? 113 PHE A C   1 
ATOM   908  O O   . PHE A 1 114 ? -1.387  -15.294 -1.249  1.00 21.75 ? 113 PHE A O   1 
ATOM   909  C CB  . PHE A 1 114 ? 1.357   -14.725 -0.433  1.00 24.66 ? 113 PHE A CB  1 
ATOM   910  C CG  . PHE A 1 114 ? 2.598   -14.306 0.330   1.00 27.73 ? 113 PHE A CG  1 
ATOM   911  C CD1 . PHE A 1 114 ? 2.543   -13.925 1.661   1.00 34.94 ? 113 PHE A CD1 1 
ATOM   912  C CD2 . PHE A 1 114 ? 3.831   -14.347 -0.280  1.00 29.81 ? 113 PHE A CD2 1 
ATOM   913  C CE1 . PHE A 1 114 ? 3.699   -13.549 2.347   1.00 35.85 ? 113 PHE A CE1 1 
ATOM   914  C CE2 . PHE A 1 114 ? 4.984   -13.987 0.397   1.00 33.43 ? 113 PHE A CE2 1 
ATOM   915  C CZ  . PHE A 1 114 ? 4.920   -13.581 1.715   1.00 33.75 ? 113 PHE A CZ  1 
ATOM   916  N N   . VAL A 1 115 ? -1.157  -13.259 -2.192  1.00 22.62 ? 114 VAL A N   1 
ATOM   917  C CA  . VAL A 1 115 ? -2.186  -13.487 -3.191  1.00 22.68 ? 114 VAL A CA  1 
ATOM   918  C C   . VAL A 1 115 ? -1.562  -13.302 -4.588  1.00 23.83 ? 114 VAL A C   1 
ATOM   919  O O   . VAL A 1 115 ? -1.088  -12.218 -4.880  1.00 20.00 ? 114 VAL A O   1 
ATOM   920  C CB  . VAL A 1 115 ? -3.372  -12.516 -2.981  1.00 22.55 ? 114 VAL A CB  1 
ATOM   921  C CG1 . VAL A 1 115 ? -4.440  -12.747 -4.027  1.00 21.05 ? 114 VAL A CG1 1 
ATOM   922  C CG2 . VAL A 1 115 ? -3.962  -12.701 -1.581  1.00 21.60 ? 114 VAL A CG2 1 
ATOM   923  N N   . PRO A 1 116 ? -1.586  -14.352 -5.450  1.00 26.43 ? 115 PRO A N   1 
ATOM   924  C CA  . PRO A 1 116 ? -0.987  -14.194 -6.771  1.00 27.50 ? 115 PRO A CA  1 
ATOM   925  C C   . PRO A 1 116 ? -2.005  -13.489 -7.657  1.00 26.94 ? 115 PRO A C   1 
ATOM   926  O O   . PRO A 1 116 ? -2.906  -14.116 -8.246  1.00 27.83 ? 115 PRO A O   1 
ATOM   927  C CB  . PRO A 1 116 ? -0.785  -15.644 -7.236  1.00 27.63 ? 115 PRO A CB  1 
ATOM   928  C CG  . PRO A 1 116 ? -1.945  -16.392 -6.627  1.00 28.31 ? 115 PRO A CG  1 
ATOM   929  C CD  . PRO A 1 116 ? -2.445  -15.563 -5.436  1.00 30.46 ? 115 PRO A CD  1 
ATOM   930  N N   . VAL A 1 117 ? -1.867  -12.183 -7.775  1.00 26.17 ? 116 VAL A N   1 
ATOM   931  C CA  . VAL A 1 117 ? -2.751  -11.453 -8.621  1.00 26.16 ? 116 VAL A CA  1 
ATOM   932  C C   . VAL A 1 117 ? -2.438  -11.583 -10.123 1.00 29.44 ? 116 VAL A C   1 
ATOM   933  O O   . VAL A 1 117 ? -3.269  -11.230 -10.946 1.00 34.73 ? 116 VAL A O   1 
ATOM   934  C CB  . VAL A 1 117 ? -2.890  -9.997  -8.137  1.00 27.22 ? 116 VAL A CB  1 
ATOM   935  C CG1 . VAL A 1 117 ? -3.528  -10.005 -6.765  1.00 26.47 ? 116 VAL A CG1 1 
ATOM   936  C CG2 . VAL A 1 117 ? -1.559  -9.239  -8.122  1.00 26.83 ? 116 VAL A CG2 1 
ATOM   937  N N   . GLY A 1 118 ? -1.248  -12.079 -10.486 1.00 29.85 ? 117 GLY A N   1 
ATOM   938  C CA  . GLY A 1 118 ? -0.846  -12.099 -11.912 1.00 30.91 ? 117 GLY A CA  1 
ATOM   939  C C   . GLY A 1 118 ? -0.320  -10.746 -12.415 1.00 32.71 ? 117 GLY A C   1 
ATOM   940  O O   . GLY A 1 118 ? 0.262   -9.975  -11.654 1.00 29.45 ? 117 GLY A O   1 
ATOM   941  N N   . ASP A 1 119 ? -0.525  -10.475 -13.704 1.00 32.42 ? 118 ASP A N   1 
ATOM   942  C CA  . ASP A 1 119 ? -0.141  -9.222  -14.364 1.00 32.29 ? 118 ASP A CA  1 
ATOM   943  C C   . ASP A 1 119 ? -0.830  -7.972  -13.871 1.00 30.61 ? 118 ASP A C   1 
ATOM   944  O O   . ASP A 1 119 ? -2.069  -7.916  -13.791 1.00 31.41 ? 118 ASP A O   1 
ATOM   945  C CB  . ASP A 1 119 ? -0.451  -9.316  -15.867 1.00 33.08 ? 118 ASP A CB  1 
ATOM   946  C CG  . ASP A 1 119 ? 0.547   -10.178 -16.624 1.00 32.93 ? 118 ASP A CG  1 
ATOM   947  O OD1 . ASP A 1 119 ? 1.434   -10.772 -15.986 1.00 29.57 ? 118 ASP A OD1 1 
ATOM   948  O OD2 . ASP A 1 119 ? 0.435   -10.243 -17.872 1.00 34.79 ? 118 ASP A OD2 1 
ATOM   949  N N   . VAL A 1 120 ? -0.015  -6.947  -13.590 1.00 27.33 ? 119 VAL A N   1 
ATOM   950  C CA  . VAL A 1 120 ? -0.491  -5.589  -13.235 1.00 26.15 ? 119 VAL A CA  1 
ATOM   951  C C   . VAL A 1 120 ? -0.362  -4.696  -14.454 1.00 28.47 ? 119 VAL A C   1 
ATOM   952  O O   . VAL A 1 120 ? 0.746   -4.581  -14.992 1.00 30.76 ? 119 VAL A O   1 
ATOM   953  C CB  . VAL A 1 120 ? 0.348   -5.032  -12.036 1.00 24.97 ? 119 VAL A CB  1 
ATOM   954  C CG1 . VAL A 1 120 ? -0.123  -3.682  -11.589 1.00 23.15 ? 119 VAL A CG1 1 
ATOM   955  C CG2 . VAL A 1 120 ? 0.250   -6.019  -10.886 1.00 23.67 ? 119 VAL A CG2 1 
ATOM   956  N N   . VAL A 1 121 ? -1.470  -4.079  -14.894 1.00 28.04 ? 120 VAL A N   1 
ATOM   957  C CA  . VAL A 1 121 ? -1.477  -3.258  -16.114 1.00 28.70 ? 120 VAL A CA  1 
ATOM   958  C C   . VAL A 1 121 ? -1.869  -1.790  -15.877 1.00 28.97 ? 120 VAL A C   1 
ATOM   959  O O   . VAL A 1 121 ? -2.502  -1.455  -14.876 1.00 30.69 ? 120 VAL A O   1 
ATOM   960  C CB  . VAL A 1 121 ? -2.379  -3.879  -17.233 1.00 29.62 ? 120 VAL A CB  1 
ATOM   961  C CG1 . VAL A 1 121 ? -1.789  -5.175  -17.802 1.00 32.54 ? 120 VAL A CG1 1 
ATOM   962  C CG2 . VAL A 1 121 ? -3.791  -4.122  -16.746 1.00 31.13 ? 120 VAL A CG2 1 
ATOM   963  N N   . GLN A 1 122 ? -1.502  -0.914  -16.812 1.00 31.02 ? 121 GLN A N   1 
ATOM   964  C CA  . GLN A 1 122 ? -1.840  0.510   -16.690 1.00 31.38 ? 121 GLN A CA  1 
ATOM   965  C C   . GLN A 1 122 ? -3.343  0.660   -16.788 1.00 31.13 ? 121 GLN A C   1 
ATOM   966  O O   . GLN A 1 122 ? -3.982  0.032   -17.652 1.00 33.28 ? 121 GLN A O   1 
ATOM   967  C CB  . GLN A 1 122 ? -1.166  1.357   -17.765 1.00 32.04 ? 121 GLN A CB  1 
ATOM   968  C CG  . GLN A 1 122 ? 0.345   1.171   -17.876 1.00 34.94 ? 121 GLN A CG  1 
ATOM   969  C CD  . GLN A 1 122 ? 1.164   1.811   -16.725 1.00 38.74 ? 121 GLN A CD  1 
ATOM   970  O OE1 . GLN A 1 122 ? 0.688   1.987   -15.571 1.00 33.87 ? 121 GLN A OE1 1 
ATOM   971  N NE2 . GLN A 1 122 ? 2.422   2.148   -17.039 1.00 39.89 ? 121 GLN A NE2 1 
ATOM   972  N N   . TYR A 1 123 ? -3.909  1.471   -15.902 1.00 30.03 ? 122 TYR A N   1 
ATOM   973  C CA  . TYR A 1 123 ? -5.346  1.724   -15.908 1.00 32.68 ? 122 TYR A CA  1 
ATOM   974  C C   . TYR A 1 123 ? -5.605  3.209   -16.021 1.00 34.84 ? 122 TYR A C   1 
ATOM   975  O O   . TYR A 1 123 ? -6.329  3.673   -16.914 1.00 35.04 ? 122 TYR A O   1 
ATOM   976  C CB  . TYR A 1 123 ? -6.017  1.142   -14.669 1.00 34.39 ? 122 TYR A CB  1 
ATOM   977  C CG  . TYR A 1 123 ? -7.434  0.691   -14.928 1.00 35.05 ? 122 TYR A CG  1 
ATOM   978  C CD1 . TYR A 1 123 ? -7.692  -0.544  -15.515 1.00 36.95 ? 122 TYR A CD1 1 
ATOM   979  C CD2 . TYR A 1 123 ? -8.510  1.505   -14.637 1.00 36.73 ? 122 TYR A CD2 1 
ATOM   980  C CE1 . TYR A 1 123 ? -8.985  -0.970  -15.768 1.00 35.33 ? 122 TYR A CE1 1 
ATOM   981  C CE2 . TYR A 1 123 ? -9.808  1.092   -14.905 1.00 33.88 ? 122 TYR A CE2 1 
ATOM   982  C CZ  . TYR A 1 123 ? -10.032 -0.150  -15.455 1.00 33.53 ? 122 TYR A CZ  1 
ATOM   983  O OH  . TYR A 1 123 ? -11.305 -0.578  -15.721 1.00 34.90 ? 122 TYR A OH  1 
ATOM   984  N N   . GLY A 1 124 ? -5.002  3.964   -15.124 1.00 34.39 ? 123 GLY A N   1 
ATOM   985  C CA  . GLY A 1 124 ? -5.155  5.391   -15.100 1.00 32.59 ? 123 GLY A CA  1 
ATOM   986  C C   . GLY A 1 124 ? -6.333  5.740   -14.226 1.00 32.77 ? 123 GLY A C   1 
ATOM   987  O O   . GLY A 1 124 ? -6.272  5.683   -12.983 1.00 30.79 ? 123 GLY A O   1 
ATOM   988  N N   . PHE A 1 125 ? -7.406  6.130   -14.892 1.00 35.11 ? 124 PHE A N   1 
ATOM   989  C CA  . PHE A 1 125 ? -8.541  6.753   -14.243 1.00 36.23 ? 124 PHE A CA  1 
ATOM   990  C C   . PHE A 1 125 ? -9.432  5.688   -13.652 1.00 32.55 ? 124 PHE A C   1 
ATOM   991  O O   . PHE A 1 125 ? -9.622  4.626   -14.249 1.00 28.47 ? 124 PHE A O   1 
ATOM   992  C CB  . PHE A 1 125 ? -9.339  7.620   -15.230 1.00 40.30 ? 124 PHE A CB  1 
ATOM   993  C CG  . PHE A 1 125 ? -10.586 8.212   -14.626 1.00 40.00 ? 124 PHE A CG  1 
ATOM   994  C CD1 . PHE A 1 125 ? -11.770 7.465   -14.560 1.00 42.63 ? 124 PHE A CD1 1 
ATOM   995  C CD2 . PHE A 1 125 ? -10.575 9.495   -14.098 1.00 36.07 ? 124 PHE A CD2 1 
ATOM   996  C CE1 . PHE A 1 125 ? -12.914 7.992   -13.970 1.00 38.91 ? 124 PHE A CE1 1 
ATOM   997  C CE2 . PHE A 1 125 ? -11.712 10.024  -13.505 1.00 38.93 ? 124 PHE A CE2 1 
ATOM   998  C CZ  . PHE A 1 125 ? -12.880 9.276   -13.446 1.00 39.40 ? 124 PHE A CZ  1 
ATOM   999  N N   . LEU A 1 126 ? -9.962  5.991   -12.463 1.00 35.40 ? 125 LEU A N   1 
ATOM   1000 C CA  . LEU A 1 126 ? -10.949 5.162   -11.788 1.00 34.97 ? 125 LEU A CA  1 
ATOM   1001 C C   . LEU A 1 126 ? -11.887 6.034   -10.944 1.00 39.31 ? 125 LEU A C   1 
ATOM   1002 O O   . LEU A 1 126 ? -11.486 7.055   -10.406 1.00 34.32 ? 125 LEU A O   1 
ATOM   1003 C CB  . LEU A 1 126 ? -10.232 4.143   -10.890 1.00 36.54 ? 125 LEU A CB  1 
ATOM   1004 C CG  . LEU A 1 126 ? -10.976 2.936   -10.310 1.00 35.14 ? 125 LEU A CG  1 
ATOM   1005 C CD1 . LEU A 1 126 ? -11.137 1.814   -11.307 1.00 35.31 ? 125 LEU A CD1 1 
ATOM   1006 C CD2 . LEU A 1 126 ? -10.184 2.387   -9.151  1.00 36.09 ? 125 LEU A CD2 1 
ATOM   1007 N N   . ASN A 1 127 ? -13.161 5.661   -10.847 1.00 47.30 ? 126 ASN A N   1 
ATOM   1008 C CA  . ASN A 1 127 ? -14.011 6.313   -9.854  1.00 53.21 ? 126 ASN A CA  1 
ATOM   1009 C C   . ASN A 1 127 ? -14.128 5.398   -8.678  1.00 58.22 ? 126 ASN A C   1 
ATOM   1010 O O   . ASN A 1 127 ? -14.628 4.278   -8.790  1.00 58.26 ? 126 ASN A O   1 
ATOM   1011 C CB  . ASN A 1 127 ? -15.393 6.647   -10.351 1.00 56.83 ? 126 ASN A CB  1 
ATOM   1012 C CG  . ASN A 1 127 ? -16.194 7.412   -9.310  1.00 56.44 ? 126 ASN A CG  1 
ATOM   1013 O OD1 . ASN A 1 127 ? -16.246 8.640   -9.336  1.00 55.21 ? 126 ASN A OD1 1 
ATOM   1014 N ND2 . ASN A 1 127 ? -16.806 6.691   -8.379  1.00 58.29 ? 126 ASN A ND2 1 
ATOM   1015 N N   . LEU A 1 128 ? -13.652 5.877   -7.540  1.00 66.04 ? 127 LEU A N   1 
ATOM   1016 C CA  . LEU A 1 128 ? -13.617 5.081   -6.335  1.00 62.82 ? 127 LEU A CA  1 
ATOM   1017 C C   . LEU A 1 128 ? -14.636 5.662   -5.371  1.00 65.45 ? 127 LEU A C   1 
ATOM   1018 O O   . LEU A 1 128 ? -14.349 6.651   -4.691  1.00 74.22 ? 127 LEU A O   1 
ATOM   1019 C CB  . LEU A 1 128 ? -12.215 5.146   -5.747  1.00 62.74 ? 127 LEU A CB  1 
ATOM   1020 C CG  . LEU A 1 128 ? -12.013 4.244   -4.541  1.00 66.66 ? 127 LEU A CG  1 
ATOM   1021 C CD1 . LEU A 1 128 ? -11.485 2.886   -4.974  1.00 69.06 ? 127 LEU A CD1 1 
ATOM   1022 C CD2 . LEU A 1 128 ? -11.065 4.913   -3.562  1.00 65.68 ? 127 LEU A CD2 1 
ATOM   1023 N N   . SER A 1 129 ? -15.830 5.083   -5.316  1.00 63.37 ? 128 SER A N   1 
ATOM   1024 C CA  . SER A 1 129 ? -16.840 5.563   -4.368  1.00 69.10 ? 128 SER A CA  1 
ATOM   1025 C C   . SER A 1 129 ? -17.016 7.077   -4.530  1.00 71.62 ? 128 SER A C   1 
ATOM   1026 O O   . SER A 1 129 ? -16.621 7.865   -3.658  1.00 70.43 ? 128 SER A O   1 
ATOM   1027 C CB  . SER A 1 129 ? -16.420 5.238   -2.922  1.00 69.80 ? 128 SER A CB  1 
ATOM   1028 O OG  . SER A 1 129 ? -15.667 4.038   -2.860  1.00 67.88 ? 128 SER A OG  1 
ATOM   1029 N N   . GLY A 1 130 ? -17.594 7.469   -5.662  1.00 71.45 ? 129 GLY A N   1 
ATOM   1030 C CA  . GLY A 1 130 ? -17.661 8.875   -6.079  1.00 69.51 ? 129 GLY A CA  1 
ATOM   1031 C C   . GLY A 1 130 ? -16.391 9.701   -5.927  1.00 64.41 ? 129 GLY A C   1 
ATOM   1032 O O   . GLY A 1 130 ? -16.448 10.941  -5.941  1.00 65.42 ? 129 GLY A O   1 
ATOM   1033 N N   . LYS A 1 131 ? -15.247 9.030   -5.780  1.00 56.67 ? 130 LYS A N   1 
ATOM   1034 C CA  . LYS A 1 131 ? -13.963 9.708   -5.696  1.00 53.92 ? 130 LYS A CA  1 
ATOM   1035 C C   . LYS A 1 131 ? -13.216 9.341   -6.975  1.00 48.70 ? 130 LYS A C   1 
ATOM   1036 O O   . LYS A 1 131 ? -13.004 8.155   -7.266  1.00 49.77 ? 130 LYS A O   1 
ATOM   1037 C CB  . LYS A 1 131 ? -13.169 9.263   -4.456  1.00 56.72 ? 130 LYS A CB  1 
ATOM   1038 C CG  . LYS A 1 131 ? -12.065 10.221  -4.014  1.00 55.59 ? 130 LYS A CG  1 
ATOM   1039 C CD  . LYS A 1 131 ? -12.627 11.415  -3.246  1.00 54.01 ? 130 LYS A CD  1 
ATOM   1040 C CE  . LYS A 1 131 ? -11.524 12.151  -2.488  1.00 52.17 ? 130 LYS A CE  1 
ATOM   1041 N NZ  . LYS A 1 131 ? -11.980 13.458  -1.921  1.00 46.93 ? 130 LYS A NZ  1 
ATOM   1042 N N   . PRO A 1 132 ? -12.827 10.341  -7.753  1.00 45.59 ? 131 PRO A N   1 
ATOM   1043 C CA  . PRO A 1 132 ? -12.179 10.013  -9.007  1.00 43.50 ? 131 PRO A CA  1 
ATOM   1044 C C   . PRO A 1 132 ? -10.676 9.984   -8.798  1.00 43.77 ? 131 PRO A C   1 
ATOM   1045 O O   . PRO A 1 132 ? -10.129 10.879  -8.150  1.00 41.05 ? 131 PRO A O   1 
ATOM   1046 C CB  . PRO A 1 132 ? -12.588 11.176  -9.923  1.00 40.43 ? 131 PRO A CB  1 
ATOM   1047 C CG  . PRO A 1 132 ? -13.644 11.939  -9.153  1.00 42.03 ? 131 PRO A CG  1 
ATOM   1048 C CD  . PRO A 1 132 ? -13.222 11.762  -7.733  1.00 45.63 ? 131 PRO A CD  1 
ATOM   1049 N N   . THR A 1 133 ? -10.029 8.976   -9.375  1.00 40.18 ? 132 THR A N   1 
ATOM   1050 C CA  . THR A 1 133 ? -8.670  8.634   -9.007  1.00 36.99 ? 132 THR A CA  1 
ATOM   1051 C C   . THR A 1 133 ? -7.761  8.418   -10.210 1.00 33.35 ? 132 THR A C   1 
ATOM   1052 O O   . THR A 1 133 ? -8.111  7.687   -11.136 1.00 35.26 ? 132 THR A O   1 
ATOM   1053 C CB  . THR A 1 133 ? -8.702  7.359   -8.139  1.00 35.23 ? 132 THR A CB  1 
ATOM   1054 O OG1 . THR A 1 133 ? -9.558  7.581   -7.000  1.00 35.87 ? 132 THR A OG1 1 
ATOM   1055 C CG2 . THR A 1 133 ? -7.329  7.004   -7.674  1.00 33.03 ? 132 THR A CG2 1 
ATOM   1056 N N   . HIS A 1 134 ? -6.588  9.047   -10.176 1.00 32.37 ? 133 HIS A N   1 
ATOM   1057 C CA  . HIS A 1 134 ? -5.554  8.830   -11.198 1.00 30.53 ? 133 HIS A CA  1 
ATOM   1058 C C   . HIS A 1 134 ? -4.417  7.895   -10.773 1.00 31.03 ? 133 HIS A C   1 
ATOM   1059 O O   . HIS A 1 134 ? -4.333  7.466   -9.618  1.00 27.82 ? 133 HIS A O   1 
ATOM   1060 C CB  . HIS A 1 134 ? -4.952  10.147  -11.637 1.00 30.67 ? 133 HIS A CB  1 
ATOM   1061 C CG  . HIS A 1 134 ? -5.846  10.947  -12.527 1.00 31.72 ? 133 HIS A CG  1 
ATOM   1062 N ND1 . HIS A 1 134 ? -5.583  12.256  -12.850 1.00 29.81 ? 133 HIS A ND1 1 
ATOM   1063 C CD2 . HIS A 1 134 ? -7.017  10.632  -13.140 1.00 32.19 ? 133 HIS A CD2 1 
ATOM   1064 C CE1 . HIS A 1 134 ? -6.543  12.714  -13.638 1.00 30.06 ? 133 HIS A CE1 1 
ATOM   1065 N NE2 . HIS A 1 134 ? -7.427  11.748  -13.822 1.00 29.76 ? 133 HIS A NE2 1 
ATOM   1066 N N   . ARG A 1 135 ? -3.550  7.585   -11.740 1.00 27.58 ? 134 ARG A N   1 
ATOM   1067 C CA  . ARG A 1 135 ? -2.388  6.741   -11.533 1.00 23.37 ? 134 ARG A CA  1 
ATOM   1068 C C   . ARG A 1 135 ? -2.661  5.366   -10.961 1.00 24.25 ? 134 ARG A C   1 
ATOM   1069 O O   . ARG A 1 135 ? -1.779  4.790   -10.264 1.00 23.88 ? 134 ARG A O   1 
ATOM   1070 C CB  . ARG A 1 135 ? -1.356  7.479   -10.689 1.00 22.13 ? 134 ARG A CB  1 
ATOM   1071 C CG  . ARG A 1 135 ? -0.831  8.711   -11.378 1.00 21.47 ? 134 ARG A CG  1 
ATOM   1072 C CD  . ARG A 1 135 ? 0.200   9.454   -10.570 1.00 21.20 ? 134 ARG A CD  1 
ATOM   1073 N NE  . ARG A 1 135 ? 0.477   10.768  -11.148 1.00 23.45 ? 134 ARG A NE  1 
ATOM   1074 C CZ  . ARG A 1 135 ? 1.230   11.723  -10.593 1.00 26.85 ? 134 ARG A CZ  1 
ATOM   1075 N NH1 . ARG A 1 135 ? 1.807   11.550  -9.400  1.00 26.94 ? 134 ARG A NH1 1 
ATOM   1076 N NH2 . ARG A 1 135 ? 1.402   12.871  -11.235 1.00 24.08 ? 134 ARG A NH2 1 
ATOM   1077 N N   . THR A 1 136 ? -3.834  4.804   -11.282 1.00 22.42 ? 135 THR A N   1 
ATOM   1078 C CA  . THR A 1 136 ? -4.164  3.448   -10.839 1.00 20.80 ? 135 THR A CA  1 
ATOM   1079 C C   . THR A 1 136 ? -3.638  2.396   -11.803 1.00 21.43 ? 135 THR A C   1 
ATOM   1080 O O   . THR A 1 136 ? -3.427  2.667   -13.001 1.00 21.83 ? 135 THR A O   1 
ATOM   1081 C CB  . THR A 1 136 ? -5.668  3.225   -10.584 1.00 21.72 ? 135 THR A CB  1 
ATOM   1082 O OG1 . THR A 1 136 ? -6.378  2.997   -11.822 1.00 23.94 ? 135 THR A OG1 1 
ATOM   1083 C CG2 . THR A 1 136 ? -6.264  4.381   -9.831  1.00 20.79 ? 135 THR A CG2 1 
ATOM   1084 N N   . MET A 1 137 ? -3.405  1.203   -11.260 1.00 20.47 ? 136 MET A N   1 
ATOM   1085 C CA  . MET A 1 137 ? -3.108  0.004   -12.048 1.00 22.39 ? 136 MET A CA  1 
ATOM   1086 C C   . MET A 1 137 ? -4.087  -1.135  -11.740 1.00 23.00 ? 136 MET A C   1 
ATOM   1087 O O   . MET A 1 137 ? -4.749  -1.130  -10.709 1.00 23.28 ? 136 MET A O   1 
ATOM   1088 C CB  . MET A 1 137 ? -1.656  -0.389  -11.852 1.00 22.52 ? 136 MET A CB  1 
ATOM   1089 C CG  . MET A 1 137 ? -0.684  0.547   -12.599 1.00 23.56 ? 136 MET A CG  1 
ATOM   1090 S SD  . MET A 1 137 ? 1.012   -0.079  -12.598 1.00 26.96 ? 136 MET A SD  1 
ATOM   1091 C CE  . MET A 1 137 ? 1.306   -0.130  -10.807 1.00 28.36 ? 136 MET A CE  1 
ATOM   1092 N N   . MET A 1 138 ? -4.213  -2.099  -12.652 1.00 24.93 ? 137 MET A N   1 
ATOM   1093 C CA  . MET A 1 138 ? -5.299  -3.081  -12.560 1.00 24.20 ? 137 MET A CA  1 
ATOM   1094 C C   . MET A 1 138 ? -4.762  -4.472  -12.704 1.00 20.30 ? 137 MET A C   1 
ATOM   1095 O O   . MET A 1 138 ? -3.815  -4.724  -13.456 1.00 21.54 ? 137 MET A O   1 
ATOM   1096 C CB  . MET A 1 138 ? -6.348  -2.795  -13.675 1.00 28.18 ? 137 MET A CB  1 
ATOM   1097 C CG  . MET A 1 138 ? -7.464  -3.827  -13.898 1.00 30.44 ? 137 MET A CG  1 
ATOM   1098 S SD  . MET A 1 138 ? -7.038  -5.429  -14.618 1.00 39.14 ? 137 MET A SD  1 
ATOM   1099 C CE  . MET A 1 138 ? -7.050  -5.087  -16.380 1.00 41.19 ? 137 MET A CE  1 
ATOM   1100 N N   . TYR A 1 139 ? -5.384  -5.388  -11.992 1.00 20.92 ? 138 TYR A N   1 
ATOM   1101 C CA  . TYR A 1 139 ? -5.085  -6.838  -12.086 1.00 20.82 ? 138 TYR A CA  1 
ATOM   1102 C C   . TYR A 1 139 ? -6.399  -7.615  -12.105 1.00 24.55 ? 138 TYR A C   1 
ATOM   1103 O O   . TYR A 1 139 ? -7.385  -7.226  -11.443 1.00 23.68 ? 138 TYR A O   1 
ATOM   1104 C CB  . TYR A 1 139 ? -4.170  -7.332  -10.968 1.00 22.84 ? 138 TYR A CB  1 
ATOM   1105 C CG  . TYR A 1 139 ? -4.142  -6.517  -9.688  1.00 23.81 ? 138 TYR A CG  1 
ATOM   1106 C CD1 . TYR A 1 139 ? -3.286  -5.403  -9.540  1.00 25.83 ? 138 TYR A CD1 1 
ATOM   1107 C CD2 . TYR A 1 139 ? -4.948  -6.864  -8.598  1.00 21.70 ? 138 TYR A CD2 1 
ATOM   1108 C CE1 . TYR A 1 139 ? -3.218  -4.705  -8.332  1.00 23.01 ? 138 TYR A CE1 1 
ATOM   1109 C CE2 . TYR A 1 139 ? -4.898  -6.164  -7.420  1.00 20.64 ? 138 TYR A CE2 1 
ATOM   1110 C CZ  . TYR A 1 139 ? -4.053  -5.091  -7.279  1.00 22.88 ? 138 TYR A CZ  1 
ATOM   1111 O OH  . TYR A 1 139 ? -4.066  -4.395  -6.053  1.00 22.65 ? 138 TYR A OH  1 
ATOM   1112 N N   . ASN A 1 140 ? -6.413  -8.677  -12.911 1.00 28.87 ? 139 ASN A N   1 
ATOM   1113 C CA  . ASN A 1 140 ? -7.620  -9.442  -13.181 1.00 32.53 ? 139 ASN A CA  1 
ATOM   1114 C C   . ASN A 1 140 ? -7.685  -10.577 -12.182 1.00 34.96 ? 139 ASN A C   1 
ATOM   1115 O O   . ASN A 1 140 ? -7.465  -11.734 -12.505 1.00 41.09 ? 139 ASN A O   1 
ATOM   1116 C CB  . ASN A 1 140 ? -7.678  -9.936  -14.628 1.00 31.61 ? 139 ASN A CB  1 
ATOM   1117 C CG  . ASN A 1 140 ? -7.805  -8.777  -15.644 1.00 31.43 ? 139 ASN A CG  1 
ATOM   1118 O OD1 . ASN A 1 140 ? -6.999  -8.631  -16.566 1.00 28.01 ? 139 ASN A OD1 1 
ATOM   1119 N ND2 . ASN A 1 140 ? -8.791  -7.969  -15.461 1.00 28.33 ? 139 ASN A ND2 1 
ATOM   1120 N N   . PHE A 1 141 ? -7.974  -10.195 -10.939 1.00 36.14 ? 140 PHE A N   1 
ATOM   1121 C CA  . PHE A 1 141 ? -7.990  -11.138 -9.801  1.00 29.85 ? 140 PHE A CA  1 
ATOM   1122 C C   . PHE A 1 141 ? -9.115  -10.675 -8.886  1.00 27.59 ? 140 PHE A C   1 
ATOM   1123 O O   . PHE A 1 141 ? -9.125  -9.517  -8.505  1.00 28.79 ? 140 PHE A O   1 
ATOM   1124 C CB  . PHE A 1 141 ? -6.667  -11.143 -9.037  1.00 29.81 ? 140 PHE A CB  1 
ATOM   1125 C CG  . PHE A 1 141 ? -6.611  -12.200 -7.996  1.00 28.16 ? 140 PHE A CG  1 
ATOM   1126 C CD1 . PHE A 1 141 ? -7.241  -12.027 -6.766  1.00 29.54 ? 140 PHE A CD1 1 
ATOM   1127 C CD2 . PHE A 1 141 ? -6.005  -13.412 -8.267  1.00 29.28 ? 140 PHE A CD2 1 
ATOM   1128 C CE1 . PHE A 1 141 ? -7.228  -13.054 -5.827  1.00 27.29 ? 140 PHE A CE1 1 
ATOM   1129 C CE2 . PHE A 1 141 ? -5.992  -14.427 -7.352  1.00 25.37 ? 140 PHE A CE2 1 
ATOM   1130 C CZ  . PHE A 1 141 ? -6.626  -14.248 -6.140  1.00 27.19 ? 140 PHE A CZ  1 
ATOM   1131 N N   . PRO A 1 142 ? -10.069 -11.562 -8.543  1.00 24.68 ? 141 PRO A N   1 
ATOM   1132 C CA  . PRO A 1 142 ? -11.210 -11.097 -7.769  1.00 25.35 ? 141 PRO A CA  1 
ATOM   1133 C C   . PRO A 1 142 ? -10.829 -10.755 -6.320  1.00 25.97 ? 141 PRO A C   1 
ATOM   1134 O O   . PRO A 1 142 ? -10.955 -11.589 -5.448  1.00 26.92 ? 141 PRO A O   1 
ATOM   1135 C CB  . PRO A 1 142 ? -12.177 -12.289 -7.821  1.00 26.08 ? 141 PRO A CB  1 
ATOM   1136 C CG  . PRO A 1 142 ? -11.320 -13.475 -8.094  1.00 26.43 ? 141 PRO A CG  1 
ATOM   1137 C CD  . PRO A 1 142 ? -9.982  -13.023 -8.603  1.00 24.06 ? 141 PRO A CD  1 
ATOM   1138 N N   . THR A 1 143 ? -10.346 -9.544  -6.085  1.00 23.21 ? 142 THR A N   1 
ATOM   1139 C CA  . THR A 1 143 ? -9.883  -9.200  -4.775  1.00 26.02 ? 142 THR A CA  1 
ATOM   1140 C C   . THR A 1 143 ? -11.100 -9.053  -3.885  1.00 27.69 ? 142 THR A C   1 
ATOM   1141 O O   . THR A 1 143 ? -12.205 -9.075  -4.390  1.00 25.56 ? 142 THR A O   1 
ATOM   1142 C CB  . THR A 1 143 ? -8.899  -8.003  -4.772  1.00 25.32 ? 142 THR A CB  1 
ATOM   1143 O OG1 . THR A 1 143 ? -9.457  -6.861  -5.404  1.00 25.41 ? 142 THR A OG1 1 
ATOM   1144 C CG2 . THR A 1 143 ? -7.595  -8.422  -5.501  1.00 24.97 ? 142 THR A CG2 1 
ATOM   1145 N N   . LYS A 1 144 ? -10.888 -8.982  -2.571  1.00 32.04 ? 143 LYS A N   1 
ATOM   1146 C CA  . LYS A 1 144 ? -11.985 -8.846  -1.625  1.00 34.77 ? 143 LYS A CA  1 
ATOM   1147 C C   . LYS A 1 144 ? -11.756 -7.752  -0.575  1.00 34.75 ? 143 LYS A C   1 
ATOM   1148 O O   . LYS A 1 144 ? -10.650 -7.207  -0.433  1.00 30.84 ? 143 LYS A O   1 
ATOM   1149 C CB  . LYS A 1 144 ? -12.258 -10.191 -0.964  1.00 36.70 ? 143 LYS A CB  1 
ATOM   1150 C CG  . LYS A 1 144 ? -11.104 -10.771 -0.165  1.00 40.34 ? 143 LYS A CG  1 
ATOM   1151 C CD  . LYS A 1 144 ? -11.117 -12.295 -0.113  1.00 45.99 ? 143 LYS A CD  1 
ATOM   1152 C CE  . LYS A 1 144 ? -12.394 -12.863 0.499   1.00 49.78 ? 143 LYS A CE  1 
ATOM   1153 N NZ  . LYS A 1 144 ? -12.528 -12.540 1.951   1.00 51.54 ? 143 LYS A NZ  1 
ATOM   1154 N N   . ALA A 1 145 ? -12.848 -7.408  0.110   1.00 29.82 ? 144 ALA A N   1 
ATOM   1155 C CA  . ALA A 1 145 ? -12.814 -6.530  1.236   1.00 27.34 ? 144 ALA A CA  1 
ATOM   1156 C C   . ALA A 1 145 ? -11.726 -6.993  2.234   1.00 24.68 ? 144 ALA A C   1 
ATOM   1157 O O   . ALA A 1 145 ? -11.413 -8.179  2.320   1.00 23.77 ? 144 ALA A O   1 
ATOM   1158 C CB  . ALA A 1 145 ? -14.194 -6.465  1.920   1.00 29.10 ? 144 ALA A CB  1 
ATOM   1159 N N   . GLY A 1 146 ? -11.153 -6.030  2.948   1.00 19.50 ? 145 GLY A N   1 
ATOM   1160 C CA  . GLY A 1 146 ? -10.102 -6.307  3.868   1.00 20.68 ? 145 GLY A CA  1 
ATOM   1161 C C   . GLY A 1 146 ? -8.703  -6.359  3.224   1.00 18.79 ? 145 GLY A C   1 
ATOM   1162 O O   . GLY A 1 146 ? -7.762  -6.572  3.945   1.00 16.40 ? 145 GLY A O   1 
ATOM   1163 N N   . GLN A 1 147 ? -8.552  -6.237  1.892   1.00 16.03 ? 146 GLN A N   1 
ATOM   1164 C CA  . GLN A 1 147 ? -7.173  -6.329  1.342   1.00 16.84 ? 146 GLN A CA  1 
ATOM   1165 C C   . GLN A 1 147 ? -6.596  -4.987  0.953   1.00 18.18 ? 146 GLN A C   1 
ATOM   1166 O O   . GLN A 1 147 ? -5.522  -4.929  0.335   1.00 19.55 ? 146 GLN A O   1 
ATOM   1167 C CB  . GLN A 1 147 ? -7.133  -7.307  0.169   1.00 16.24 ? 146 GLN A CB  1 
ATOM   1168 C CG  . GLN A 1 147 ? -7.724  -8.649  0.577   1.00 17.23 ? 146 GLN A CG  1 
ATOM   1169 C CD  . GLN A 1 147 ? -7.744  -9.690  -0.514  1.00 18.24 ? 146 GLN A CD  1 
ATOM   1170 O OE1 . GLN A 1 147 ? -8.123  -9.408  -1.650  1.00 16.63 ? 146 GLN A OE1 1 
ATOM   1171 N NE2 . GLN A 1 147 ? -7.361  -10.935 -0.153  1.00 17.75 ? 146 GLN A NE2 1 
ATOM   1172 N N   . CYS A 1 148 ? -7.282  -3.918  1.323   1.00 19.44 ? 147 CYS A N   1 
ATOM   1173 C CA  . CYS A 1 148 ? -6.869  -2.548  0.976   1.00 22.66 ? 147 CYS A CA  1 
ATOM   1174 C C   . CYS A 1 148 ? -5.636  -2.231  1.800   1.00 19.94 ? 147 CYS A C   1 
ATOM   1175 O O   . CYS A 1 148 ? -5.565  -2.628  2.962   1.00 21.05 ? 147 CYS A O   1 
ATOM   1176 C CB  . CYS A 1 148 ? -7.964  -1.514  1.274   1.00 27.94 ? 147 CYS A CB  1 
ATOM   1177 S SG  . CYS A 1 148 ? -9.389  -1.660  0.226   1.00 38.35 ? 147 CYS A SG  1 
ATOM   1178 N N   . GLY A 1 149 ? -4.678  -1.572  1.163   1.00 18.71 ? 148 GLY A N   1 
ATOM   1179 C CA  . GLY A 1 149 ? -3.362  -1.337  1.677   1.00 17.62 ? 148 GLY A CA  1 
ATOM   1180 C C   . GLY A 1 149 ? -2.373  -2.432  1.351   1.00 16.15 ? 148 GLY A C   1 
ATOM   1181 O O   . GLY A 1 149 ? -1.178  -2.251  1.574   1.00 15.82 ? 148 GLY A O   1 
ATOM   1182 N N   . GLY A 1 150 ? -2.864  -3.573  0.814   1.00 15.04 ? 149 GLY A N   1 
ATOM   1183 C CA  . GLY A 1 150 ? -2.025  -4.663  0.441   1.00 13.47 ? 149 GLY A CA  1 
ATOM   1184 C C   . GLY A 1 150 ? -0.963  -4.152  -0.507  1.00 13.82 ? 149 GLY A C   1 
ATOM   1185 O O   . GLY A 1 150 ? -1.196  -3.187  -1.262  1.00 14.35 ? 149 GLY A O   1 
ATOM   1186 N N   . VAL A 1 151 ? 0.197   -4.781  -0.492  1.00 13.12 ? 150 VAL A N   1 
ATOM   1187 C CA  . VAL A 1 151 ? 1.372   -4.222  -1.215  1.00 15.10 ? 150 VAL A CA  1 
ATOM   1188 C C   . VAL A 1 151 ? 1.681   -5.021  -2.441  1.00 14.76 ? 150 VAL A C   1 
ATOM   1189 O O   . VAL A 1 151 ? 1.882   -6.197  -2.340  1.00 15.27 ? 150 VAL A O   1 
ATOM   1190 C CB  . VAL A 1 151 ? 2.649   -4.156  -0.351  1.00 15.76 ? 150 VAL A CB  1 
ATOM   1191 C CG1 . VAL A 1 151 ? 3.763   -3.453  -1.151  1.00 15.89 ? 150 VAL A CG1 1 
ATOM   1192 C CG2 . VAL A 1 151 ? 2.386   -3.472  0.978   1.00 16.08 ? 150 VAL A CG2 1 
ATOM   1193 N N   . VAL A 1 152 ? 1.642   -4.373  -3.599  1.00 17.21 ? 151 VAL A N   1 
ATOM   1194 C CA  . VAL A 1 152 ? 1.789   -5.035  -4.879  1.00 19.15 ? 151 VAL A CA  1 
ATOM   1195 C C   . VAL A 1 152 ? 3.292   -5.126  -5.195  1.00 21.71 ? 151 VAL A C   1 
ATOM   1196 O O   . VAL A 1 152 ? 3.949   -4.099  -5.320  1.00 20.18 ? 151 VAL A O   1 
ATOM   1197 C CB  . VAL A 1 152 ? 1.047   -4.288  -6.016  1.00 19.08 ? 151 VAL A CB  1 
ATOM   1198 C CG1 . VAL A 1 152 ? 1.214   -5.008  -7.328  1.00 20.72 ? 151 VAL A CG1 1 
ATOM   1199 C CG2 . VAL A 1 152 ? -0.467  -4.177  -5.715  1.00 20.06 ? 151 VAL A CG2 1 
ATOM   1200 N N   . THR A 1 153 ? 3.802   -6.358  -5.306  1.00 22.52 ? 152 THR A N   1 
ATOM   1201 C CA  . THR A 1 153 ? 5.214   -6.578  -5.439  1.00 25.47 ? 152 THR A CA  1 
ATOM   1202 C C   . THR A 1 153 ? 5.554   -7.573  -6.546  1.00 25.57 ? 152 THR A C   1 
ATOM   1203 O O   . THR A 1 153 ? 4.774   -8.517  -6.829  1.00 22.81 ? 152 THR A O   1 
ATOM   1204 C CB  . THR A 1 153 ? 5.827   -7.050  -4.116  1.00 28.70 ? 152 THR A CB  1 
ATOM   1205 O OG1 . THR A 1 153 ? 5.466   -8.425  -3.843  1.00 32.38 ? 152 THR A OG1 1 
ATOM   1206 C CG2 . THR A 1 153 ? 5.337   -6.184  -2.965  1.00 33.43 ? 152 THR A CG2 1 
ATOM   1207 N N   . SER A 1 154 ? 6.740   -7.385  -7.131  1.00 23.69 ? 153 SER A N   1 
ATOM   1208 C CA  . SER A 1 154 ? 7.201   -8.239  -8.217  1.00 27.06 ? 153 SER A CA  1 
ATOM   1209 C C   . SER A 1 154 ? 8.681   -8.044  -8.478  1.00 29.65 ? 153 SER A C   1 
ATOM   1210 O O   . SER A 1 154 ? 9.122   -6.921  -8.769  1.00 33.05 ? 153 SER A O   1 
ATOM   1211 C CB  . SER A 1 154 ? 6.481   -7.860  -9.511  1.00 29.57 ? 153 SER A CB  1 
ATOM   1212 O OG  . SER A 1 154 ? 7.132   -8.445  -10.618 1.00 28.20 ? 153 SER A OG  1 
ATOM   1213 N N   . VAL A 1 155 ? 9.437   -9.126  -8.388  1.00 34.24 ? 154 VAL A N   1 
ATOM   1214 C CA  . VAL A 1 155 ? 10.894  -9.108  -8.659  1.00 34.62 ? 154 VAL A CA  1 
ATOM   1215 C C   . VAL A 1 155 ? 11.641  -7.968  -7.949  1.00 26.05 ? 154 VAL A C   1 
ATOM   1216 O O   . VAL A 1 155 ? 12.395  -7.244  -8.542  1.00 26.13 ? 154 VAL A O   1 
ATOM   1217 C CB  . VAL A 1 155 ? 11.219  -9.127  -10.190 1.00 32.19 ? 154 VAL A CB  1 
ATOM   1218 C CG1 . VAL A 1 155 ? 10.676  -10.401 -10.822 1.00 31.85 ? 154 VAL A CG1 1 
ATOM   1219 C CG2 . VAL A 1 155 ? 10.699  -7.915  -10.920 1.00 33.06 ? 154 VAL A CG2 1 
ATOM   1220 N N   . GLY A 1 156 ? 11.392  -7.830  -6.675  1.00 24.15 ? 155 GLY A N   1 
ATOM   1221 C CA  . GLY A 1 156 ? 12.158  -6.943  -5.819  1.00 23.17 ? 155 GLY A CA  1 
ATOM   1222 C C   . GLY A 1 156 ? 11.721  -5.516  -5.998  1.00 22.38 ? 155 GLY A C   1 
ATOM   1223 O O   . GLY A 1 156 ? 12.438  -4.582  -5.637  1.00 24.37 ? 155 GLY A O   1 
ATOM   1224 N N   . LYS A 1 157 ? 10.536  -5.332  -6.566  1.00 22.63 ? 156 LYS A N   1 
ATOM   1225 C CA  . LYS A 1 157 ? 9.983   -4.008  -6.721  1.00 23.16 ? 156 LYS A CA  1 
ATOM   1226 C C   . LYS A 1 157 ? 8.644   -3.914  -5.990  1.00 22.27 ? 156 LYS A C   1 
ATOM   1227 O O   . LYS A 1 157 ? 7.836   -4.848  -6.039  1.00 21.25 ? 156 LYS A O   1 
ATOM   1228 C CB  . LYS A 1 157 ? 9.871   -3.639  -8.191  1.00 26.30 ? 156 LYS A CB  1 
ATOM   1229 C CG  . LYS A 1 157 ? 11.167  -3.900  -8.976  1.00 30.78 ? 156 LYS A CG  1 
ATOM   1230 C CD  . LYS A 1 157 ? 11.523  -2.737  -9.896  1.00 35.27 ? 156 LYS A CD  1 
ATOM   1231 C CE  . LYS A 1 157 ? 12.246  -3.188  -11.159 1.00 38.68 ? 156 LYS A CE  1 
ATOM   1232 N NZ  . LYS A 1 157 ? 13.328  -4.205  -10.939 1.00 42.18 ? 156 LYS A NZ  1 
ATOM   1233 N N   . VAL A 1 158 ? 8.469   -2.781  -5.302  1.00 19.00 ? 157 VAL A N   1 
ATOM   1234 C CA  . VAL A 1 158 ? 7.227   -2.358  -4.637  1.00 18.82 ? 157 VAL A CA  1 
ATOM   1235 C C   . VAL A 1 158 ? 6.536   -1.298  -5.497  1.00 17.61 ? 157 VAL A C   1 
ATOM   1236 O O   . VAL A 1 158 ? 6.986   -0.128  -5.568  1.00 16.18 ? 157 VAL A O   1 
ATOM   1237 C CB  . VAL A 1 158 ? 7.563   -1.743  -3.253  1.00 17.73 ? 157 VAL A CB  1 
ATOM   1238 C CG1 . VAL A 1 158 ? 6.288   -1.319  -2.512  1.00 18.15 ? 157 VAL A CG1 1 
ATOM   1239 C CG2 . VAL A 1 158 ? 8.355   -2.747  -2.408  1.00 17.19 ? 157 VAL A CG2 1 
ATOM   1240 N N   . ILE A 1 159 ? 5.450   -1.680  -6.162  1.00 17.95 ? 158 ILE A N   1 
ATOM   1241 C CA  . ILE A 1 159 ? 4.872   -0.853  -7.233  1.00 16.00 ? 158 ILE A CA  1 
ATOM   1242 C C   . ILE A 1 159 ? 3.466   -0.288  -6.968  1.00 15.51 ? 158 ILE A C   1 
ATOM   1243 O O   . ILE A 1 159 ? 3.016   0.578   -7.727  1.00 15.46 ? 158 ILE A O   1 
ATOM   1244 C CB  . ILE A 1 159 ? 4.780   -1.607  -8.579  1.00 19.09 ? 158 ILE A CB  1 
ATOM   1245 C CG1 . ILE A 1 159 ? 3.786   -2.795  -8.492  1.00 19.87 ? 158 ILE A CG1 1 
ATOM   1246 C CG2 . ILE A 1 159 ? 6.163   -2.053  -9.054  1.00 19.42 ? 158 ILE A CG2 1 
ATOM   1247 C CD1 . ILE A 1 159 ? 3.845   -3.736  -9.671  1.00 21.05 ? 158 ILE A CD1 1 
ATOM   1248 N N   . GLY A 1 160 ? 2.775   -0.741  -5.929  1.00 13.64 ? 159 GLY A N   1 
ATOM   1249 C CA  . GLY A 1 160 ? 1.453   -0.278  -5.679  1.00 13.20 ? 159 GLY A CA  1 
ATOM   1250 C C   . GLY A 1 160 ? 0.890   -0.691  -4.358  1.00 13.97 ? 159 GLY A C   1 
ATOM   1251 O O   . GLY A 1 160 ? 1.439   -1.539  -3.656  1.00 15.38 ? 159 GLY A O   1 
ATOM   1252 N N   . ILE A 1 161 ? -0.219  -0.059  -4.025  1.00 15.76 ? 160 ILE A N   1 
ATOM   1253 C CA  . ILE A 1 161 ? -0.968  -0.239  -2.776  1.00 17.00 ? 160 ILE A CA  1 
ATOM   1254 C C   . ILE A 1 161 ? -2.435  -0.485  -3.135  1.00 18.69 ? 160 ILE A C   1 
ATOM   1255 O O   . ILE A 1 161 ? -3.089  0.377   -3.690  1.00 16.18 ? 160 ILE A O   1 
ATOM   1256 C CB  . ILE A 1 161 ? -0.844  1.037   -1.945  1.00 19.68 ? 160 ILE A CB  1 
ATOM   1257 C CG1 . ILE A 1 161 ? 0.605   1.202   -1.402  1.00 18.44 ? 160 ILE A CG1 1 
ATOM   1258 C CG2 . ILE A 1 161 ? -1.800  1.066   -0.744  1.00 21.33 ? 160 ILE A CG2 1 
ATOM   1259 C CD1 . ILE A 1 161 ? 1.054   0.058   -0.555  1.00 18.65 ? 160 ILE A CD1 1 
ATOM   1260 N N   . HIS A 1 162 ? -2.931  -1.675  -2.851  1.00 20.27 ? 161 HIS A N   1 
ATOM   1261 C CA  . HIS A 1 162 ? -4.296  -2.052  -3.158  1.00 19.82 ? 161 HIS A CA  1 
ATOM   1262 C C   . HIS A 1 162 ? -5.353  -1.054  -2.641  1.00 22.06 ? 161 HIS A C   1 
ATOM   1263 O O   . HIS A 1 162 ? -5.353  -0.684  -1.469  1.00 19.55 ? 161 HIS A O   1 
ATOM   1264 C CB  . HIS A 1 162 ? -4.568  -3.458  -2.622  1.00 20.95 ? 161 HIS A CB  1 
ATOM   1265 C CG  . HIS A 1 162 ? -5.850  -4.039  -3.114  1.00 21.33 ? 161 HIS A CG  1 
ATOM   1266 N ND1 . HIS A 1 162 ? -5.986  -4.530  -4.389  1.00 21.09 ? 161 HIS A ND1 1 
ATOM   1267 C CD2 . HIS A 1 162 ? -7.067  -4.159  -2.526  1.00 21.40 ? 161 HIS A CD2 1 
ATOM   1268 C CE1 . HIS A 1 162 ? -7.234  -4.944  -4.565  1.00 21.01 ? 161 HIS A CE1 1 
ATOM   1269 N NE2 . HIS A 1 162 ? -7.908  -4.732  -3.444  1.00 20.63 ? 161 HIS A NE2 1 
ATOM   1270 N N   . ILE A 1 163 ? -6.293  -0.670  -3.545  1.00 22.65 ? 162 ILE A N   1 
ATOM   1271 C CA  . ILE A 1 163 ? -7.173  0.482   -3.362  1.00 23.96 ? 162 ILE A CA  1 
ATOM   1272 C C   . ILE A 1 163 ? -8.673  0.092   -3.499  1.00 24.03 ? 162 ILE A C   1 
ATOM   1273 O O   . ILE A 1 163 ? -9.563  0.694   -2.918  1.00 22.08 ? 162 ILE A O   1 
ATOM   1274 C CB  . ILE A 1 163 ? -6.588  1.595   -4.260  1.00 27.61 ? 162 ILE A CB  1 
ATOM   1275 C CG1 . ILE A 1 163 ? -5.646  2.519   -3.438  1.00 25.39 ? 162 ILE A CG1 1 
ATOM   1276 C CG2 . ILE A 1 163 ? -7.583  2.370   -5.134  1.00 32.36 ? 162 ILE A CG2 1 
ATOM   1277 C CD1 . ILE A 1 163 ? -6.300  3.177   -2.284  1.00 26.60 ? 162 ILE A CD1 1 
ATOM   1278 N N   . GLY A 1 164 ? -8.941  -0.984  -4.190  1.00 23.79 ? 163 GLY A N   1 
ATOM   1279 C CA  . GLY A 1 164 ? -10.303 -1.469  -4.297  1.00 23.99 ? 163 GLY A CA  1 
ATOM   1280 C C   . GLY A 1 164 ? -10.409 -2.577  -5.302  1.00 23.99 ? 163 GLY A C   1 
ATOM   1281 O O   . GLY A 1 164 ? -9.400  -3.145  -5.760  1.00 22.72 ? 163 GLY A O   1 
ATOM   1282 N N   . GLY A 1 165 ? -11.643 -2.835  -5.708  1.00 27.71 ? 164 GLY A N   1 
ATOM   1283 C CA  . GLY A 1 165 ? -11.946 -3.970  -6.603  1.00 26.45 ? 164 GLY A CA  1 
ATOM   1284 C C   . GLY A 1 165 ? -13.424 -4.056  -6.861  1.00 26.50 ? 164 GLY A C   1 
ATOM   1285 O O   . GLY A 1 165 ? -14.198 -3.320  -6.262  1.00 25.23 ? 164 GLY A O   1 
ATOM   1286 N N   . ASN A 1 166 ? -13.806 -4.931  -7.787  1.00 29.89 ? 165 ASN A N   1 
ATOM   1287 C CA  . ASN A 1 166 ? -15.203 -4.982  -8.334  1.00 31.95 ? 165 ASN A CA  1 
ATOM   1288 C C   . ASN A 1 166 ? -15.777 -6.389  -8.371  1.00 32.35 ? 165 ASN A C   1 
ATOM   1289 O O   . ASN A 1 166 ? -16.850 -6.621  -8.930  1.00 38.22 ? 165 ASN A O   1 
ATOM   1290 C CB  . ASN A 1 166 ? -15.266 -4.346  -9.759  1.00 30.96 ? 165 ASN A CB  1 
ATOM   1291 C CG  . ASN A 1 166 ? -14.350 -5.043  -10.780 1.00 30.20 ? 165 ASN A CG  1 
ATOM   1292 O OD1 . ASN A 1 166 ? -14.098 -6.266  -10.721 1.00 31.50 ? 165 ASN A OD1 1 
ATOM   1293 N ND2 . ASN A 1 166 ? -13.888 -4.274  -11.761 1.00 34.27 ? 165 ASN A ND2 1 
ATOM   1294 N N   . GLY A 1 167 ? -15.066 -7.332  -7.790  1.00 30.92 ? 166 GLY A N   1 
ATOM   1295 C CA  . GLY A 1 167 ? -15.504 -8.703  -7.746  1.00 32.55 ? 166 GLY A CA  1 
ATOM   1296 C C   . GLY A 1 167 ? -14.844 -9.586  -8.765  1.00 31.88 ? 166 GLY A C   1 
ATOM   1297 O O   . GLY A 1 167 ? -14.849 -10.802 -8.589  1.00 35.70 ? 166 GLY A O   1 
ATOM   1298 N N   . ARG A 1 168 ? -14.364 -9.023  -9.873  1.00 33.28 ? 167 ARG A N   1 
ATOM   1299 C CA  . ARG A 1 168 ? -13.429 -9.768  -10.729 1.00 34.84 ? 167 ARG A CA  1 
ATOM   1300 C C   . ARG A 1 168 ? -12.058 -9.142  -10.865 1.00 31.10 ? 167 ARG A C   1 
ATOM   1301 O O   . ARG A 1 168 ? -11.141 -9.818  -11.284 1.00 31.70 ? 167 ARG A O   1 
ATOM   1302 C CB  . ARG A 1 168 ? -13.953 -9.948  -12.155 1.00 35.71 ? 167 ARG A CB  1 
ATOM   1303 C CG  . ARG A 1 168 ? -15.225 -10.756 -12.311 1.00 35.41 ? 167 ARG A CG  1 
ATOM   1304 C CD  . ARG A 1 168 ? -16.387 -9.823  -12.523 1.00 37.20 ? 167 ARG A CD  1 
ATOM   1305 N NE  . ARG A 1 168 ? -16.046 -8.663  -13.364 1.00 38.57 ? 167 ARG A NE  1 
ATOM   1306 C CZ  . ARG A 1 168 ? -16.683 -7.498  -13.305 1.00 33.63 ? 167 ARG A CZ  1 
ATOM   1307 N NH1 . ARG A 1 168 ? -17.676 -7.329  -12.449 1.00 37.28 ? 167 ARG A NH1 1 
ATOM   1308 N NH2 . ARG A 1 168 ? -16.316 -6.498  -14.085 1.00 32.84 ? 167 ARG A NH2 1 
ATOM   1309 N N   . GLN A 1 169 ? -11.949 -7.845  -10.613 1.00 34.39 ? 168 GLN A N   1 
ATOM   1310 C CA  . GLN A 1 169 ? -10.693 -7.144  -10.806 1.00 37.66 ? 168 GLN A CA  1 
ATOM   1311 C C   . GLN A 1 169 ? -10.214 -6.525  -9.474  1.00 36.62 ? 168 GLN A C   1 
ATOM   1312 O O   . GLN A 1 169 ? -11.014 -6.283  -8.572  1.00 38.07 ? 168 GLN A O   1 
ATOM   1313 C CB  . GLN A 1 169 ? -10.838 -6.098  -11.923 1.00 36.63 ? 168 GLN A CB  1 
ATOM   1314 C CG  . GLN A 1 169 ? -10.728 -6.725  -13.327 1.00 39.16 ? 168 GLN A CG  1 
ATOM   1315 C CD  . GLN A 1 169 ? -11.323 -5.867  -14.454 1.00 36.96 ? 168 GLN A CD  1 
ATOM   1316 O OE1 . GLN A 1 169 ? -12.207 -5.045  -14.225 1.00 38.77 ? 168 GLN A OE1 1 
ATOM   1317 N NE2 . GLN A 1 169 ? -10.830 -6.056  -15.679 1.00 34.76 ? 168 GLN A NE2 1 
ATOM   1318 N N   . GLY A 1 170 ? -8.898  -6.328  -9.370  1.00 36.27 ? 169 GLY A N   1 
ATOM   1319 C CA  . GLY A 1 170 ? -8.292  -5.507  -8.309  1.00 34.13 ? 169 GLY A CA  1 
ATOM   1320 C C   . GLY A 1 170 ? -7.632  -4.252  -8.880  1.00 31.63 ? 169 GLY A C   1 
ATOM   1321 O O   . GLY A 1 170 ? -7.229  -4.227  -10.048 1.00 30.03 ? 169 GLY A O   1 
ATOM   1322 N N   . PHE A 1 171 ? -7.518  -3.213  -8.046  1.00 29.87 ? 170 PHE A N   1 
ATOM   1323 C CA  . PHE A 1 171 ? -6.880  -1.954  -8.455  1.00 26.90 ? 170 PHE A CA  1 
ATOM   1324 C C   . PHE A 1 171 ? -5.974  -1.421  -7.346  1.00 24.29 ? 170 PHE A C   1 
ATOM   1325 O O   . PHE A 1 171 ? -6.372  -1.382  -6.185  1.00 23.80 ? 170 PHE A O   1 
ATOM   1326 C CB  . PHE A 1 171 ? -7.916  -0.903  -8.792  1.00 28.54 ? 170 PHE A CB  1 
ATOM   1327 C CG  . PHE A 1 171 ? -8.921  -1.378  -9.800  1.00 30.82 ? 170 PHE A CG  1 
ATOM   1328 C CD1 . PHE A 1 171 ? -8.520  -1.743  -11.087 1.00 32.23 ? 170 PHE A CD1 1 
ATOM   1329 C CD2 . PHE A 1 171 ? -10.249 -1.531  -9.447  1.00 30.86 ? 170 PHE A CD2 1 
ATOM   1330 C CE1 . PHE A 1 171 ? -9.454  -2.231  -12.006 1.00 33.18 ? 170 PHE A CE1 1 
ATOM   1331 C CE2 . PHE A 1 171 ? -11.192 -1.988  -10.372 1.00 32.21 ? 170 PHE A CE2 1 
ATOM   1332 C CZ  . PHE A 1 171 ? -10.789 -2.352  -11.632 1.00 32.72 ? 170 PHE A CZ  1 
ATOM   1333 N N   . CYS A 1 172 ? -4.761  -1.035  -7.727  1.00 20.79 ? 171 CYS A N   1 
ATOM   1334 C CA  . CYS A 1 172 ? -3.822  -0.420  -6.820  1.00 19.31 ? 171 CYS A CA  1 
ATOM   1335 C C   . CYS A 1 172 ? -3.522  1.027   -7.223  1.00 21.13 ? 171 CYS A C   1 
ATOM   1336 O O   . CYS A 1 172 ? -3.657  1.439   -8.388  1.00 20.87 ? 171 CYS A O   1 
ATOM   1337 C CB  . CYS A 1 172 ? -2.567  -1.232  -6.789  1.00 18.70 ? 171 CYS A CB  1 
ATOM   1338 S SG  . CYS A 1 172 ? -1.561  -1.290  -8.272  1.00 18.49 ? 171 CYS A SG  1 
ATOM   1339 N N   . ALA A 1 173 ? -3.121  1.816   -6.243  1.00 20.99 ? 172 ALA A N   1 
ATOM   1340 C CA  . ALA A 1 173 ? -2.533  3.114   -6.522  1.00 19.35 ? 172 ALA A CA  1 
ATOM   1341 C C   . ALA A 1 173 ? -1.066  2.847   -6.789  1.00 20.01 ? 172 ALA A C   1 
ATOM   1342 O O   . ALA A 1 173 ? -0.382  2.252   -5.940  1.00 21.84 ? 172 ALA A O   1 
ATOM   1343 C CB  . ALA A 1 173 ? -2.685  4.028   -5.344  1.00 19.75 ? 172 ALA A CB  1 
ATOM   1344 N N   . GLY A 1 174 ? -0.591  3.303   -7.942  1.00 18.76 ? 173 GLY A N   1 
ATOM   1345 C CA  . GLY A 1 174 ? 0.799   3.134   -8.364  1.00 19.67 ? 173 GLY A CA  1 
ATOM   1346 C C   . GLY A 1 174 ? 1.722   3.880   -7.417  1.00 19.50 ? 173 GLY A C   1 
ATOM   1347 O O   . GLY A 1 174 ? 1.416   5.027   -6.993  1.00 21.16 ? 173 GLY A O   1 
ATOM   1348 N N   . LEU A 1 175 ? 2.842   3.264   -7.089  1.00 18.93 ? 174 LEU A N   1 
ATOM   1349 C CA  . LEU A 1 175 ? 3.887   3.965   -6.270  1.00 18.92 ? 174 LEU A CA  1 
ATOM   1350 C C   . LEU A 1 175 ? 5.006   4.540   -7.126  1.00 19.53 ? 174 LEU A C   1 
ATOM   1351 O O   . LEU A 1 175 ? 5.432   3.915   -8.099  1.00 20.56 ? 174 LEU A O   1 
ATOM   1352 C CB  . LEU A 1 175 ? 4.500   3.076   -5.204  1.00 17.47 ? 174 LEU A CB  1 
ATOM   1353 C CG  . LEU A 1 175 ? 3.536   2.620   -4.101  1.00 18.33 ? 174 LEU A CG  1 
ATOM   1354 C CD1 . LEU A 1 175 ? 4.124   1.517   -3.212  1.00 18.07 ? 174 LEU A CD1 1 
ATOM   1355 C CD2 . LEU A 1 175 ? 3.025   3.804   -3.313  1.00 17.43 ? 174 LEU A CD2 1 
ATOM   1356 N N   . LYS A 1 176 ? 5.466   5.732   -6.752  1.00 19.13 ? 175 LYS A N   1 
ATOM   1357 C CA  . LYS A 1 176 ? 6.674   6.264   -7.297  1.00 20.49 ? 175 LYS A CA  1 
ATOM   1358 C C   . LYS A 1 176 ? 7.515   6.855   -6.179  1.00 18.67 ? 175 LYS A C   1 
ATOM   1359 O O   . LYS A 1 176 ? 6.991   7.322   -5.166  1.00 18.02 ? 175 LYS A O   1 
ATOM   1360 C CB  . LYS A 1 176 ? 6.430   7.283   -8.414  1.00 23.87 ? 175 LYS A CB  1 
ATOM   1361 C CG  . LYS A 1 176 ? 5.515   8.442   -8.068  1.00 27.12 ? 175 LYS A CG  1 
ATOM   1362 C CD  . LYS A 1 176 ? 4.790   9.019   -9.312  1.00 28.50 ? 175 LYS A CD  1 
ATOM   1363 C CE  . LYS A 1 176 ? 5.482   10.234  -9.905  1.00 28.97 ? 175 LYS A CE  1 
ATOM   1364 N NZ  . LYS A 1 176 ? 6.697   9.861   -10.704 1.00 31.03 ? 175 LYS A NZ  1 
ATOM   1365 N N   . ARG A 1 177 ? 8.817   6.794   -6.403  1.00 17.30 ? 176 ARG A N   1 
ATOM   1366 C CA  . ARG A 1 177 ? 9.850   7.092   -5.419  1.00 19.30 ? 176 ARG A CA  1 
ATOM   1367 C C   . ARG A 1 177 ? 9.748   8.498   -4.946  1.00 17.93 ? 176 ARG A C   1 
ATOM   1368 O O   . ARG A 1 177 ? 9.949   8.769   -3.767  1.00 17.93 ? 176 ARG A O   1 
ATOM   1369 C CB  . ARG A 1 177 ? 11.255  6.810   -6.004  1.00 18.47 ? 176 ARG A CB  1 
ATOM   1370 C CG  . ARG A 1 177 ? 12.345  6.548   -4.947  1.00 18.12 ? 176 ARG A CG  1 
ATOM   1371 C CD  . ARG A 1 177 ? 13.705  6.227   -5.645  1.00 17.31 ? 176 ARG A CD  1 
ATOM   1372 N NE  . ARG A 1 177 ? 13.493  5.055   -6.474  1.00 16.76 ? 176 ARG A NE  1 
ATOM   1373 C CZ  . ARG A 1 177 ? 14.328  4.494   -7.344  1.00 16.73 ? 176 ARG A CZ  1 
ATOM   1374 N NH1 . ARG A 1 177 ? 15.520  5.052   -7.650  1.00 17.70 ? 176 ARG A NH1 1 
ATOM   1375 N NH2 . ARG A 1 177 ? 13.889  3.400   -8.009  1.00 16.35 ? 176 ARG A NH2 1 
ATOM   1376 N N   . SER A 1 178 ? 9.402   9.397   -5.865  1.00 18.67 ? 177 SER A N   1 
ATOM   1377 C CA  . SER A 1 178 ? 9.273   10.825  -5.559  1.00 20.14 ? 177 SER A CA  1 
ATOM   1378 C C   . SER A 1 178 ? 8.208   11.159  -4.492  1.00 19.62 ? 177 SER A C   1 
ATOM   1379 O O   . SER A 1 178 ? 8.290   12.233  -3.857  1.00 22.06 ? 177 SER A O   1 
ATOM   1380 C CB  . SER A 1 178 ? 9.004   11.626  -6.861  1.00 21.01 ? 177 SER A CB  1 
ATOM   1381 O OG  . SER A 1 178 ? 7.844   11.142  -7.562  1.00 20.55 ? 177 SER A OG  1 
ATOM   1382 N N   . TYR A 1 179 ? 7.250   10.263  -4.246  1.00 18.71 ? 178 TYR A N   1 
ATOM   1383 C CA  . TYR A 1 179 ? 6.249   10.501  -3.156  1.00 19.30 ? 178 TYR A CA  1 
ATOM   1384 C C   . TYR A 1 179 ? 6.883   10.470  -1.775  1.00 20.72 ? 178 TYR A C   1 
ATOM   1385 O O   . TYR A 1 179 ? 6.300   10.942  -0.768  1.00 20.10 ? 178 TYR A O   1 
ATOM   1386 C CB  . TYR A 1 179 ? 5.148   9.471   -3.150  1.00 19.88 ? 178 TYR A CB  1 
ATOM   1387 C CG  . TYR A 1 179 ? 4.273   9.387   -4.372  1.00 21.41 ? 178 TYR A CG  1 
ATOM   1388 C CD1 . TYR A 1 179 ? 4.148   10.448  -5.267  1.00 22.34 ? 178 TYR A CD1 1 
ATOM   1389 C CD2 . TYR A 1 179 ? 3.512   8.256   -4.598  1.00 22.38 ? 178 TYR A CD2 1 
ATOM   1390 C CE1 . TYR A 1 179 ? 3.319   10.344  -6.392  1.00 23.81 ? 178 TYR A CE1 1 
ATOM   1391 C CE2 . TYR A 1 179 ? 2.679   8.150   -5.702  1.00 21.92 ? 178 TYR A CE2 1 
ATOM   1392 C CZ  . TYR A 1 179 ? 2.578   9.191   -6.603  1.00 22.70 ? 178 TYR A CZ  1 
ATOM   1393 O OH  . TYR A 1 179 ? 1.726   9.032   -7.709  1.00 20.26 ? 178 TYR A OH  1 
ATOM   1394 N N   . PHE A 1 180 ? 8.029   9.814   -1.701  1.00 19.73 ? 179 PHE A N   1 
ATOM   1395 C CA  . PHE A 1 180 ? 8.676   9.584   -0.417  1.00 20.63 ? 179 PHE A CA  1 
ATOM   1396 C C   . PHE A 1 180 ? 10.050  10.279  -0.320  1.00 21.68 ? 179 PHE A C   1 
ATOM   1397 O O   . PHE A 1 180 ? 10.815  9.993   0.604   1.00 25.65 ? 179 PHE A O   1 
ATOM   1398 C CB  . PHE A 1 180 ? 8.769   8.057   -0.173  1.00 18.47 ? 179 PHE A CB  1 
ATOM   1399 C CG  . PHE A 1 180 ? 7.494   7.309   -0.475  1.00 15.99 ? 179 PHE A CG  1 
ATOM   1400 C CD1 . PHE A 1 180 ? 6.406   7.362   0.410   1.00 15.99 ? 179 PHE A CD1 1 
ATOM   1401 C CD2 . PHE A 1 180 ? 7.383   6.531   -1.602  1.00 15.80 ? 179 PHE A CD2 1 
ATOM   1402 C CE1 . PHE A 1 180 ? 5.239   6.685   0.146   1.00 15.83 ? 179 PHE A CE1 1 
ATOM   1403 C CE2 . PHE A 1 180 ? 6.203   5.862   -1.899  1.00 15.75 ? 179 PHE A CE2 1 
ATOM   1404 C CZ  . PHE A 1 180 ? 5.133   5.908   -1.007  1.00 16.10 ? 179 PHE A CZ  1 
ATOM   1405 N N   . ALA A 1 181 ? 10.378  11.152  -1.284  1.00 23.27 ? 180 ALA A N   1 
ATOM   1406 C CA  . ALA A 1 181 ? 11.563  11.989  -1.191  1.00 28.12 ? 180 ALA A CA  1 
ATOM   1407 C C   . ALA A 1 181 ? 11.384  13.064  -0.114  1.00 29.52 ? 180 ALA A C   1 
ATOM   1408 O O   . ALA A 1 181 ? 12.386  13.577  0.418   1.00 39.24 ? 180 ALA A O   1 
ATOM   1409 C CB  . ALA A 1 181 ? 11.878  12.642  -2.533  1.00 28.58 ? 180 ALA A CB  1 
HETATM 1410 N N1  . 5GH B 2 .   ? -13.452 -5.466  -3.296  1.00 44.09 ? 201 5GH A N1  1 
HETATM 1411 N N   . 5GH B 2 .   ? -12.756 -1.893  0.132   1.00 47.98 ? 201 5GH A N   1 
HETATM 1412 C C10 . 5GH B 2 .   ? -11.870 -3.015  0.427   1.00 41.35 ? 201 5GH A C10 1 
HETATM 1413 C C11 . 5GH B 2 .   ? -11.478 -3.781  -0.866  1.00 41.82 ? 201 5GH A C11 1 
HETATM 1414 C C12 . 5GH B 2 .   ? -12.541 -3.815  -1.967  1.00 44.05 ? 201 5GH A C12 1 
HETATM 1415 C C13 . 5GH B 2 .   ? -12.288 -4.913  -2.975  1.00 44.94 ? 201 5GH A C13 1 
HETATM 1416 O O1  . 5GH B 2 .   ? -11.189 -5.241  -3.430  1.00 43.02 ? 201 5GH A O1  1 
HETATM 1417 C C25 . 5GH B 2 .   ? -14.596 -4.902  -2.619  1.00 44.34 ? 201 5GH A C25 1 
HETATM 1418 C C26 . 5GH B 2 .   ? -13.984 -4.069  -1.497  1.00 45.10 ? 201 5GH A C26 1 
HETATM 1419 C C14 . 5GH B 2 .   ? -10.634 -2.460  1.200   1.00 37.16 ? 201 5GH A C14 1 
HETATM 1420 C C15 . 5GH B 2 .   ? -11.026 -1.508  2.343   1.00 37.03 ? 201 5GH A C15 1 
HETATM 1421 O O   . HOH C 3 .   ? -5.294  -4.849  14.623  1.00 23.96 ? 301 HOH A O   1 
HETATM 1422 O O   . HOH C 3 .   ? -2.325  12.586  -13.301 1.00 32.26 ? 302 HOH A O   1 
HETATM 1423 O O   . HOH C 3 .   ? 15.374  -11.458 -1.048  1.00 33.61 ? 303 HOH A O   1 
HETATM 1424 O O   . HOH C 3 .   ? -13.727 6.777   10.538  1.00 37.07 ? 304 HOH A O   1 
HETATM 1425 O O   . HOH C 3 .   ? 11.727  -13.257 8.082   1.00 28.42 ? 305 HOH A O   1 
HETATM 1426 O O   . HOH C 3 .   ? 11.857  -1.862  9.663   1.00 23.72 ? 306 HOH A O   1 
HETATM 1427 O O   . HOH C 3 .   ? -4.112  -9.641  -13.399 1.00 29.70 ? 307 HOH A O   1 
HETATM 1428 O O   . HOH C 3 .   ? 14.805  4.444   7.226   1.00 23.84 ? 308 HOH A O   1 
HETATM 1429 O O   . HOH C 3 .   ? 14.239  -3.381  -6.972  1.00 18.77 ? 309 HOH A O   1 
HETATM 1430 O O   . HOH C 3 .   ? 5.257   -4.176  15.280  1.00 33.11 ? 310 HOH A O   1 
HETATM 1431 O O   . HOH C 3 .   ? 16.546  6.865   4.838   1.00 38.01 ? 311 HOH A O   1 
HETATM 1432 O O   . HOH C 3 .   ? 3.229   7.498   19.467  1.00 11.93 ? 312 HOH A O   1 
HETATM 1433 O O   . HOH C 3 .   ? -8.605  4.743   -17.486 1.00 40.92 ? 313 HOH A O   1 
HETATM 1434 O O   . HOH C 3 .   ? 16.379  7.401   -6.984  1.00 37.47 ? 314 HOH A O   1 
HETATM 1435 O O   . HOH C 3 .   ? 4.970   1.716   -9.400  1.00 23.51 ? 315 HOH A O   1 
HETATM 1436 O O   . HOH C 3 .   ? -5.384  -5.083  3.845   1.00 13.50 ? 316 HOH A O   1 
HETATM 1437 O O   . HOH C 3 .   ? -7.140  5.557   17.087  1.00 36.81 ? 317 HOH A O   1 
HETATM 1438 O O   . HOH C 3 .   ? -9.811  13.595  -7.065  1.00 26.84 ? 318 HOH A O   1 
HETATM 1439 O O   . HOH C 3 .   ? -0.092  7.133   -7.806  1.00 26.02 ? 319 HOH A O   1 
HETATM 1440 O O   . HOH C 3 .   ? 13.141  -12.952 4.286   1.00 32.15 ? 320 HOH A O   1 
HETATM 1441 O O   . HOH C 3 .   ? -1.131  -4.999  22.700  1.00 34.98 ? 321 HOH A O   1 
HETATM 1442 O O   . HOH C 3 .   ? -6.558  6.275   12.715  1.00 28.74 ? 322 HOH A O   1 
HETATM 1443 O O   . HOH C 3 .   ? -14.406 5.136   -13.179 1.00 43.42 ? 323 HOH A O   1 
HETATM 1444 O O   . HOH C 3 .   ? -13.709 -11.316 -4.390  1.00 30.89 ? 324 HOH A O   1 
HETATM 1445 O O   . HOH C 3 .   ? -2.689  6.246   -7.432  1.00 15.28 ? 325 HOH A O   1 
HETATM 1446 O O   . HOH C 3 .   ? 2.974   4.489   20.830  1.00 35.52 ? 326 HOH A O   1 
HETATM 1447 O O   . HOH C 3 .   ? 8.924   10.156  17.121  1.00 25.45 ? 327 HOH A O   1 
HETATM 1448 O O   . HOH C 3 .   ? 9.052   4.110   11.608  1.00 21.54 ? 328 HOH A O   1 
HETATM 1449 O O   . HOH C 3 .   ? 17.268  6.754   -12.577 1.00 30.43 ? 329 HOH A O   1 
HETATM 1450 O O   . HOH C 3 .   ? 4.403   -14.682 8.875   1.00 32.11 ? 330 HOH A O   1 
HETATM 1451 O O   . HOH C 3 .   ? -0.587  0.302   2.690   1.00 18.83 ? 331 HOH A O   1 
HETATM 1452 O O   . HOH C 3 .   ? 3.585   12.564  6.458   1.00 21.11 ? 332 HOH A O   1 
HETATM 1453 O O   . HOH C 3 .   ? -1.592  3.598   -14.819 1.00 50.95 ? 333 HOH A O   1 
HETATM 1454 O O   . HOH C 3 .   ? 1.427   14.654  -4.963  1.00 25.93 ? 334 HOH A O   1 
HETATM 1455 O O   . HOH C 3 .   ? 1.683   -11.119 10.208  1.00 36.78 ? 335 HOH A O   1 
HETATM 1456 O O   . HOH C 3 .   ? -5.341  10.368  -1.565  1.00 25.99 ? 336 HOH A O   1 
HETATM 1457 O O   . HOH C 3 .   ? -15.216 -13.120 -10.093 1.00 38.93 ? 337 HOH A O   1 
HETATM 1458 O O   . HOH C 3 .   ? -4.013  -14.897 6.354   0.50 18.09 ? 338 HOH A O   1 
HETATM 1459 O O   . HOH C 3 .   ? -8.642  -7.396  6.470   1.00 28.20 ? 339 HOH A O   1 
HETATM 1460 O O   . HOH C 3 .   ? -8.237  -6.184  17.651  1.00 29.62 ? 340 HOH A O   1 
HETATM 1461 O O   . HOH C 3 .   ? 4.825   -6.377  10.399  1.00 24.40 ? 341 HOH A O   1 
HETATM 1462 O O   . HOH C 3 .   ? 1.699   -6.222  -17.214 1.00 32.79 ? 342 HOH A O   1 
HETATM 1463 O O   . HOH C 3 .   ? 17.770  -0.578  2.658   1.00 31.11 ? 343 HOH A O   1 
HETATM 1464 O O   . HOH C 3 .   ? 7.793   -3.861  -12.237 1.00 26.08 ? 344 HOH A O   1 
HETATM 1465 O O   . HOH C 3 .   ? -3.473  -9.800  14.423  1.00 27.45 ? 345 HOH A O   1 
HETATM 1466 O O   . HOH C 3 .   ? 3.647   -0.883  16.702  1.00 35.09 ? 346 HOH A O   1 
HETATM 1467 O O   . HOH C 3 .   ? 2.314   14.379  -9.002  1.00 42.88 ? 347 HOH A O   1 
HETATM 1468 O O   . HOH C 3 .   ? -4.184  -6.050  17.724  1.00 33.14 ? 348 HOH A O   1 
HETATM 1469 O O   . HOH C 3 .   ? 14.309  -0.900  -7.836  1.00 15.83 ? 349 HOH A O   1 
HETATM 1470 O O   . HOH C 3 .   ? 16.316  2.765   -0.289  1.00 20.09 ? 350 HOH A O   1 
HETATM 1471 O O   . HOH C 3 .   ? 8.232   3.718   20.192  1.00 30.60 ? 351 HOH A O   1 
HETATM 1472 O O   . HOH C 3 .   ? -3.462  8.489   -14.469 1.00 27.77 ? 352 HOH A O   1 
HETATM 1473 O O   . HOH C 3 .   ? -13.427 7.810   1.262   1.00 38.87 ? 353 HOH A O   1 
HETATM 1474 O O   . HOH C 3 .   ? 0.034   -1.961  -19.012 1.00 29.84 ? 354 HOH A O   1 
HETATM 1475 O O   . HOH C 3 .   ? -0.552  18.129  6.423   1.00 36.59 ? 355 HOH A O   1 
HETATM 1476 O O   . HOH C 3 .   ? -3.787  12.956  11.543  1.00 49.28 ? 356 HOH A O   1 
HETATM 1477 O O   . HOH C 3 .   ? 5.246   -5.369  -16.891 1.00 38.94 ? 357 HOH A O   1 
HETATM 1478 O O   . HOH C 3 .   ? -5.261  -5.163  11.413  1.00 15.34 ? 358 HOH A O   1 
HETATM 1479 O O   . HOH C 3 .   ? -7.914  -13.124 -1.976  1.00 17.91 ? 359 HOH A O   1 
HETATM 1480 O O   . HOH C 3 .   ? 6.525   -0.862  22.877  1.00 40.89 ? 360 HOH A O   1 
HETATM 1481 O O   . HOH C 3 .   ? -8.677  10.702  15.578  1.00 24.78 ? 361 HOH A O   1 
HETATM 1482 O O   . HOH C 3 .   ? -4.216  15.963  3.121   1.00 29.60 ? 362 HOH A O   1 
HETATM 1483 O O   . HOH C 3 .   ? 5.181   15.229  5.469   1.00 42.28 ? 363 HOH A O   1 
HETATM 1484 O O   . HOH C 3 .   ? 13.785  15.825  1.678   1.00 57.88 ? 364 HOH A O   1 
HETATM 1485 O O   . HOH C 3 .   ? -4.235  18.602  12.645  1.00 34.10 ? 365 HOH A O   1 
HETATM 1486 O O   . HOH C 3 .   ? -8.794  -3.561  4.061   1.00 24.38 ? 366 HOH A O   1 
HETATM 1487 O O   . HOH C 3 .   ? -6.557  -14.103 11.406  1.00 25.67 ? 367 HOH A O   1 
HETATM 1488 O O   . HOH C 3 .   ? 5.740   -11.936 -7.084  1.00 33.24 ? 368 HOH A O   1 
HETATM 1489 O O   . HOH C 3 .   ? 13.771  10.253  -11.800 1.00 48.87 ? 369 HOH A O   1 
HETATM 1490 O O   . HOH C 3 .   ? 12.792  3.136   -11.474 1.00 21.17 ? 370 HOH A O   1 
HETATM 1491 O O   . HOH C 3 .   ? 11.921  9.671   -13.610 0.50 30.80 ? 371 HOH A O   1 
HETATM 1492 O O   . HOH C 3 .   ? -10.910 -3.589  17.609  1.00 33.67 ? 372 HOH A O   1 
HETATM 1493 O O   . HOH C 3 .   ? 11.423  16.412  0.254   1.00 47.45 ? 373 HOH A O   1 
HETATM 1494 O O   . HOH C 3 .   ? 8.086   -12.860 7.659   1.00 13.79 ? 374 HOH A O   1 
HETATM 1495 O O   . HOH C 3 .   ? -1.194  -13.272 -14.924 1.00 34.19 ? 375 HOH A O   1 
HETATM 1496 O O   . HOH C 3 .   ? 16.831  2.469   -6.785  1.00 35.48 ? 376 HOH A O   1 
HETATM 1497 O O   . HOH C 3 .   ? -3.854  -12.315 13.612  1.00 39.42 ? 377 HOH A O   1 
HETATM 1498 O O   . HOH C 3 .   ? -2.075  -6.885  20.716  1.00 41.65 ? 378 HOH A O   1 
HETATM 1499 O O   . HOH C 3 .   ? -1.613  16.819  9.216   1.00 37.14 ? 379 HOH A O   1 
HETATM 1500 O O   . HOH C 3 .   ? 10.007  10.634  8.897   1.00 22.26 ? 380 HOH A O   1 
HETATM 1501 O O   . HOH C 3 .   ? -12.322 0.877   -1.614  1.00 48.40 ? 381 HOH A O   1 
HETATM 1502 O O   . HOH C 3 .   ? 5.264   0.796   -16.746 1.00 39.75 ? 382 HOH A O   1 
HETATM 1503 O O   . HOH C 3 .   ? -0.211  15.971  -2.647  1.00 30.19 ? 383 HOH A O   1 
HETATM 1504 O O   . HOH C 3 .   ? -7.299  7.082   -17.834 1.00 34.84 ? 384 HOH A O   1 
HETATM 1505 O O   . HOH C 3 .   ? -13.305 4.353   -0.845  1.00 36.33 ? 385 HOH A O   1 
HETATM 1506 O O   . HOH C 3 .   ? 8.498   -10.860 -3.736  1.00 31.38 ? 386 HOH A O   1 
HETATM 1507 O O   . HOH C 3 .   ? 15.275  3.086   17.678  1.00 31.23 ? 387 HOH A O   1 
HETATM 1508 O O   . HOH C 3 .   ? 16.650  9.581   14.680  1.00 35.67 ? 388 HOH A O   1 
HETATM 1509 O O   . HOH C 3 .   ? -9.909  -13.891 10.544  0.50 33.00 ? 389 HOH A O   1 
HETATM 1510 O O   . HOH C 3 .   ? -2.082  14.498  12.593  1.00 39.62 ? 390 HOH A O   1 
HETATM 1511 O O   . HOH C 3 .   ? 4.202   -18.119 -12.178 1.00 42.76 ? 391 HOH A O   1 
HETATM 1512 O O   . HOH C 3 .   ? 17.475  1.648   6.429   1.00 24.02 ? 392 HOH A O   1 
HETATM 1513 O O   . HOH C 3 .   ? -8.025  14.425  11.855  1.00 41.87 ? 393 HOH A O   1 
HETATM 1514 O O   . HOH C 3 .   ? 11.235  -17.318 -5.108  0.50 2.02  ? 394 HOH A O   1 
HETATM 1515 O O   . HOH C 3 .   ? 13.790  8.809   -0.121  1.00 41.40 ? 395 HOH A O   1 
HETATM 1516 O O   . HOH C 3 .   ? 4.675   8.228   -13.373 1.00 15.61 ? 396 HOH A O   1 
HETATM 1517 O O   . HOH C 3 .   ? 8.302   -12.130 -7.587  1.00 11.17 ? 397 HOH A O   1 
HETATM 1518 O O   . HOH C 3 .   ? -14.132 0.304   -17.272 1.00 41.23 ? 398 HOH A O   1 
HETATM 1519 O O   . HOH C 3 .   ? -15.742 -8.450  -1.228  1.00 28.55 ? 399 HOH A O   1 
HETATM 1520 O O   . HOH C 3 .   ? 6.314   -15.065 -13.618 1.00 37.97 ? 400 HOH A O   1 
HETATM 1521 O O   . HOH C 3 .   ? 14.252  -8.062  11.226  1.00 40.07 ? 401 HOH A O   1 
HETATM 1522 O O   . HOH C 3 .   ? 2.633   0.434   -19.972 1.00 34.85 ? 402 HOH A O   1 
HETATM 1523 O O   . HOH C 3 .   ? 15.133  -8.229  1.381   1.00 22.21 ? 403 HOH A O   1 
HETATM 1524 O O   . HOH C 3 .   ? 10.163  -10.815 -5.439  1.00 33.20 ? 404 HOH A O   1 
HETATM 1525 O O   . HOH C 3 .   ? -5.873  12.112  6.694   1.00 31.92 ? 405 HOH A O   1 
HETATM 1526 O O   . HOH C 3 .   ? -3.966  -4.500  13.619  1.00 22.71 ? 406 HOH A O   1 
HETATM 1527 O O   . HOH C 3 .   ? 17.326  -3.768  2.712   1.00 32.63 ? 407 HOH A O   1 
HETATM 1528 O O   . HOH C 3 .   ? 0.799   -12.899 12.293  1.00 39.01 ? 408 HOH A O   1 
HETATM 1529 O O   . HOH C 3 .   ? 12.717  -11.035 -5.691  1.00 33.20 ? 409 HOH A O   1 
HETATM 1530 O O   . HOH C 3 .   ? 4.658   -2.216  14.551  1.00 32.24 ? 410 HOH A O   1 
HETATM 1531 O O   . HOH C 3 .   ? 4.937   1.548   15.801  1.00 27.89 ? 411 HOH A O   1 
HETATM 1532 O O   . HOH C 3 .   ? -4.309  17.149  7.979   1.00 36.75 ? 412 HOH A O   1 
HETATM 1533 O O   . HOH C 3 .   ? -0.255  20.217  8.351   1.00 31.28 ? 413 HOH A O   1 
HETATM 1534 O O   . HOH C 3 .   ? -13.542 -15.569 3.939   1.00 36.36 ? 414 HOH A O   1 
HETATM 1535 O O   . HOH C 3 .   ? 3.892   -3.668  18.927  1.00 29.19 ? 415 HOH A O   1 
HETATM 1536 O O   . HOH C 3 .   ? 8.299   12.989  -12.214 1.00 48.68 ? 416 HOH A O   1 
HETATM 1537 O O   . HOH C 3 .   ? -7.327  -11.718 17.038  1.00 33.00 ? 417 HOH A O   1 
HETATM 1538 O O   . HOH C 3 .   ? 17.238  2.287   9.115   1.00 37.39 ? 418 HOH A O   1 
HETATM 1539 O O   . HOH C 3 .   ? -3.394  -10.816 17.467  1.00 23.88 ? 419 HOH A O   1 
HETATM 1540 O O   . HOH C 3 .   ? 0.258   5.106   -18.751 1.00 30.99 ? 420 HOH A O   1 
HETATM 1541 O O   . HOH C 3 .   ? 1.494   -4.455  -19.450 1.00 33.79 ? 421 HOH A O   1 
HETATM 1542 O O   . HOH C 3 .   ? -12.966 -2.874  16.345  1.00 36.10 ? 422 HOH A O   1 
HETATM 1543 O O   . HOH C 3 .   ? 12.660  9.674   -8.468  1.00 27.92 ? 423 HOH A O   1 
HETATM 1544 O O   . HOH C 3 .   ? -6.199  -6.894  20.741  1.00 35.22 ? 424 HOH A O   1 
HETATM 1545 O O   . HOH C 3 .   ? -7.268  16.103  -1.211  1.00 38.93 ? 425 HOH A O   1 
HETATM 1546 O O   . HOH C 3 .   ? -1.448  6.244   -15.153 1.00 33.32 ? 426 HOH A O   1 
HETATM 1547 O O   . HOH C 3 .   ? 11.891  1.965   -13.346 1.00 43.93 ? 427 HOH A O   1 
HETATM 1548 O O   . HOH C 3 .   ? -1.162  -11.215 19.208  1.00 48.32 ? 428 HOH A O   1 
HETATM 1549 O O   . HOH C 3 .   ? 1.581   -16.303 -9.642  1.00 36.12 ? 429 HOH A O   1 
HETATM 1550 O O   . HOH C 3 .   ? -11.098 -6.992  7.563   1.00 25.56 ? 430 HOH A O   1 
HETATM 1551 O O   . HOH C 3 .   ? 1.180   8.096   -14.777 1.00 32.67 ? 431 HOH A O   1 
# 
